data_7VSH
#
_entry.id   7VSH
#
_cell.length_a   1.00
_cell.length_b   1.00
_cell.length_c   1.00
_cell.angle_alpha   90.00
_cell.angle_beta   90.00
_cell.angle_gamma   90.00
#
_symmetry.space_group_name_H-M   'P 1'
#
loop_
_entity.id
_entity.type
_entity.pdbx_description
1 polymer 'Phospholipid-transporting ATPase IG'
2 polymer 'Cell cycle control protein 50A'
3 branched alpha-D-mannopyranose-(1-3)-2-acetamido-2-deoxy-beta-D-glucopyranose-(1-3)-2-acetamido-2-deoxy-beta-D-glucopyranose
4 non-polymer 'MAGNESIUM ION'
5 non-polymer 'TETRAFLUOROALUMINATE ION'
6 non-polymer O-[(S)-({(2R)-2,3-bis[(9Z)-octadec-9-enoyloxy]propyl}oxy)(hydroxy)phosphoryl]-L-serine
7 non-polymer 2-acetamido-2-deoxy-beta-D-glucopyranose
#
loop_
_entity_poly.entity_id
_entity_poly.type
_entity_poly.pdbx_seq_one_letter_code
_entity_poly.pdbx_strand_id
1 'polypeptide(L)'
;RFCAGEEKRVGTRTVFVGNHPVSETEAYIAQRFCDNRIVSSKYTLWNFLPKNLFEQFRRIANFYFLIIFLVQVTVDTPTS
PVTSGLPLFFVITVTAIKQGYEDWLRHRADNEVNKSTVYIIENAKRVRKESEKIKVGDVVEVQADETFPCDLILLSSCTT
DGTCYVTTASLDGESNCKTHYAVRDTIALCTAESIDTLRAAIECEQPQPDLYKFVGRINIYSNSLEAVARSLGPENLLLK
GATLKNTEKIYGVAVYTGMETKMALNYQGKSQKRSAVEKSINAFLIVYLFILLTKAAVCTTLKYVWQSTPYNDEPWYNQK
TQKERETLKVLKMFTDFLSFMVLFNFIIPVSMYVTVEMQKFLGSFFISWDKDFYDEEINEGALVNTSDLNEELGQVDYVF
TDKTGTLTENSMEFIECCIDGHKYKGVTQEVDGLSQTDGTLTYFDKVDKNREELFLRALCLCHTVEIKTNDAVDGATESA
ELTYISSSPDEIALVKGAKRYGFTFLGNRNGYMRVENQRKEIEEYELLHTLNFDAVRRRMSVIVKTQEGDILLFCKGADS
AVFPRVQNHEIELTKVHVERNAMDGYRTLCVAFKEIAPDDYERINRQLIEAKMALQDREEKMEKVFDDIETNMNLIGATA
VEDKLQDQAAETIEALHAAGLKVWVLTGDKMETAKSTCYACRLFQTNTELLELTTKTIEESERKEDRLHELLIEYRKKLL
HEFPKSTRSFKKAWTEHQEYGLIIDGSTLSLILNSSQDSSSNNYKSIFLQICMKCTAVLCCRMAPLQKAQIVRMVKNLKG
SPITLSIGDGANDVSMILESHVGIGIKGKEGRQAARNSDYSVPKFKHLKKLLLAHGHLYYVRIAHLVQYFFYKNLCFILP
QFLYQFFCGFSQQPLYDAAYLTMYNICFTSLPILAYSLLEQHINIDTLTSDPRLYMKISGNAMLQLGPFLYWTFLAAFEG
TVFFFGTYFLFQTASLEENGKVYGNWTFGTIVFTVLVFTVTLKLALDTRFWTWINHFVIWGSLAFYVFFSFFWGGIIWPF
LKQQRMYFVFAQMLSSVSTWLAIILLIFISLFPEILLIVLKNVR
;
A
2 'polypeptide(L)'
;MAMNYNAKDEVDGGPPCAPGGTAKTRRPDNTAFKQQRLPAWQPILTAGTVLPIFFIIGLIFIPIGIGIFVTSNNIREIEI
DYTGTEPSSPCNKCLSPDVTPCFCTINFTLEKSFEGNVFMYYGLSNFYQNHRRYVKSRDDSQLNGDSSALLNPSKECEPY
RRNEDKPIAPCGAIANSMFNDTLELFLIGNDSYPIPIALKKKGIAWWTDKNVKFRNPPGGDNLEERFKGTTKPVNWLKPV
YMLDSDPDNNGFINEDFIVWMRTAALPTFRKLYRLIERKSDLHPTLPAGRYSLNVTYNYPVHYFDGRKRMILSTISWMGG
KNPFLGIAYIAVGSISFLLGVVLLVINHKYRNSSNTADITI
;
C
#
loop_
_chem_comp.id
_chem_comp.type
_chem_comp.name
_chem_comp.formula
17F non-polymer O-[(S)-({(2R)-2,3-bis[(9Z)-octadec-9-enoyloxy]propyl}oxy)(hydroxy)phosphoryl]-L-serine 'C42 H78 N O10 P'
ALF non-polymer 'TETRAFLUOROALUMINATE ION' 'Al F4 -1'
MAN D-saccharide, alpha linking alpha-D-mannopyranose 'C6 H12 O6'
MG non-polymer 'MAGNESIUM ION' 'Mg 2'
NAG D-saccharide, beta linking 2-acetamido-2-deoxy-beta-D-glucopyranose 'C8 H15 N O6'
#
# COMPACT_ATOMS: atom_id res chain seq x y z
N THR A 12 34.98 -19.74 -20.20
CA THR A 12 35.98 -20.62 -19.61
C THR A 12 37.12 -19.81 -19.02
N ARG A 13 37.32 -19.92 -17.71
CA ARG A 13 38.33 -19.15 -17.01
C ARG A 13 39.43 -20.08 -16.49
N THR A 14 40.67 -19.58 -16.48
CA THR A 14 41.80 -20.31 -15.95
C THR A 14 42.21 -19.68 -14.63
N VAL A 15 42.35 -20.51 -13.59
CA VAL A 15 42.66 -20.06 -12.24
C VAL A 15 43.88 -20.83 -11.76
N PHE A 16 44.88 -20.11 -11.26
CA PHE A 16 46.04 -20.72 -10.62
C PHE A 16 45.87 -20.64 -9.11
N VAL A 17 46.37 -21.65 -8.40
CA VAL A 17 46.16 -21.72 -6.95
C VAL A 17 46.88 -20.57 -6.24
N GLY A 18 48.12 -20.30 -6.63
CA GLY A 18 48.89 -19.29 -5.92
C GLY A 18 49.22 -18.07 -6.73
N ASN A 19 48.52 -17.88 -7.86
CA ASN A 19 48.77 -16.74 -8.76
C ASN A 19 50.23 -16.69 -9.19
N HIS A 20 50.82 -17.86 -9.39
CA HIS A 20 52.22 -18.01 -9.74
C HIS A 20 52.36 -18.92 -10.95
N PRO A 21 53.45 -18.79 -11.71
CA PRO A 21 53.62 -19.65 -12.90
C PRO A 21 53.62 -21.12 -12.54
N VAL A 22 52.97 -21.91 -13.40
CA VAL A 22 52.87 -23.35 -13.17
C VAL A 22 53.71 -24.11 -14.17
N GLN A 31 42.63 -12.34 -14.65
CA GLN A 31 42.90 -10.92 -14.47
C GLN A 31 41.65 -10.15 -14.07
N ARG A 32 40.66 -10.12 -14.96
CA ARG A 32 39.41 -9.42 -14.69
C ARG A 32 38.54 -10.37 -13.88
N PHE A 33 38.63 -10.24 -12.56
CA PHE A 33 37.78 -10.97 -11.63
C PHE A 33 37.24 -10.01 -10.58
N CYS A 34 35.96 -10.17 -10.28
CA CYS A 34 35.32 -9.31 -9.29
C CYS A 34 35.90 -9.55 -7.90
N ASP A 35 35.90 -8.51 -7.09
CA ASP A 35 36.36 -8.60 -5.72
C ASP A 35 35.31 -9.28 -4.85
N ASN A 36 35.77 -9.96 -3.80
CA ASN A 36 34.88 -10.67 -2.89
C ASN A 36 34.13 -9.70 -2.00
N ARG A 37 33.25 -8.87 -2.58
CA ARG A 37 32.53 -7.84 -1.84
C ARG A 37 31.12 -7.77 -2.43
N ILE A 38 30.16 -8.41 -1.77
CA ILE A 38 28.78 -8.38 -2.23
C ILE A 38 28.10 -7.13 -1.69
N VAL A 39 27.30 -6.48 -2.53
CA VAL A 39 26.52 -5.31 -2.13
C VAL A 39 25.10 -5.49 -2.64
N SER A 40 24.13 -5.57 -1.73
CA SER A 40 22.72 -5.60 -2.10
C SER A 40 22.04 -4.25 -1.94
N SER A 41 22.78 -3.21 -1.59
CA SER A 41 22.20 -1.88 -1.42
C SER A 41 21.88 -1.25 -2.77
N LYS A 42 20.80 -0.47 -2.82
CA LYS A 42 20.41 0.25 -4.01
C LYS A 42 21.23 1.54 -4.16
N TYR A 43 21.31 2.31 -3.07
CA TYR A 43 21.92 3.63 -3.08
C TYR A 43 23.21 3.58 -2.28
N THR A 44 24.27 4.20 -2.80
CA THR A 44 25.56 4.03 -2.14
C THR A 44 25.72 4.97 -0.94
N LEU A 45 26.05 6.23 -1.19
CA LEU A 45 25.86 7.28 -0.19
C LEU A 45 25.41 8.58 -0.85
N TRP A 46 25.99 8.87 -2.02
CA TRP A 46 25.84 10.20 -2.61
C TRP A 46 24.72 10.22 -3.64
N ASN A 47 24.55 9.16 -4.41
CA ASN A 47 23.42 9.07 -5.33
C ASN A 47 22.11 8.78 -4.62
N PHE A 48 22.09 8.83 -3.29
CA PHE A 48 20.86 8.64 -2.54
C PHE A 48 19.85 9.71 -2.90
N LEU A 49 20.16 10.97 -2.59
CA LEU A 49 19.23 12.06 -2.88
C LEU A 49 18.94 12.20 -4.37
N PRO A 50 19.93 12.22 -5.27
CA PRO A 50 19.59 12.36 -6.70
C PRO A 50 18.71 11.25 -7.24
N LYS A 51 18.87 10.02 -6.76
CA LYS A 51 18.12 8.91 -7.33
C LYS A 51 16.80 8.69 -6.61
N ASN A 52 16.82 8.75 -5.27
CA ASN A 52 15.59 8.54 -4.51
C ASN A 52 14.55 9.60 -4.84
N LEU A 53 14.97 10.86 -4.90
CA LEU A 53 14.05 11.93 -5.22
C LEU A 53 13.52 11.81 -6.64
N PHE A 54 14.39 11.42 -7.58
CA PHE A 54 13.95 11.26 -8.96
C PHE A 54 12.93 10.14 -9.09
N GLU A 55 13.13 9.05 -8.35
CA GLU A 55 12.16 7.95 -8.40
C GLU A 55 10.83 8.37 -7.79
N GLN A 56 10.87 9.16 -6.72
CA GLN A 56 9.63 9.59 -6.06
C GLN A 56 8.85 10.56 -6.93
N PHE A 57 9.55 11.44 -7.65
CA PHE A 57 8.88 12.43 -8.48
C PHE A 57 8.48 11.89 -9.85
N ARG A 58 8.64 10.59 -10.07
CA ARG A 58 8.11 9.96 -11.27
C ARG A 58 6.64 9.60 -11.14
N ARG A 59 6.06 9.75 -9.95
CA ARG A 59 4.65 9.46 -9.75
C ARG A 59 3.80 10.65 -10.17
N ILE A 60 2.52 10.38 -10.45
CA ILE A 60 1.64 11.42 -10.95
C ILE A 60 1.42 12.49 -9.88
N ALA A 61 1.08 12.07 -8.66
CA ALA A 61 0.74 13.05 -7.62
C ALA A 61 1.98 13.76 -7.09
N ASN A 62 3.08 13.02 -6.93
CA ASN A 62 4.31 13.63 -6.43
C ASN A 62 4.85 14.66 -7.41
N PHE A 63 4.73 14.38 -8.71
CA PHE A 63 5.16 15.35 -9.71
C PHE A 63 4.19 16.51 -9.84
N TYR A 64 2.89 16.25 -9.65
CA TYR A 64 1.90 17.30 -9.77
C TYR A 64 2.09 18.38 -8.71
N PHE A 65 2.43 17.97 -7.49
CA PHE A 65 2.68 18.95 -6.44
C PHE A 65 4.03 19.63 -6.62
N LEU A 66 4.91 19.06 -7.44
CA LEU A 66 6.12 19.77 -7.82
C LEU A 66 5.82 20.89 -8.81
N ILE A 67 4.92 20.63 -9.76
CA ILE A 67 4.51 21.68 -10.69
C ILE A 67 3.79 22.79 -9.95
N ILE A 68 2.91 22.44 -9.02
CA ILE A 68 2.15 23.43 -8.27
C ILE A 68 3.09 24.30 -7.44
N PHE A 69 4.08 23.68 -6.80
CA PHE A 69 5.02 24.45 -5.98
C PHE A 69 5.79 25.45 -6.82
N LEU A 70 6.23 25.04 -8.01
CA LEU A 70 6.94 25.96 -8.90
C LEU A 70 6.02 27.08 -9.36
N VAL A 71 4.76 26.76 -9.66
CA VAL A 71 3.80 27.78 -10.08
C VAL A 71 3.63 28.83 -8.98
N GLN A 72 3.49 28.38 -7.73
CA GLN A 72 3.33 29.31 -6.62
C GLN A 72 4.57 30.18 -6.45
N VAL A 73 5.75 29.68 -6.83
CA VAL A 73 6.97 30.45 -6.68
C VAL A 73 7.19 31.39 -7.86
N THR A 74 6.89 30.91 -9.07
CA THR A 74 7.19 31.71 -10.26
C THR A 74 6.20 32.85 -10.49
N VAL A 75 5.01 32.78 -9.91
CA VAL A 75 3.99 33.79 -10.13
C VAL A 75 3.25 34.04 -8.81
N ASP A 76 2.50 35.14 -8.76
CA ASP A 76 1.70 35.45 -7.59
C ASP A 76 0.47 34.55 -7.54
N THR A 77 0.28 33.87 -6.43
CA THR A 77 -0.75 32.87 -6.25
C THR A 77 -1.57 33.17 -5.00
N PRO A 78 -2.80 32.65 -4.91
CA PRO A 78 -3.65 32.98 -3.76
C PRO A 78 -3.04 32.63 -2.40
N THR A 79 -2.27 31.55 -2.32
CA THR A 79 -1.69 31.10 -1.06
C THR A 79 -0.16 31.17 -1.12
N SER A 80 0.44 31.38 0.03
CA SER A 80 1.89 31.43 0.12
C SER A 80 2.48 30.07 -0.25
N PRO A 81 3.70 30.04 -0.81
CA PRO A 81 4.29 28.75 -1.21
C PRO A 81 4.43 27.75 -0.07
N VAL A 82 4.29 28.19 1.19
CA VAL A 82 4.37 27.25 2.30
C VAL A 82 3.22 26.26 2.27
N THR A 83 2.05 26.68 1.80
CA THR A 83 0.89 25.79 1.79
C THR A 83 1.07 24.60 0.87
N SER A 84 1.99 24.68 -0.09
CA SER A 84 2.31 23.54 -0.95
C SER A 84 3.75 23.08 -0.84
N GLY A 85 4.61 23.85 -0.20
CA GLY A 85 6.00 23.46 -0.02
C GLY A 85 6.20 22.63 1.22
N LEU A 86 5.57 23.05 2.33
CA LEU A 86 5.68 22.27 3.57
C LEU A 86 5.05 20.90 3.45
N PRO A 87 3.80 20.73 2.95
CA PRO A 87 3.27 19.37 2.81
C PRO A 87 4.05 18.51 1.85
N LEU A 88 4.59 19.10 0.78
CA LEU A 88 5.38 18.32 -0.17
C LEU A 88 6.73 17.95 0.43
N PHE A 89 7.34 18.85 1.19
CA PHE A 89 8.64 18.55 1.80
C PHE A 89 8.51 17.47 2.86
N PHE A 90 7.38 17.43 3.57
CA PHE A 90 7.21 16.45 4.64
C PHE A 90 7.04 15.05 4.07
N VAL A 91 6.16 14.89 3.08
CA VAL A 91 5.87 13.56 2.56
C VAL A 91 7.09 13.00 1.82
N ILE A 92 7.83 13.87 1.14
CA ILE A 92 9.04 13.43 0.44
C ILE A 92 10.09 12.97 1.44
N THR A 93 10.21 13.68 2.57
CA THR A 93 11.20 13.31 3.58
C THR A 93 10.85 12.00 4.26
N VAL A 94 9.60 11.84 4.68
CA VAL A 94 9.22 10.60 5.37
C VAL A 94 9.33 9.41 4.43
N THR A 95 8.92 9.58 3.18
CA THR A 95 9.05 8.49 2.21
C THR A 95 10.51 8.13 1.98
N ALA A 96 11.38 9.15 1.86
CA ALA A 96 12.80 8.89 1.68
C ALA A 96 13.41 8.25 2.91
N ILE A 97 12.97 8.65 4.10
CA ILE A 97 13.48 8.05 5.33
C ILE A 97 13.13 6.57 5.40
N LYS A 98 11.88 6.23 5.07
CA LYS A 98 11.46 4.82 5.09
C LYS A 98 12.27 4.00 4.10
N GLN A 99 12.43 4.49 2.87
CA GLN A 99 13.22 3.77 1.87
C GLN A 99 14.70 3.82 2.21
N GLY A 100 15.17 4.92 2.79
CA GLY A 100 16.56 5.00 3.21
C GLY A 100 16.85 4.11 4.40
N TYR A 101 15.84 3.82 5.21
CA TYR A 101 16.03 2.91 6.34
C TYR A 101 16.25 1.48 5.86
N GLU A 102 15.39 0.99 4.97
CA GLU A 102 15.52 -0.38 4.49
C GLU A 102 16.82 -0.57 3.72
N ASP A 103 17.18 0.39 2.88
CA ASP A 103 18.42 0.29 2.13
C ASP A 103 19.62 0.22 3.06
N TRP A 104 19.54 0.90 4.21
CA TRP A 104 20.62 0.83 5.18
C TRP A 104 20.67 -0.54 5.84
N LEU A 105 19.51 -1.14 6.13
CA LEU A 105 19.49 -2.47 6.72
C LEU A 105 20.08 -3.50 5.77
N ARG A 106 19.76 -3.40 4.48
CA ARG A 106 20.36 -4.29 3.49
C ARG A 106 21.86 -4.11 3.42
N HIS A 107 22.32 -2.86 3.45
CA HIS A 107 23.75 -2.60 3.43
C HIS A 107 24.44 -3.17 4.65
N ARG A 108 23.82 -3.02 5.84
CA ARG A 108 24.42 -3.53 7.06
C ARG A 108 24.54 -5.05 7.03
N ALA A 109 23.51 -5.73 6.53
CA ALA A 109 23.55 -7.20 6.45
C ALA A 109 24.69 -7.65 5.54
N ASP A 110 24.96 -6.90 4.48
CA ASP A 110 26.12 -7.19 3.64
C ASP A 110 27.41 -6.83 4.35
N ASN A 111 27.37 -5.81 5.23
CA ASN A 111 28.57 -5.41 5.95
C ASN A 111 29.05 -6.51 6.89
N GLU A 112 28.11 -7.21 7.53
CA GLU A 112 28.50 -8.29 8.43
C GLU A 112 29.19 -9.43 7.69
N VAL A 113 28.67 -9.78 6.50
CA VAL A 113 29.29 -10.84 5.71
C VAL A 113 30.67 -10.41 5.22
N ASN A 114 30.77 -9.19 4.71
CA ASN A 114 32.02 -8.71 4.11
C ASN A 114 33.09 -8.37 5.14
N LYS A 115 32.70 -7.89 6.32
CA LYS A 115 33.67 -7.53 7.36
C LYS A 115 33.85 -8.68 8.34
N SER A 116 34.21 -9.84 7.79
CA SER A 116 34.45 -11.04 8.56
C SER A 116 35.88 -11.51 8.33
N THR A 117 36.59 -11.82 9.41
CA THR A 117 37.98 -12.23 9.31
C THR A 117 38.09 -13.63 8.71
N VAL A 118 38.94 -13.77 7.70
CA VAL A 118 39.18 -15.05 7.06
C VAL A 118 40.69 -15.25 6.96
N TYR A 119 41.11 -16.51 7.04
CA TYR A 119 42.52 -16.87 7.10
C TYR A 119 42.98 -17.32 5.73
N ILE A 120 44.03 -16.68 5.23
CA ILE A 120 44.54 -16.91 3.88
C ILE A 120 46.02 -17.27 3.97
N ILE A 121 46.44 -18.26 3.19
CA ILE A 121 47.84 -18.60 3.07
C ILE A 121 48.44 -17.81 1.91
N GLU A 122 48.84 -16.57 2.18
CA GLU A 122 49.36 -15.69 1.13
C GLU A 122 50.63 -16.27 0.52
N ASN A 123 51.69 -16.38 1.31
CA ASN A 123 52.93 -16.99 0.83
C ASN A 123 53.68 -17.53 2.05
N ALA A 124 53.52 -18.84 2.27
CA ALA A 124 54.20 -19.54 3.37
C ALA A 124 53.87 -18.93 4.73
N LYS A 125 52.74 -18.23 4.83
CA LYS A 125 52.33 -17.60 6.08
C LYS A 125 50.82 -17.64 6.20
N ARG A 126 50.34 -17.87 7.42
CA ARG A 126 48.91 -17.90 7.72
C ARG A 126 48.48 -16.49 8.14
N VAL A 127 48.48 -15.59 7.17
CA VAL A 127 48.16 -14.19 7.44
C VAL A 127 46.64 -14.01 7.42
N ARG A 128 46.16 -13.02 8.18
CA ARG A 128 44.74 -12.78 8.34
C ARG A 128 44.34 -11.57 7.50
N LYS A 129 43.31 -11.73 6.68
CA LYS A 129 42.77 -10.67 5.84
C LYS A 129 41.26 -10.70 5.92
N GLU A 130 40.65 -9.55 5.65
CA GLU A 130 39.19 -9.47 5.66
C GLU A 130 38.60 -10.20 4.46
N SER A 131 37.33 -10.60 4.61
CA SER A 131 36.68 -11.37 3.55
C SER A 131 36.52 -10.55 2.28
N GLU A 132 36.67 -9.23 2.36
CA GLU A 132 36.58 -8.39 1.17
C GLU A 132 37.83 -8.56 0.30
N LYS A 133 38.98 -8.81 0.93
CA LYS A 133 40.25 -8.80 0.22
C LYS A 133 40.50 -10.05 -0.59
N ILE A 134 39.70 -11.10 -0.43
CA ILE A 134 39.94 -12.36 -1.13
C ILE A 134 39.77 -12.15 -2.63
N LYS A 135 40.78 -12.57 -3.39
CA LYS A 135 40.75 -12.55 -4.85
C LYS A 135 40.53 -13.97 -5.36
N VAL A 136 40.58 -14.14 -6.67
CA VAL A 136 40.36 -15.43 -7.32
C VAL A 136 41.70 -16.12 -7.47
N GLY A 137 41.81 -17.33 -6.95
CA GLY A 137 43.05 -18.08 -7.05
C GLY A 137 43.97 -17.86 -5.86
N ASP A 138 43.44 -18.07 -4.67
CA ASP A 138 44.23 -17.93 -3.45
C ASP A 138 43.73 -18.94 -2.42
N VAL A 139 44.68 -19.47 -1.65
CA VAL A 139 44.38 -20.55 -0.71
C VAL A 139 43.66 -19.97 0.50
N VAL A 140 42.48 -20.48 0.81
CA VAL A 140 41.67 -20.01 1.92
C VAL A 140 41.54 -21.15 2.92
N GLU A 141 41.91 -20.88 4.18
CA GLU A 141 41.77 -21.86 5.25
C GLU A 141 40.49 -21.54 6.03
N VAL A 142 39.59 -22.51 6.09
CA VAL A 142 38.29 -22.34 6.74
C VAL A 142 38.25 -23.27 7.94
N GLN A 143 38.02 -22.70 9.12
CA GLN A 143 37.88 -23.48 10.34
C GLN A 143 36.43 -23.95 10.49
N ALA A 144 36.22 -24.85 11.44
CA ALA A 144 34.90 -25.43 11.64
C ALA A 144 33.90 -24.37 12.08
N ASP A 145 32.63 -24.65 11.78
CA ASP A 145 31.50 -23.84 12.25
C ASP A 145 31.58 -22.41 11.75
N GLU A 146 32.13 -22.23 10.55
CA GLU A 146 32.23 -20.92 9.93
C GLU A 146 31.82 -21.04 8.47
N THR A 147 31.08 -20.05 7.98
CA THR A 147 30.66 -20.05 6.59
C THR A 147 31.84 -19.74 5.67
N PHE A 148 31.87 -20.39 4.52
CA PHE A 148 32.94 -20.14 3.56
C PHE A 148 32.83 -18.73 3.00
N PRO A 149 33.94 -18.01 2.84
CA PRO A 149 33.89 -16.64 2.30
C PRO A 149 33.59 -16.57 0.81
N CYS A 150 33.74 -17.66 0.07
CA CYS A 150 33.54 -17.65 -1.38
C CYS A 150 33.42 -19.08 -1.86
N ASP A 151 33.35 -19.23 -3.18
CA ASP A 151 33.18 -20.56 -3.81
C ASP A 151 34.54 -21.25 -3.87
N LEU A 152 34.78 -22.13 -2.91
CA LEU A 152 36.05 -22.84 -2.82
C LEU A 152 35.92 -24.24 -3.40
N ILE A 153 37.02 -24.73 -3.96
CA ILE A 153 37.14 -26.12 -4.38
C ILE A 153 37.91 -26.86 -3.30
N LEU A 154 37.29 -27.88 -2.73
CA LEU A 154 37.92 -28.69 -1.69
C LEU A 154 39.24 -29.25 -2.17
N LEU A 155 40.34 -28.79 -1.58
CA LEU A 155 41.67 -29.20 -2.01
C LEU A 155 42.32 -30.17 -1.03
N SER A 156 42.11 -29.96 0.26
CA SER A 156 42.64 -30.84 1.28
C SER A 156 41.83 -30.66 2.56
N SER A 157 41.63 -31.76 3.28
CA SER A 157 40.95 -31.75 4.56
C SER A 157 41.83 -32.38 5.62
N CYS A 158 41.53 -32.09 6.89
CA CYS A 158 42.35 -32.62 7.97
C CYS A 158 42.23 -34.13 8.07
N THR A 159 41.02 -34.66 8.09
CA THR A 159 40.82 -36.08 8.27
C THR A 159 41.07 -36.84 6.97
N THR A 160 41.12 -38.17 7.08
CA THR A 160 41.35 -39.01 5.92
C THR A 160 40.13 -38.97 4.99
N ASP A 161 40.34 -39.48 3.78
CA ASP A 161 39.33 -39.56 2.73
C ASP A 161 38.96 -38.18 2.19
N GLY A 162 39.53 -37.13 2.78
CA GLY A 162 39.27 -35.78 2.32
C GLY A 162 37.82 -35.39 2.33
N THR A 163 37.09 -35.81 3.35
CA THR A 163 35.65 -35.59 3.42
C THR A 163 35.35 -34.52 4.46
N CYS A 164 34.53 -33.54 4.08
CA CYS A 164 34.05 -32.51 4.99
C CYS A 164 32.54 -32.40 4.84
N TYR A 165 31.88 -32.12 5.96
CA TYR A 165 30.43 -32.03 6.00
C TYR A 165 30.03 -30.56 5.94
N VAL A 166 29.23 -30.21 4.94
CA VAL A 166 28.82 -28.84 4.70
C VAL A 166 27.30 -28.77 4.78
N THR A 167 26.80 -27.89 5.63
CA THR A 167 25.37 -27.67 5.78
C THR A 167 24.95 -26.48 4.93
N THR A 168 24.08 -26.72 3.95
CA THR A 168 23.61 -25.69 3.05
C THR A 168 22.20 -25.22 3.41
N ALA A 169 21.87 -25.18 4.70
CA ALA A 169 20.53 -24.81 5.12
C ALA A 169 20.19 -23.39 4.72
N SER A 170 21.16 -22.48 4.74
CA SER A 170 20.91 -21.10 4.38
C SER A 170 20.73 -20.90 2.88
N LEU A 171 21.19 -21.84 2.06
CA LEU A 171 21.08 -21.71 0.59
C LEU A 171 19.83 -22.37 0.07
N ASP A 172 19.70 -23.68 0.30
CA ASP A 172 18.58 -24.46 -0.24
C ASP A 172 17.83 -25.22 0.84
N GLY A 173 17.89 -24.76 2.09
CA GLY A 173 17.04 -25.29 3.15
C GLY A 173 17.19 -26.77 3.44
N GLU A 174 18.42 -27.27 3.44
CA GLU A 174 18.71 -28.67 3.77
C GLU A 174 19.66 -28.70 4.95
N SER A 175 19.24 -29.31 6.04
CA SER A 175 20.05 -29.41 7.25
C SER A 175 20.92 -30.66 7.27
N ASN A 176 20.91 -31.45 6.20
CA ASN A 176 21.75 -32.64 6.14
C ASN A 176 23.22 -32.24 6.04
N CYS A 177 24.08 -33.06 6.64
CA CYS A 177 25.52 -32.84 6.58
C CYS A 177 26.03 -33.50 5.30
N LYS A 178 25.94 -32.76 4.19
CA LYS A 178 26.38 -33.28 2.90
C LYS A 178 27.88 -33.53 2.93
N THR A 179 28.30 -34.68 2.39
CA THR A 179 29.70 -35.09 2.40
C THR A 179 30.37 -34.62 1.12
N HIS A 180 31.24 -33.63 1.23
CA HIS A 180 32.01 -33.16 0.08
C HIS A 180 33.38 -33.83 0.06
N TYR A 181 33.85 -34.12 -1.16
CA TYR A 181 35.09 -34.87 -1.35
C TYR A 181 36.16 -33.95 -1.92
N ALA A 182 37.38 -34.12 -1.43
CA ALA A 182 38.50 -33.28 -1.81
C ALA A 182 39.18 -33.82 -3.07
N VAL A 183 40.16 -33.07 -3.56
CA VAL A 183 40.96 -33.50 -4.69
C VAL A 183 41.92 -34.59 -4.21
N ARG A 184 41.98 -35.69 -4.97
CA ARG A 184 42.77 -36.83 -4.53
C ARG A 184 44.27 -36.56 -4.63
N ASP A 185 44.71 -35.83 -5.66
CA ASP A 185 46.14 -35.60 -5.84
C ASP A 185 46.70 -34.70 -4.73
N THR A 186 45.84 -33.91 -4.09
CA THR A 186 46.26 -32.98 -3.04
C THR A 186 45.76 -33.40 -1.66
N ILE A 187 45.55 -34.71 -1.45
CA ILE A 187 44.98 -35.18 -0.20
C ILE A 187 45.90 -34.98 0.99
N ALA A 188 47.21 -35.15 0.81
CA ALA A 188 48.17 -35.17 1.90
C ALA A 188 48.78 -33.80 2.17
N LEU A 189 48.07 -32.72 1.86
CA LEU A 189 48.56 -31.37 2.04
C LEU A 189 48.07 -30.71 3.32
N CYS A 190 47.46 -31.48 4.23
CA CYS A 190 46.94 -30.92 5.46
C CYS A 190 48.08 -30.33 6.30
N THR A 191 48.09 -29.00 6.41
CA THR A 191 49.04 -28.27 7.25
C THR A 191 50.49 -28.62 6.93
N ALA A 192 50.76 -29.14 5.73
CA ALA A 192 52.09 -29.54 5.33
C ALA A 192 52.40 -28.90 3.98
N GLU A 193 52.86 -27.66 4.01
CA GLU A 193 53.32 -26.92 2.84
C GLU A 193 52.29 -26.96 1.71
N SER A 194 51.09 -26.49 2.01
CA SER A 194 50.07 -26.30 0.98
C SER A 194 50.45 -25.20 0.00
N ILE A 195 51.47 -24.41 0.32
CA ILE A 195 51.96 -23.35 -0.55
C ILE A 195 53.23 -23.77 -1.29
N ASP A 196 53.65 -25.02 -1.14
CA ASP A 196 54.95 -25.47 -1.64
C ASP A 196 54.91 -25.55 -3.17
N THR A 197 54.74 -24.38 -3.78
CA THR A 197 54.64 -24.23 -5.23
C THR A 197 53.66 -25.25 -5.79
N LEU A 198 52.40 -25.10 -5.37
CA LEU A 198 51.34 -26.03 -5.76
C LEU A 198 50.90 -25.67 -7.17
N ARG A 199 51.47 -26.37 -8.15
CA ARG A 199 51.10 -26.16 -9.55
C ARG A 199 49.72 -26.78 -9.78
N ALA A 200 48.74 -25.93 -10.06
CA ALA A 200 47.39 -26.41 -10.37
C ALA A 200 46.65 -25.30 -11.09
N ALA A 201 46.29 -25.56 -12.35
CA ALA A 201 45.55 -24.59 -13.17
C ALA A 201 44.12 -25.10 -13.32
N ILE A 202 43.21 -24.49 -12.58
CA ILE A 202 41.81 -24.91 -12.57
C ILE A 202 41.07 -24.18 -13.66
N GLU A 203 40.38 -24.93 -14.52
CA GLU A 203 39.61 -24.35 -15.63
C GLU A 203 38.14 -24.63 -15.37
N CYS A 204 37.44 -23.62 -14.84
CA CYS A 204 36.02 -23.72 -14.56
C CYS A 204 35.21 -22.97 -15.61
N GLU A 205 33.95 -23.35 -15.72
CA GLU A 205 33.04 -22.63 -16.59
C GLU A 205 32.64 -21.31 -15.95
N GLN A 206 32.15 -20.38 -16.76
CA GLN A 206 31.65 -19.12 -16.26
C GLN A 206 30.51 -19.38 -15.27
N PRO A 207 30.39 -18.56 -14.24
CA PRO A 207 29.46 -18.87 -13.14
C PRO A 207 28.01 -18.99 -13.62
N GLN A 208 27.31 -19.96 -13.05
CA GLN A 208 25.92 -20.23 -13.39
C GLN A 208 25.10 -20.34 -12.11
N PRO A 209 23.84 -19.93 -12.14
CA PRO A 209 23.02 -19.99 -10.92
C PRO A 209 22.43 -21.36 -10.66
N ASP A 210 22.99 -22.40 -11.30
CA ASP A 210 22.45 -23.74 -11.15
C ASP A 210 22.51 -24.22 -9.71
N LEU A 211 23.64 -23.97 -9.01
CA LEU A 211 23.82 -24.29 -7.61
C LEU A 211 23.93 -25.79 -7.39
N TYR A 212 23.69 -26.57 -8.43
CA TYR A 212 23.82 -28.02 -8.38
C TYR A 212 24.68 -28.58 -9.51
N LYS A 213 25.10 -27.74 -10.45
CA LYS A 213 25.87 -28.16 -11.60
C LYS A 213 27.17 -27.36 -11.65
N PHE A 214 28.30 -28.06 -11.51
CA PHE A 214 29.61 -27.44 -11.61
C PHE A 214 30.49 -28.29 -12.51
N VAL A 215 30.98 -27.69 -13.59
CA VAL A 215 31.84 -28.37 -14.54
C VAL A 215 33.20 -27.67 -14.52
N GLY A 216 34.25 -28.46 -14.35
CA GLY A 216 35.59 -27.92 -14.28
C GLY A 216 36.61 -29.00 -14.58
N ARG A 217 37.88 -28.61 -14.51
CA ARG A 217 38.98 -29.54 -14.76
C ARG A 217 40.24 -28.96 -14.13
N ILE A 218 40.72 -29.61 -13.07
CA ILE A 218 41.98 -29.22 -12.46
C ILE A 218 43.14 -29.68 -13.34
N ASN A 219 44.29 -29.05 -13.18
CA ASN A 219 45.49 -29.43 -13.92
C ASN A 219 46.70 -29.29 -12.99
N ILE A 220 47.05 -30.37 -12.32
CA ILE A 220 48.16 -30.36 -11.37
C ILE A 220 49.43 -30.79 -12.07
N TYR A 221 50.54 -30.16 -11.71
CA TYR A 221 51.86 -30.51 -12.23
C TYR A 221 52.75 -30.98 -11.07
N SER A 222 53.27 -32.19 -11.19
CA SER A 222 54.16 -32.76 -10.19
C SER A 222 55.61 -32.55 -10.60
N ASN A 223 56.52 -33.24 -9.92
CA ASN A 223 57.95 -33.12 -10.22
C ASN A 223 58.27 -33.57 -11.63
N SER A 224 57.63 -34.63 -12.11
CA SER A 224 57.81 -35.09 -13.48
C SER A 224 56.87 -34.34 -14.41
N LEU A 225 56.76 -34.78 -15.66
CA LEU A 225 55.86 -34.18 -16.64
C LEU A 225 54.56 -34.97 -16.64
N GLU A 226 53.66 -34.61 -15.72
CA GLU A 226 52.38 -35.30 -15.62
C GLU A 226 51.28 -34.25 -15.49
N ALA A 227 50.10 -34.62 -15.99
CA ALA A 227 48.96 -33.72 -15.99
C ALA A 227 47.69 -34.47 -15.60
N VAL A 228 47.76 -35.28 -14.54
CA VAL A 228 46.58 -35.99 -14.10
C VAL A 228 45.53 -34.98 -13.66
N ALA A 229 44.28 -35.22 -14.05
CA ALA A 229 43.22 -34.24 -13.90
C ALA A 229 41.92 -34.94 -13.52
N ARG A 230 41.36 -34.56 -12.38
CA ARG A 230 40.02 -35.03 -12.01
C ARG A 230 38.96 -34.07 -12.50
N SER A 231 37.86 -34.65 -12.97
CA SER A 231 36.63 -33.91 -13.18
C SER A 231 36.24 -33.27 -11.86
N LEU A 232 36.13 -31.96 -11.84
CA LEU A 232 35.55 -31.30 -10.69
C LEU A 232 34.04 -31.14 -10.90
N GLY A 233 33.25 -31.70 -9.99
CA GLY A 233 31.81 -31.56 -10.06
C GLY A 233 31.28 -30.82 -8.87
N PRO A 234 29.96 -30.83 -8.68
CA PRO A 234 29.37 -30.22 -7.48
C PRO A 234 29.78 -30.92 -6.19
N GLU A 235 30.30 -32.15 -6.28
CA GLU A 235 30.81 -32.87 -5.12
C GLU A 235 32.07 -32.23 -4.55
N ASN A 236 32.75 -31.36 -5.31
CA ASN A 236 33.97 -30.72 -4.84
C ASN A 236 33.79 -29.23 -4.54
N LEU A 237 32.68 -28.63 -4.94
CA LEU A 237 32.48 -27.20 -4.81
C LEU A 237 31.82 -26.90 -3.46
N LEU A 238 32.47 -26.05 -2.66
CA LEU A 238 31.91 -25.60 -1.39
C LEU A 238 31.35 -24.20 -1.59
N LEU A 239 30.02 -24.09 -1.66
CA LEU A 239 29.38 -22.84 -2.04
C LEU A 239 29.55 -21.79 -0.96
N LYS A 240 29.32 -20.54 -1.34
CA LYS A 240 29.43 -19.43 -0.40
C LYS A 240 28.23 -19.37 0.51
N GLY A 241 28.46 -18.98 1.76
CA GLY A 241 27.36 -18.82 2.71
C GLY A 241 26.80 -20.12 3.25
N ALA A 242 27.59 -21.19 3.25
CA ALA A 242 27.19 -22.47 3.82
C ALA A 242 28.05 -22.76 5.04
N THR A 243 27.45 -23.32 6.07
CA THR A 243 28.16 -23.55 7.34
C THR A 243 28.91 -24.87 7.28
N LEU A 244 30.21 -24.82 7.59
CA LEU A 244 31.01 -26.03 7.70
C LEU A 244 30.70 -26.74 9.01
N LYS A 245 30.64 -28.07 8.97
CA LYS A 245 30.29 -28.85 10.14
C LYS A 245 31.19 -30.07 10.27
N ASN A 246 31.58 -30.37 11.51
CA ASN A 246 32.21 -31.63 11.87
C ASN A 246 33.48 -31.89 11.07
N THR A 247 34.35 -30.89 10.97
CA THR A 247 35.63 -31.05 10.31
C THR A 247 36.62 -30.08 10.94
N GLU A 248 37.85 -30.55 11.18
CA GLU A 248 38.87 -29.74 11.83
C GLU A 248 39.17 -28.47 11.07
N LYS A 249 39.65 -28.58 9.83
CA LYS A 249 40.01 -27.42 9.02
C LYS A 249 40.01 -27.80 7.55
N ILE A 250 39.93 -26.78 6.70
CA ILE A 250 39.72 -26.94 5.26
C ILE A 250 40.69 -26.04 4.51
N TYR A 251 41.28 -26.58 3.44
CA TYR A 251 42.06 -25.80 2.48
C TYR A 251 41.31 -25.77 1.15
N GLY A 252 41.04 -24.57 0.64
CA GLY A 252 40.33 -24.43 -0.60
C GLY A 252 40.88 -23.26 -1.41
N VAL A 253 40.52 -23.25 -2.69
CA VAL A 253 40.96 -22.22 -3.62
C VAL A 253 39.76 -21.42 -4.09
N ALA A 254 39.84 -20.10 -3.96
CA ALA A 254 38.76 -19.23 -4.41
C ALA A 254 38.67 -19.24 -5.93
N VAL A 255 37.45 -19.40 -6.45
CA VAL A 255 37.20 -19.42 -7.88
C VAL A 255 36.25 -18.30 -8.29
N TYR A 256 35.10 -18.21 -7.63
CA TYR A 256 34.17 -17.11 -7.81
C TYR A 256 34.12 -16.31 -6.52
N THR A 257 34.39 -15.01 -6.62
CA THR A 257 34.45 -14.13 -5.44
C THR A 257 33.66 -12.87 -5.70
N GLY A 258 32.41 -12.84 -5.26
CA GLY A 258 31.64 -11.61 -5.26
C GLY A 258 30.88 -11.39 -6.55
N MET A 259 29.55 -11.45 -6.48
CA MET A 259 28.66 -11.18 -7.61
C MET A 259 28.81 -12.22 -8.73
N GLU A 260 29.76 -13.13 -8.56
CA GLU A 260 29.83 -14.30 -9.41
C GLU A 260 29.59 -15.57 -8.63
N THR A 261 29.55 -15.48 -7.30
CA THR A 261 29.25 -16.63 -6.47
C THR A 261 27.83 -17.10 -6.73
N LYS A 262 27.61 -18.41 -6.57
CA LYS A 262 26.28 -18.96 -6.79
C LYS A 262 25.30 -18.49 -5.72
N MET A 263 25.82 -17.96 -4.61
CA MET A 263 24.96 -17.36 -3.60
C MET A 263 24.41 -16.01 -4.07
N ALA A 264 25.28 -15.18 -4.65
CA ALA A 264 24.89 -13.84 -5.06
C ALA A 264 24.21 -13.78 -6.41
N LEU A 265 24.26 -14.87 -7.19
CA LEU A 265 23.60 -14.88 -8.49
C LEU A 265 22.10 -15.14 -8.39
N ASN A 266 21.58 -15.28 -7.18
CA ASN A 266 20.15 -15.56 -6.99
C ASN A 266 19.50 -14.44 -6.19
N TYR A 267 19.82 -13.19 -6.52
CA TYR A 267 19.28 -12.02 -5.82
C TYR A 267 18.12 -11.40 -6.58
N GLN A 268 17.28 -12.21 -7.22
CA GLN A 268 16.19 -11.68 -8.03
C GLN A 268 14.82 -12.14 -7.52
N GLY A 269 13.78 -11.85 -8.28
CA GLY A 269 12.42 -12.17 -7.89
C GLY A 269 11.53 -10.99 -7.59
N LYS A 270 11.67 -9.87 -8.31
CA LYS A 270 10.97 -8.64 -8.00
C LYS A 270 10.16 -8.09 -9.18
N SER A 271 10.07 -8.82 -10.28
CA SER A 271 9.33 -8.33 -11.45
C SER A 271 7.90 -8.85 -11.50
N GLN A 272 7.18 -8.74 -10.39
CA GLN A 272 5.79 -9.20 -10.31
C GLN A 272 4.95 -8.18 -9.51
N LYS A 273 5.20 -6.88 -9.72
CA LYS A 273 4.75 -5.85 -8.79
C LYS A 273 3.78 -4.90 -9.48
N ARG A 274 2.49 -5.21 -9.34
CA ARG A 274 1.41 -4.32 -9.75
C ARG A 274 0.13 -4.88 -9.16
N SER A 275 -0.65 -4.03 -8.49
CA SER A 275 -1.86 -4.48 -7.83
C SER A 275 -3.09 -3.80 -8.42
N ALA A 276 -4.24 -4.46 -8.25
CA ALA A 276 -5.49 -3.91 -8.77
C ALA A 276 -5.89 -2.64 -8.04
N VAL A 277 -5.57 -2.54 -6.75
CA VAL A 277 -5.86 -1.32 -6.01
C VAL A 277 -4.98 -0.18 -6.48
N GLU A 278 -3.71 -0.46 -6.77
CA GLU A 278 -2.80 0.59 -7.20
C GLU A 278 -3.23 1.19 -8.54
N LYS A 279 -3.67 0.35 -9.47
CA LYS A 279 -4.13 0.89 -10.75
C LYS A 279 -5.50 1.52 -10.63
N SER A 280 -6.30 1.16 -9.62
CA SER A 280 -7.55 1.87 -9.37
C SER A 280 -7.31 3.22 -8.74
N ILE A 281 -6.17 3.40 -8.07
CA ILE A 281 -5.80 4.71 -7.57
C ILE A 281 -5.57 5.67 -8.74
N ASN A 282 -4.86 5.20 -9.77
CA ASN A 282 -4.63 6.04 -10.94
C ASN A 282 -5.93 6.35 -11.66
N ALA A 283 -6.88 5.40 -11.66
CA ALA A 283 -8.18 5.68 -12.25
C ALA A 283 -8.93 6.73 -11.45
N PHE A 284 -8.79 6.72 -10.12
CA PHE A 284 -9.42 7.75 -9.30
C PHE A 284 -8.68 9.07 -9.43
N LEU A 285 -7.36 9.01 -9.66
CA LEU A 285 -6.57 10.23 -9.71
C LEU A 285 -6.75 10.97 -11.03
N ILE A 286 -7.05 10.25 -12.10
CA ILE A 286 -7.35 10.91 -13.37
C ILE A 286 -8.67 11.66 -13.29
N VAL A 287 -9.67 11.06 -12.65
CA VAL A 287 -10.96 11.72 -12.50
C VAL A 287 -10.81 13.02 -11.71
N TYR A 288 -10.05 12.96 -10.61
CA TYR A 288 -9.94 14.14 -9.75
C TYR A 288 -9.10 15.23 -10.39
N LEU A 289 -8.27 14.89 -11.37
CA LEU A 289 -7.62 15.94 -12.16
C LEU A 289 -8.60 16.59 -13.12
N PHE A 290 -9.54 15.83 -13.66
CA PHE A 290 -10.53 16.41 -14.56
C PHE A 290 -11.60 17.18 -13.80
N ILE A 291 -11.90 16.79 -12.57
CA ILE A 291 -12.77 17.61 -11.72
C ILE A 291 -12.11 18.95 -11.42
N LEU A 292 -10.81 18.92 -11.12
CA LEU A 292 -10.08 20.15 -10.83
C LEU A 292 -9.98 21.02 -12.08
N LEU A 293 -9.81 20.41 -13.25
CA LEU A 293 -9.80 21.18 -14.48
C LEU A 293 -11.15 21.84 -14.72
N THR A 294 -12.24 21.13 -14.41
CA THR A 294 -13.57 21.70 -14.60
C THR A 294 -13.81 22.87 -13.66
N LYS A 295 -13.43 22.73 -12.39
CA LYS A 295 -13.61 23.81 -11.42
C LYS A 295 -12.81 25.04 -11.82
N ALA A 296 -11.56 24.84 -12.28
CA ALA A 296 -10.74 25.96 -12.68
C ALA A 296 -11.26 26.61 -13.95
N ALA A 297 -11.82 25.80 -14.86
CA ALA A 297 -12.39 26.35 -16.09
C ALA A 297 -13.71 27.06 -15.82
N VAL A 298 -14.56 26.47 -14.97
CA VAL A 298 -15.87 27.06 -14.69
C VAL A 298 -15.71 28.41 -13.98
N CYS A 299 -14.79 28.47 -13.01
CA CYS A 299 -14.60 29.73 -12.29
C CYS A 299 -14.01 30.79 -13.20
N THR A 300 -13.04 30.42 -14.05
CA THR A 300 -12.41 31.40 -14.92
C THR A 300 -13.40 31.98 -15.92
N THR A 301 -14.21 31.11 -16.54
CA THR A 301 -15.19 31.63 -17.49
C THR A 301 -16.26 32.45 -16.79
N LEU A 302 -16.61 32.08 -15.56
CA LEU A 302 -17.56 32.88 -14.80
C LEU A 302 -16.93 34.14 -14.25
N LYS A 303 -15.62 34.13 -14.02
CA LYS A 303 -14.94 35.33 -13.52
C LYS A 303 -15.00 36.45 -14.56
N TYR A 304 -14.83 36.10 -15.83
CA TYR A 304 -14.78 37.14 -16.87
C TYR A 304 -16.17 37.52 -17.35
N VAL A 305 -17.15 36.64 -17.18
CA VAL A 305 -18.54 37.08 -17.31
C VAL A 305 -18.88 38.05 -16.19
N TRP A 306 -18.44 37.75 -14.96
CA TRP A 306 -18.69 38.64 -13.83
C TRP A 306 -17.98 39.97 -14.01
N GLN A 307 -16.71 39.93 -14.45
CA GLN A 307 -15.93 41.15 -14.56
C GLN A 307 -16.31 41.99 -15.77
N SER A 308 -17.17 41.48 -16.65
CA SER A 308 -17.58 42.29 -17.80
C SER A 308 -18.32 43.54 -17.38
N THR A 309 -19.01 43.49 -16.25
CA THR A 309 -19.66 44.69 -15.72
C THR A 309 -18.60 45.68 -15.24
N PRO A 310 -18.56 46.90 -15.77
CA PRO A 310 -17.45 47.81 -15.46
C PRO A 310 -17.28 48.09 -13.97
N TYR A 311 -18.37 48.17 -13.21
CA TYR A 311 -18.27 48.43 -11.79
C TYR A 311 -18.13 47.16 -10.96
N ASN A 312 -18.28 45.98 -11.56
CA ASN A 312 -18.05 44.75 -10.84
C ASN A 312 -16.58 44.62 -10.42
N ASP A 313 -15.68 44.97 -11.33
CA ASP A 313 -14.26 45.04 -11.02
C ASP A 313 -13.85 46.50 -10.89
N GLU A 314 -12.96 46.77 -9.93
CA GLU A 314 -12.50 48.11 -9.60
C GLU A 314 -13.67 49.03 -9.29
N PRO A 315 -14.42 48.78 -8.22
CA PRO A 315 -15.52 49.69 -7.85
C PRO A 315 -15.08 50.78 -6.89
N TRP A 316 -14.00 51.47 -7.20
CA TRP A 316 -13.48 52.66 -6.51
C TRP A 316 -12.98 52.42 -5.10
N TYR A 317 -13.18 51.25 -4.50
CA TYR A 317 -12.63 51.05 -3.16
C TYR A 317 -11.37 50.18 -3.21
N ASN A 318 -11.35 49.18 -4.07
CA ASN A 318 -10.13 48.45 -4.40
C ASN A 318 -9.83 48.68 -5.88
N GLN A 319 -8.71 49.33 -6.16
CA GLN A 319 -8.33 49.69 -7.51
C GLN A 319 -7.05 48.98 -7.89
N LYS A 320 -7.02 48.44 -9.11
CA LYS A 320 -5.86 47.69 -9.56
C LYS A 320 -4.64 48.58 -9.64
N THR A 321 -3.48 48.02 -9.28
CA THR A 321 -2.24 48.76 -9.40
C THR A 321 -1.89 48.97 -10.87
N GLN A 322 -1.07 50.00 -11.12
CA GLN A 322 -0.75 50.36 -12.51
C GLN A 322 -0.04 49.22 -13.24
N LYS A 323 0.75 48.42 -12.52
CA LYS A 323 1.38 47.26 -13.13
C LYS A 323 0.34 46.23 -13.54
N GLU A 324 -0.65 46.00 -12.70
CA GLU A 324 -1.67 44.99 -13.00
C GLU A 324 -2.65 45.48 -14.05
N ARG A 325 -2.85 46.80 -14.14
CA ARG A 325 -3.83 47.33 -15.07
C ARG A 325 -3.35 47.29 -16.51
N GLU A 326 -2.05 47.46 -16.73
CA GLU A 326 -1.49 47.59 -18.08
C GLU A 326 -0.97 46.28 -18.66
N THR A 327 -1.17 45.16 -17.96
CA THR A 327 -0.66 43.89 -18.47
C THR A 327 -1.65 43.28 -19.47
N LEU A 328 -1.12 42.35 -20.27
CA LEU A 328 -1.89 41.79 -21.38
C LEU A 328 -3.03 40.91 -20.86
N LYS A 329 -4.18 40.99 -21.54
CA LYS A 329 -5.35 40.25 -21.09
C LYS A 329 -5.19 38.74 -21.31
N VAL A 330 -4.49 38.35 -22.38
CA VAL A 330 -4.28 36.93 -22.64
C VAL A 330 -3.47 36.30 -21.51
N LEU A 331 -2.41 36.99 -21.08
CA LEU A 331 -1.64 36.50 -19.95
C LEU A 331 -2.46 36.52 -18.66
N LYS A 332 -3.31 37.54 -18.50
CA LYS A 332 -4.14 37.63 -17.31
C LYS A 332 -5.10 36.44 -17.23
N MET A 333 -5.70 36.08 -18.37
CA MET A 333 -6.61 34.94 -18.38
C MET A 333 -5.89 33.65 -18.03
N PHE A 334 -4.66 33.49 -18.53
CA PHE A 334 -3.88 32.31 -18.21
C PHE A 334 -3.49 32.28 -16.75
N THR A 335 -3.02 33.41 -16.21
CA THR A 335 -2.64 33.46 -14.80
C THR A 335 -3.84 33.31 -13.89
N ASP A 336 -4.99 33.84 -14.31
CA ASP A 336 -6.21 33.62 -13.54
C ASP A 336 -6.58 32.15 -13.48
N PHE A 337 -6.44 31.44 -14.61
CA PHE A 337 -6.68 30.00 -14.60
C PHE A 337 -5.70 29.28 -13.69
N LEU A 338 -4.42 29.68 -13.72
CA LEU A 338 -3.44 29.06 -12.84
C LEU A 338 -3.72 29.37 -11.37
N SER A 339 -4.20 30.58 -11.07
CA SER A 339 -4.50 30.92 -9.69
C SER A 339 -5.60 30.03 -9.14
N PHE A 340 -6.56 29.64 -9.99
CA PHE A 340 -7.63 28.76 -9.54
C PHE A 340 -7.12 27.34 -9.36
N MET A 341 -6.15 26.92 -10.17
CA MET A 341 -5.52 25.61 -9.98
C MET A 341 -4.84 25.54 -8.62
N VAL A 342 -4.10 26.58 -8.27
CA VAL A 342 -3.42 26.62 -6.98
C VAL A 342 -4.43 26.67 -5.85
N LEU A 343 -5.54 27.39 -6.05
CA LEU A 343 -6.56 27.49 -5.02
C LEU A 343 -7.24 26.15 -4.77
N PHE A 344 -7.49 25.38 -5.81
CA PHE A 344 -8.21 24.11 -5.70
C PHE A 344 -7.28 22.90 -5.78
N ASN A 345 -5.96 23.10 -5.64
CA ASN A 345 -5.03 21.99 -5.79
C ASN A 345 -5.22 20.93 -4.71
N PHE A 346 -5.68 21.31 -3.52
CA PHE A 346 -5.82 20.36 -2.41
C PHE A 346 -6.87 19.29 -2.66
N ILE A 347 -7.48 19.27 -3.84
CA ILE A 347 -8.42 18.20 -4.17
C ILE A 347 -7.68 16.90 -4.47
N ILE A 348 -6.38 16.99 -4.75
CA ILE A 348 -5.54 15.82 -4.93
C ILE A 348 -4.81 15.55 -3.61
N PRO A 349 -5.00 14.39 -2.99
CA PRO A 349 -4.39 14.14 -1.67
C PRO A 349 -2.88 14.07 -1.76
N VAL A 350 -2.22 14.95 -1.01
CA VAL A 350 -0.76 14.99 -1.04
C VAL A 350 -0.16 13.86 -0.21
N SER A 351 -0.88 13.42 0.82
CA SER A 351 -0.36 12.42 1.74
C SER A 351 -0.86 11.01 1.44
N MET A 352 -1.46 10.77 0.28
CA MET A 352 -2.01 9.45 0.01
C MET A 352 -0.91 8.44 -0.29
N TYR A 353 0.12 8.84 -1.05
CA TYR A 353 1.22 7.93 -1.32
C TYR A 353 1.96 7.52 -0.05
N VAL A 354 2.28 8.48 0.81
CA VAL A 354 3.05 8.16 2.00
C VAL A 354 2.24 7.29 2.95
N THR A 355 0.94 7.58 3.08
CA THR A 355 0.10 6.77 3.96
C THR A 355 -0.08 5.36 3.41
N VAL A 356 -0.22 5.22 2.08
CA VAL A 356 -0.34 3.90 1.48
C VAL A 356 0.96 3.12 1.68
N GLU A 357 2.10 3.76 1.46
CA GLU A 357 3.39 3.06 1.58
C GLU A 357 3.65 2.61 3.00
N MET A 358 3.34 3.46 3.99
CA MET A 358 3.54 3.05 5.37
C MET A 358 2.55 1.96 5.77
N GLN A 359 1.33 1.99 5.23
CA GLN A 359 0.35 0.96 5.53
C GLN A 359 0.80 -0.39 4.99
N LYS A 360 1.40 -0.40 3.79
CA LYS A 360 1.90 -1.64 3.22
C LYS A 360 3.13 -2.13 3.98
N PHE A 361 4.01 -1.21 4.36
CA PHE A 361 5.24 -1.60 5.04
C PHE A 361 4.94 -2.13 6.44
N LEU A 362 4.10 -1.43 7.19
CA LEU A 362 3.81 -1.86 8.56
C LEU A 362 2.85 -3.04 8.58
N GLY A 363 1.88 -3.05 7.65
CA GLY A 363 0.89 -4.12 7.65
C GLY A 363 1.42 -5.42 7.07
N SER A 364 2.61 -5.38 6.47
CA SER A 364 3.20 -6.59 5.93
C SER A 364 3.73 -7.50 7.02
N PHE A 365 4.10 -6.93 8.17
CA PHE A 365 4.68 -7.73 9.24
C PHE A 365 3.66 -8.67 9.85
N PHE A 366 2.37 -8.39 9.66
CA PHE A 366 1.35 -9.23 10.28
C PHE A 366 1.35 -10.64 9.72
N ILE A 367 1.79 -10.81 8.47
CA ILE A 367 1.91 -12.15 7.90
C ILE A 367 3.07 -12.91 8.56
N SER A 368 4.22 -12.26 8.70
CA SER A 368 5.39 -12.94 9.26
C SER A 368 5.22 -13.17 10.75
N TRP A 369 4.65 -12.19 11.47
CA TRP A 369 4.45 -12.34 12.90
C TRP A 369 3.44 -13.42 13.25
N ASP A 370 2.59 -13.82 12.30
CA ASP A 370 1.51 -14.75 12.61
C ASP A 370 2.07 -16.11 13.01
N LYS A 371 1.67 -16.58 14.19
CA LYS A 371 2.12 -17.88 14.66
C LYS A 371 1.43 -19.03 13.95
N ASP A 372 0.34 -18.75 13.22
CA ASP A 372 -0.33 -19.80 12.47
C ASP A 372 0.56 -20.34 11.35
N PHE A 373 1.30 -19.46 10.66
CA PHE A 373 2.16 -19.88 9.56
C PHE A 373 3.50 -20.37 10.12
N TYR A 374 3.41 -21.27 11.09
CA TYR A 374 4.62 -21.80 11.72
C TYR A 374 4.65 -23.31 11.58
N ASP A 375 5.76 -23.84 11.07
CA ASP A 375 5.97 -25.27 10.91
C ASP A 375 7.09 -25.71 11.84
N GLU A 376 6.80 -26.68 12.69
CA GLU A 376 7.78 -27.12 13.69
C GLU A 376 8.95 -27.85 13.04
N GLU A 377 8.67 -28.70 12.05
CA GLU A 377 9.74 -29.50 11.45
C GLU A 377 10.77 -28.62 10.77
N ILE A 378 10.32 -27.63 10.00
CA ILE A 378 11.24 -26.74 9.28
C ILE A 378 11.83 -25.69 10.18
N ASN A 379 11.21 -25.39 11.32
CA ASN A 379 11.62 -24.31 12.22
C ASN A 379 11.58 -22.95 11.55
N GLU A 380 10.68 -22.79 10.58
CA GLU A 380 10.56 -21.54 9.83
C GLU A 380 9.10 -21.16 9.71
N GLY A 381 8.86 -19.85 9.59
CA GLY A 381 7.52 -19.36 9.43
C GLY A 381 7.23 -18.90 8.02
N ALA A 382 6.39 -17.90 7.87
CA ALA A 382 6.17 -17.28 6.57
C ALA A 382 7.07 -16.06 6.41
N LEU A 383 7.53 -15.83 5.18
CA LEU A 383 8.39 -14.69 4.89
C LEU A 383 7.78 -13.90 3.73
N VAL A 384 7.81 -12.58 3.84
CA VAL A 384 7.23 -11.70 2.84
C VAL A 384 8.35 -11.07 2.03
N ASN A 385 8.30 -11.24 0.71
CA ASN A 385 9.26 -10.62 -0.18
C ASN A 385 8.75 -9.36 -0.86
N THR A 386 7.44 -9.25 -1.08
CA THR A 386 6.85 -8.08 -1.73
C THR A 386 5.65 -7.63 -0.91
N SER A 387 5.73 -6.44 -0.35
CA SER A 387 4.62 -5.86 0.40
C SER A 387 3.60 -5.15 -0.49
N ASP A 388 3.93 -4.93 -1.76
CA ASP A 388 3.04 -4.19 -2.64
C ASP A 388 1.83 -5.00 -3.10
N LEU A 389 1.83 -6.31 -2.87
CA LEU A 389 0.75 -7.18 -3.34
C LEU A 389 -0.15 -7.66 -2.21
N ASN A 390 -0.10 -7.01 -1.04
CA ASN A 390 -0.90 -7.45 0.09
C ASN A 390 -2.38 -7.40 -0.24
N GLU A 391 -2.82 -6.32 -0.88
CA GLU A 391 -4.22 -6.17 -1.24
C GLU A 391 -4.63 -7.11 -2.37
N GLU A 392 -3.68 -7.73 -3.05
CA GLU A 392 -4.02 -8.65 -4.12
C GLU A 392 -4.41 -10.03 -3.60
N LEU A 393 -4.04 -10.36 -2.36
CA LEU A 393 -4.43 -11.64 -1.80
C LEU A 393 -5.92 -11.71 -1.51
N GLY A 394 -6.60 -10.57 -1.47
CA GLY A 394 -8.03 -10.55 -1.25
C GLY A 394 -8.81 -10.39 -2.53
N GLN A 395 -8.16 -10.68 -3.66
CA GLN A 395 -8.76 -10.54 -4.97
C GLN A 395 -8.57 -11.75 -5.86
N VAL A 396 -7.98 -12.83 -5.36
CA VAL A 396 -7.64 -13.98 -6.19
C VAL A 396 -8.89 -14.57 -6.81
N ASP A 397 -8.76 -15.07 -8.04
CA ASP A 397 -9.85 -15.72 -8.76
C ASP A 397 -9.46 -17.10 -9.27
N TYR A 398 -8.22 -17.31 -9.68
CA TYR A 398 -7.73 -18.59 -10.15
C TYR A 398 -6.54 -19.03 -9.31
N VAL A 399 -6.51 -20.31 -8.96
CA VAL A 399 -5.40 -20.89 -8.21
C VAL A 399 -4.79 -21.99 -9.07
N PHE A 400 -3.51 -21.85 -9.41
CA PHE A 400 -2.78 -22.85 -10.15
C PHE A 400 -1.79 -23.52 -9.21
N THR A 401 -1.94 -24.83 -9.02
CA THR A 401 -1.27 -25.55 -7.96
C THR A 401 -0.38 -26.63 -8.52
N ASP A 402 0.85 -26.72 -8.00
CA ASP A 402 1.74 -27.81 -8.32
C ASP A 402 1.31 -29.08 -7.58
N LYS A 403 1.69 -30.23 -8.12
CA LYS A 403 1.26 -31.51 -7.58
C LYS A 403 2.25 -32.08 -6.57
N THR A 404 3.47 -32.38 -7.02
CA THR A 404 4.42 -33.07 -6.16
C THR A 404 5.12 -32.06 -5.26
N GLY A 405 4.92 -32.18 -3.96
CA GLY A 405 5.53 -31.27 -3.01
C GLY A 405 4.57 -30.22 -2.49
N THR A 406 3.71 -29.70 -3.36
CA THR A 406 2.71 -28.73 -2.91
C THR A 406 1.49 -29.43 -2.35
N LEU A 407 0.82 -30.23 -3.17
CA LEU A 407 -0.36 -30.97 -2.74
C LEU A 407 0.00 -32.29 -2.05
N THR A 408 0.99 -33.00 -2.55
CA THR A 408 1.43 -34.27 -1.99
C THR A 408 2.82 -34.05 -1.42
N GLU A 409 2.95 -34.15 -0.09
CA GLU A 409 4.25 -34.01 0.54
C GLU A 409 5.16 -35.15 0.11
N ASN A 410 6.45 -34.83 -0.02
CA ASN A 410 7.43 -35.80 -0.50
C ASN A 410 7.84 -36.78 0.60
N SER A 411 6.87 -37.49 1.16
CA SER A 411 7.13 -38.53 2.16
C SER A 411 6.68 -39.85 1.55
N MET A 412 7.59 -40.55 0.90
CA MET A 412 7.28 -41.76 0.15
C MET A 412 7.36 -42.99 1.04
N GLU A 413 6.40 -43.89 0.85
CA GLU A 413 6.30 -45.12 1.62
C GLU A 413 6.34 -46.31 0.67
N PHE A 414 7.15 -47.31 1.01
CA PHE A 414 7.30 -48.48 0.15
C PHE A 414 6.13 -49.44 0.35
N ILE A 415 5.51 -49.86 -0.75
CA ILE A 415 4.41 -50.82 -0.71
C ILE A 415 4.53 -51.76 -1.91
N GLU A 416 4.28 -53.05 -1.67
CA GLU A 416 4.02 -54.01 -2.75
C GLU A 416 5.17 -54.11 -3.75
N CYS A 417 6.30 -54.65 -3.33
CA CYS A 417 7.38 -54.98 -4.24
C CYS A 417 6.94 -56.10 -5.18
N CYS A 418 7.52 -56.12 -6.38
CA CYS A 418 7.19 -57.10 -7.41
C CYS A 418 8.47 -57.67 -7.99
N ILE A 419 8.53 -58.99 -8.13
CA ILE A 419 9.67 -59.68 -8.73
C ILE A 419 9.15 -60.58 -9.84
N ASP A 420 9.62 -60.36 -11.06
CA ASP A 420 9.30 -61.19 -12.22
C ASP A 420 7.79 -61.31 -12.42
N GLY A 421 7.07 -60.24 -12.08
CA GLY A 421 5.63 -60.23 -12.24
C GLY A 421 4.90 -61.26 -11.39
N HIS A 422 5.32 -61.44 -10.15
CA HIS A 422 4.70 -62.41 -9.26
C HIS A 422 4.21 -61.82 -7.95
N LYS A 423 4.56 -60.57 -7.65
CA LYS A 423 4.12 -59.88 -6.43
C LYS A 423 4.54 -60.67 -5.18
N TYR A 424 5.85 -60.77 -4.99
CA TYR A 424 6.35 -61.39 -3.78
C TYR A 424 6.03 -60.52 -2.57
N LYS A 425 5.40 -61.12 -1.56
CA LYS A 425 5.08 -60.43 -0.33
C LYS A 425 5.36 -61.32 0.87
N VAL A 447 14.53 -69.30 -7.42
CA VAL A 447 14.07 -67.92 -7.39
C VAL A 447 14.24 -67.33 -5.99
N ASP A 448 14.14 -68.19 -4.97
CA ASP A 448 14.24 -67.75 -3.59
C ASP A 448 15.67 -67.52 -3.17
N LYS A 449 16.64 -68.00 -3.95
CA LYS A 449 18.05 -67.81 -3.64
C LYS A 449 18.82 -67.11 -4.76
N ASN A 450 18.22 -66.94 -5.93
CA ASN A 450 18.90 -66.29 -7.06
C ASN A 450 18.21 -64.99 -7.43
N ARG A 451 16.93 -65.02 -7.81
CA ARG A 451 16.25 -63.79 -8.21
C ARG A 451 15.86 -62.96 -7.00
N GLU A 452 15.58 -63.62 -5.87
CA GLU A 452 15.22 -62.90 -4.65
C GLU A 452 16.36 -62.01 -4.17
N GLU A 453 17.59 -62.53 -4.21
CA GLU A 453 18.72 -61.77 -3.71
C GLU A 453 19.03 -60.55 -4.59
N LEU A 454 18.96 -60.72 -5.90
CA LEU A 454 19.33 -59.64 -6.81
C LEU A 454 18.41 -58.43 -6.66
N PHE A 455 17.11 -58.67 -6.52
CA PHE A 455 16.17 -57.56 -6.39
C PHE A 455 16.44 -56.77 -5.11
N LEU A 456 16.65 -57.48 -4.00
CA LEU A 456 16.97 -56.79 -2.76
C LEU A 456 18.34 -56.12 -2.84
N ARG A 457 19.31 -56.78 -3.47
CA ARG A 457 20.59 -56.13 -3.73
C ARG A 457 20.39 -54.88 -4.58
N ALA A 458 19.58 -54.98 -5.63
CA ALA A 458 19.27 -53.82 -6.45
C ALA A 458 18.46 -52.78 -5.69
N LEU A 459 17.69 -53.20 -4.70
CA LEU A 459 17.02 -52.27 -3.80
C LEU A 459 17.99 -51.62 -2.82
N CYS A 460 18.96 -52.38 -2.31
CA CYS A 460 19.97 -51.86 -1.40
C CYS A 460 21.15 -51.23 -2.13
N LEU A 461 21.20 -51.33 -3.46
CA LEU A 461 22.18 -50.60 -4.25
C LEU A 461 21.46 -49.75 -5.28
N CYS A 462 22.22 -49.15 -6.20
CA CYS A 462 21.65 -48.28 -7.23
C CYS A 462 20.91 -47.10 -6.63
N HIS A 463 21.57 -46.43 -5.67
CA HIS A 463 20.99 -45.28 -5.01
C HIS A 463 22.10 -44.51 -4.31
N THR A 464 21.73 -43.33 -3.79
CA THR A 464 22.62 -42.45 -3.05
C THR A 464 21.97 -42.03 -1.74
N VAL A 465 21.41 -43.00 -1.00
CA VAL A 465 20.60 -42.66 0.16
C VAL A 465 21.45 -42.07 1.29
N GLU A 466 22.73 -42.43 1.38
CA GLU A 466 23.66 -41.80 2.32
C GLU A 466 23.17 -41.82 3.76
N ILE A 467 23.12 -43.01 4.37
CA ILE A 467 22.61 -43.15 5.73
C ILE A 467 23.42 -42.28 6.70
N LYS A 468 22.79 -41.94 7.80
CA LYS A 468 23.42 -41.14 8.86
C LYS A 468 24.56 -41.96 9.45
N THR A 469 25.80 -41.56 9.16
CA THR A 469 26.96 -42.37 9.52
C THR A 469 27.09 -42.52 11.03
N ASN A 470 26.87 -41.44 11.79
CA ASN A 470 27.03 -41.48 13.25
C ASN A 470 25.81 -42.13 13.91
N ASP A 471 25.71 -43.45 13.73
CA ASP A 471 24.64 -44.21 14.35
C ASP A 471 24.85 -44.28 15.86
N ALA A 472 23.74 -44.29 16.60
CA ALA A 472 23.78 -44.34 18.06
C ALA A 472 23.94 -45.77 18.55
N VAL A 473 23.70 -45.98 19.84
CA VAL A 473 23.83 -47.31 20.43
C VAL A 473 22.95 -48.30 19.67
N ASP A 474 23.51 -49.48 19.39
CA ASP A 474 22.80 -50.46 18.56
C ASP A 474 21.54 -50.98 19.25
N GLY A 475 21.49 -50.89 20.58
CA GLY A 475 20.36 -51.45 21.31
C GLY A 475 19.08 -50.65 21.23
N ALA A 476 19.13 -49.43 20.66
CA ALA A 476 17.94 -48.61 20.58
C ALA A 476 16.88 -49.26 19.69
N THR A 477 17.28 -49.80 18.55
CA THR A 477 16.35 -50.42 17.62
C THR A 477 16.71 -51.89 17.40
N GLU A 478 16.08 -52.51 16.40
CA GLU A 478 16.34 -53.92 16.11
C GLU A 478 17.81 -54.16 15.77
N SER A 479 18.40 -53.28 14.96
CA SER A 479 19.81 -53.35 14.62
C SER A 479 20.62 -52.18 15.15
N ALA A 480 20.25 -50.95 14.79
CA ALA A 480 20.93 -49.74 15.22
C ALA A 480 20.08 -48.55 14.78
N GLU A 481 20.59 -47.33 15.00
CA GLU A 481 19.93 -46.12 14.53
C GLU A 481 20.24 -45.99 13.05
N LEU A 482 19.25 -46.33 12.22
CA LEU A 482 19.43 -46.38 10.77
C LEU A 482 18.57 -45.38 10.03
N THR A 483 18.49 -44.13 10.50
CA THR A 483 17.73 -43.12 9.79
C THR A 483 18.32 -42.86 8.41
N TYR A 484 17.48 -42.90 7.38
CA TYR A 484 17.90 -42.67 6.00
C TYR A 484 17.39 -41.30 5.58
N ILE A 485 18.30 -40.43 5.13
CA ILE A 485 17.93 -39.12 4.61
C ILE A 485 18.72 -38.87 3.33
N SER A 486 18.04 -38.38 2.30
CA SER A 486 18.65 -38.16 1.00
C SER A 486 17.87 -37.12 0.23
N SER A 487 18.33 -36.81 -0.97
CA SER A 487 17.67 -35.81 -1.80
C SER A 487 16.39 -36.36 -2.41
N SER A 488 16.51 -37.42 -3.21
CA SER A 488 15.34 -38.00 -3.86
C SER A 488 14.48 -38.74 -2.85
N PRO A 489 13.19 -38.40 -2.73
CA PRO A 489 12.34 -39.13 -1.78
C PRO A 489 11.95 -40.53 -2.23
N ASP A 490 11.98 -40.82 -3.52
CA ASP A 490 11.64 -42.16 -4.00
C ASP A 490 12.70 -43.19 -3.58
N GLU A 491 13.97 -42.80 -3.62
CA GLU A 491 15.03 -43.76 -3.30
C GLU A 491 15.09 -44.06 -1.81
N ILE A 492 14.62 -43.13 -0.97
CA ILE A 492 14.55 -43.41 0.47
C ILE A 492 13.54 -44.51 0.75
N ALA A 493 12.39 -44.46 0.06
CA ALA A 493 11.37 -45.48 0.27
C ALA A 493 11.86 -46.86 -0.13
N LEU A 494 12.59 -46.96 -1.24
CA LEU A 494 13.06 -48.25 -1.71
C LEU A 494 14.02 -48.89 -0.71
N VAL A 495 14.97 -48.11 -0.19
CA VAL A 495 15.92 -48.66 0.78
C VAL A 495 15.22 -49.06 2.06
N LYS A 496 14.27 -48.25 2.53
CA LYS A 496 13.51 -48.61 3.72
C LYS A 496 12.62 -49.82 3.45
N GLY A 497 12.15 -49.98 2.22
CA GLY A 497 11.36 -51.17 1.90
C GLY A 497 12.17 -52.44 1.97
N ALA A 498 13.43 -52.40 1.53
CA ALA A 498 14.30 -53.55 1.70
C ALA A 498 14.53 -53.85 3.18
N LYS A 499 14.65 -52.80 4.00
CA LYS A 499 14.85 -52.97 5.43
C LYS A 499 13.71 -53.74 6.07
N ARG A 500 12.50 -53.64 5.51
CA ARG A 500 11.39 -54.44 5.99
C ARG A 500 11.69 -55.92 5.82
N TYR A 501 12.37 -56.29 4.74
CA TYR A 501 12.88 -57.64 4.55
C TYR A 501 14.29 -57.72 5.15
N GLY A 502 14.99 -58.82 4.86
CA GLY A 502 16.27 -59.05 5.53
C GLY A 502 17.34 -58.05 5.15
N PHE A 503 17.37 -57.64 3.90
CA PHE A 503 18.47 -56.81 3.41
C PHE A 503 18.41 -55.40 4.01
N THR A 504 19.57 -54.83 4.26
CA THR A 504 19.67 -53.50 4.84
C THR A 504 20.92 -52.81 4.32
N PHE A 505 20.80 -51.54 3.97
CA PHE A 505 21.92 -50.78 3.43
C PHE A 505 22.70 -50.09 4.55
N LEU A 506 24.02 -50.30 4.55
CA LEU A 506 24.91 -49.64 5.52
C LEU A 506 26.20 -49.21 4.83
N GLY A 507 26.10 -48.64 3.62
CA GLY A 507 27.28 -48.40 2.81
C GLY A 507 27.97 -47.08 3.02
N ASN A 508 28.61 -46.58 1.96
CA ASN A 508 29.29 -45.27 1.96
C ASN A 508 30.43 -45.24 2.98
N ARG A 509 31.42 -46.09 2.78
CA ARG A 509 32.63 -46.15 3.62
C ARG A 509 33.85 -46.01 2.71
N ASN A 510 34.31 -44.78 2.53
CA ASN A 510 35.49 -44.47 1.71
C ASN A 510 35.32 -44.99 0.29
N GLY A 511 34.11 -44.79 -0.25
CA GLY A 511 33.81 -45.27 -1.58
C GLY A 511 33.45 -46.74 -1.64
N TYR A 512 32.97 -47.31 -0.54
CA TYR A 512 32.56 -48.71 -0.48
C TYR A 512 31.11 -48.80 -0.06
N MET A 513 30.47 -49.89 -0.47
CA MET A 513 29.05 -50.11 -0.23
C MET A 513 28.87 -51.38 0.60
N ARG A 514 28.17 -51.27 1.72
CA ARG A 514 27.94 -52.40 2.61
C ARG A 514 26.45 -52.70 2.72
N VAL A 515 26.08 -53.96 2.54
CA VAL A 515 24.70 -54.42 2.62
C VAL A 515 24.67 -55.73 3.40
N GLU A 516 23.75 -55.84 4.36
CA GLU A 516 23.57 -57.07 5.11
C GLU A 516 22.61 -57.99 4.35
N ASN A 517 23.13 -59.14 3.91
CA ASN A 517 22.36 -60.05 3.06
C ASN A 517 21.65 -61.14 3.88
N GLN A 518 20.78 -60.67 4.77
CA GLN A 518 19.97 -61.54 5.64
C GLN A 518 20.85 -62.40 6.55
N ARG A 519 22.14 -62.09 6.63
CA ARG A 519 23.07 -62.82 7.46
C ARG A 519 24.12 -61.87 8.01
N LYS A 520 25.03 -62.41 8.82
CA LYS A 520 26.10 -61.63 9.44
C LYS A 520 27.14 -61.15 8.44
N GLU A 521 26.97 -61.41 7.15
CA GLU A 521 27.95 -61.00 6.16
C GLU A 521 27.89 -59.49 5.95
N ILE A 522 29.05 -58.83 5.99
CA ILE A 522 29.12 -57.41 5.67
C ILE A 522 28.87 -57.19 4.18
N GLU A 523 29.47 -58.02 3.33
CA GLU A 523 29.26 -57.98 1.88
C GLU A 523 29.58 -56.61 1.31
N GLU A 524 30.84 -56.21 1.37
CA GLU A 524 31.27 -54.93 0.84
C GLU A 524 31.10 -54.89 -0.68
N TYR A 525 30.80 -53.70 -1.20
CA TYR A 525 30.70 -53.48 -2.64
C TYR A 525 31.54 -52.25 -2.99
N GLU A 526 32.39 -52.37 -3.98
CA GLU A 526 33.23 -51.25 -4.43
C GLU A 526 32.50 -50.50 -5.52
N LEU A 527 32.08 -49.27 -5.23
CA LEU A 527 31.35 -48.44 -6.19
C LEU A 527 32.33 -47.82 -7.18
N LEU A 528 32.50 -48.47 -8.33
CA LEU A 528 33.42 -47.95 -9.34
C LEU A 528 32.89 -46.65 -9.95
N HIS A 529 31.64 -46.65 -10.35
CA HIS A 529 31.02 -45.50 -11.01
C HIS A 529 29.59 -45.34 -10.52
N THR A 530 29.04 -44.17 -10.78
CA THR A 530 27.63 -43.89 -10.48
C THR A 530 27.07 -43.03 -11.62
N LEU A 531 25.86 -43.35 -12.05
CA LEU A 531 25.24 -42.62 -13.16
C LEU A 531 24.11 -41.77 -12.58
N ASN A 532 24.28 -40.47 -12.60
CA ASN A 532 23.34 -39.57 -11.94
C ASN A 532 22.05 -39.46 -12.73
N PHE A 533 20.93 -39.38 -12.01
CA PHE A 533 19.63 -39.27 -12.65
C PHE A 533 19.44 -37.89 -13.26
N ASP A 534 18.92 -37.85 -14.48
CA ASP A 534 18.62 -36.60 -15.15
C ASP A 534 17.26 -36.70 -15.82
N ALA A 535 16.62 -35.55 -16.00
CA ALA A 535 15.26 -35.52 -16.54
C ALA A 535 15.21 -36.04 -17.97
N VAL A 536 16.34 -35.98 -18.69
CA VAL A 536 16.37 -36.46 -20.07
C VAL A 536 16.23 -37.99 -20.09
N ARG A 537 17.17 -38.68 -19.46
CA ARG A 537 17.18 -40.14 -19.50
C ARG A 537 16.05 -40.76 -18.68
N ARG A 538 15.55 -40.04 -17.68
CA ARG A 538 14.47 -40.53 -16.81
C ARG A 538 14.86 -41.82 -16.11
N ARG A 539 16.16 -42.00 -15.86
CA ARG A 539 16.64 -43.21 -15.19
C ARG A 539 18.03 -42.95 -14.65
N MET A 540 18.37 -43.68 -13.59
CA MET A 540 19.69 -43.61 -12.98
C MET A 540 20.23 -45.02 -12.80
N SER A 541 21.55 -45.11 -12.65
CA SER A 541 22.21 -46.41 -12.58
C SER A 541 23.52 -46.27 -11.83
N VAL A 542 24.06 -47.41 -11.40
CA VAL A 542 25.38 -47.47 -10.79
C VAL A 542 26.15 -48.63 -11.39
N ILE A 543 27.48 -48.51 -11.38
CA ILE A 543 28.38 -49.57 -11.80
C ILE A 543 29.20 -49.95 -10.58
N VAL A 544 29.07 -51.20 -10.14
CA VAL A 544 29.68 -51.65 -8.91
C VAL A 544 30.47 -52.93 -9.17
N LYS A 545 31.64 -53.05 -8.55
CA LYS A 545 32.44 -54.25 -8.63
C LYS A 545 32.04 -55.19 -7.49
N THR A 546 31.63 -56.40 -7.84
CA THR A 546 31.31 -57.39 -6.82
C THR A 546 32.56 -57.75 -6.05
N GLN A 547 32.43 -57.90 -4.73
CA GLN A 547 33.58 -58.18 -3.89
C GLN A 547 34.22 -59.51 -4.26
N GLU A 548 33.40 -60.49 -4.66
CA GLU A 548 33.93 -61.77 -5.10
C GLU A 548 33.32 -62.20 -6.43
N GLY A 549 33.18 -61.26 -7.36
CA GLY A 549 32.57 -61.58 -8.64
C GLY A 549 32.80 -60.58 -9.74
N ASP A 550 31.89 -60.57 -10.73
CA ASP A 550 32.04 -59.77 -11.93
C ASP A 550 31.37 -58.40 -11.76
N ILE A 551 31.57 -57.56 -12.77
CA ILE A 551 31.08 -56.19 -12.74
C ILE A 551 29.60 -56.17 -13.08
N LEU A 552 28.83 -55.37 -12.35
CA LEU A 552 27.39 -55.28 -12.51
C LEU A 552 27.00 -53.85 -12.88
N LEU A 553 25.80 -53.71 -13.45
CA LEU A 553 25.21 -52.42 -13.79
C LEU A 553 23.74 -52.47 -13.36
N PHE A 554 23.46 -51.95 -12.17
CA PHE A 554 22.09 -51.86 -11.69
C PHE A 554 21.45 -50.58 -12.20
N CYS A 555 20.23 -50.69 -12.72
CA CYS A 555 19.56 -49.57 -13.35
C CYS A 555 18.12 -49.47 -12.87
N LYS A 556 17.69 -48.23 -12.60
CA LYS A 556 16.32 -47.91 -12.21
C LYS A 556 15.67 -47.08 -13.31
N GLY A 557 14.48 -46.56 -13.03
CA GLY A 557 13.80 -45.66 -13.94
C GLY A 557 12.33 -45.99 -14.06
N ALA A 558 11.61 -45.10 -14.76
CA ALA A 558 10.20 -45.30 -15.01
C ALA A 558 9.98 -46.43 -16.02
N ASP A 559 8.74 -46.90 -16.09
CA ASP A 559 8.40 -47.98 -16.98
C ASP A 559 8.62 -47.59 -18.44
N SER A 560 8.25 -46.35 -18.80
CA SER A 560 8.31 -45.92 -20.20
C SER A 560 9.74 -45.76 -20.69
N ALA A 561 10.72 -45.79 -19.80
CA ALA A 561 12.12 -45.61 -20.19
C ALA A 561 12.93 -46.90 -20.16
N VAL A 562 12.69 -47.76 -19.17
CA VAL A 562 13.51 -48.96 -19.02
C VAL A 562 13.01 -50.09 -19.90
N PHE A 563 11.69 -50.18 -20.08
CA PHE A 563 11.11 -51.31 -20.79
C PHE A 563 11.66 -51.54 -22.20
N PRO A 564 11.91 -50.53 -23.02
CA PRO A 564 12.59 -50.80 -24.31
C PRO A 564 13.94 -51.48 -24.15
N ARG A 565 14.64 -51.25 -23.03
CA ARG A 565 15.93 -51.89 -22.83
C ARG A 565 15.79 -53.36 -22.47
N VAL A 566 14.75 -53.73 -21.72
CA VAL A 566 14.61 -55.09 -21.22
C VAL A 566 13.98 -55.98 -22.28
N GLN A 567 14.00 -57.30 -22.03
CA GLN A 567 13.52 -58.27 -23.01
C GLN A 567 12.00 -58.20 -23.14
N ASN A 568 11.50 -58.52 -24.34
CA ASN A 568 10.08 -58.33 -24.64
C ASN A 568 9.20 -59.25 -23.84
N HIS A 569 9.60 -60.51 -23.65
CA HIS A 569 8.74 -61.48 -22.99
C HIS A 569 8.47 -61.11 -21.53
N GLU A 570 9.43 -60.45 -20.88
CA GLU A 570 9.25 -60.10 -19.47
C GLU A 570 8.25 -58.96 -19.31
N ILE A 571 8.07 -58.14 -20.35
CA ILE A 571 7.25 -56.94 -20.24
C ILE A 571 5.78 -57.30 -20.08
N GLU A 572 5.31 -58.31 -20.82
CA GLU A 572 3.87 -58.56 -20.90
C GLU A 572 3.25 -58.84 -19.54
N LEU A 573 3.99 -59.45 -18.63
CA LEU A 573 3.49 -59.69 -17.28
C LEU A 573 3.75 -58.53 -16.34
N THR A 574 4.85 -57.79 -16.55
CA THR A 574 5.20 -56.70 -15.65
C THR A 574 4.37 -55.45 -15.93
N LYS A 575 4.01 -55.22 -17.20
CA LYS A 575 3.31 -53.99 -17.55
C LYS A 575 1.97 -53.89 -16.85
N VAL A 576 1.21 -54.99 -16.81
CA VAL A 576 -0.11 -54.96 -16.17
C VAL A 576 0.02 -54.70 -14.68
N HIS A 577 1.05 -55.26 -14.03
CA HIS A 577 1.29 -54.95 -12.63
C HIS A 577 1.63 -53.49 -12.44
N VAL A 578 2.42 -52.93 -13.36
CA VAL A 578 2.74 -51.50 -13.30
C VAL A 578 1.47 -50.67 -13.50
N GLU A 579 0.63 -51.05 -14.46
CA GLU A 579 -0.56 -50.28 -14.77
C GLU A 579 -1.50 -50.19 -13.57
N ARG A 580 -1.71 -51.31 -12.87
CA ARG A 580 -2.62 -51.30 -11.74
C ARG A 580 -2.09 -50.39 -10.62
N ASN A 581 -0.79 -50.47 -10.34
CA ASN A 581 -0.19 -49.56 -9.37
C ASN A 581 -0.25 -48.12 -9.87
N ALA A 582 0.05 -47.91 -11.15
CA ALA A 582 0.01 -46.56 -11.71
C ALA A 582 -1.40 -45.99 -11.69
N MET A 583 -2.39 -46.82 -12.02
CA MET A 583 -3.78 -46.36 -12.01
C MET A 583 -4.23 -46.03 -10.58
N ASP A 584 -3.81 -46.82 -9.60
CA ASP A 584 -4.18 -46.61 -8.21
C ASP A 584 -3.36 -45.50 -7.54
N GLY A 585 -2.61 -44.72 -8.32
CA GLY A 585 -1.88 -43.60 -7.75
C GLY A 585 -0.59 -43.95 -7.05
N TYR A 586 0.05 -45.05 -7.44
CA TYR A 586 1.34 -45.44 -6.90
C TYR A 586 2.42 -45.16 -7.93
N ARG A 587 3.47 -44.46 -7.52
CA ARG A 587 4.60 -44.21 -8.41
C ARG A 587 5.42 -45.49 -8.56
N THR A 588 5.76 -45.83 -9.81
CA THR A 588 6.41 -47.08 -10.13
C THR A 588 7.80 -46.82 -10.71
N LEU A 589 8.78 -47.60 -10.25
CA LEU A 589 10.14 -47.54 -10.77
C LEU A 589 10.60 -48.96 -11.09
N CYS A 590 10.93 -49.21 -12.35
CA CYS A 590 11.38 -50.53 -12.76
C CYS A 590 12.88 -50.68 -12.54
N VAL A 591 13.30 -51.88 -12.16
CA VAL A 591 14.69 -52.15 -11.80
C VAL A 591 15.23 -53.27 -12.68
N ALA A 592 16.43 -53.06 -13.22
CA ALA A 592 17.08 -54.06 -14.06
C ALA A 592 18.58 -54.02 -13.80
N PHE A 593 19.25 -55.14 -14.12
CA PHE A 593 20.70 -55.23 -13.96
C PHE A 593 21.32 -55.47 -15.33
N LYS A 594 22.64 -55.60 -15.33
CA LYS A 594 23.38 -55.97 -16.53
C LYS A 594 24.71 -56.57 -16.13
N GLU A 595 25.01 -57.78 -16.62
CA GLU A 595 26.31 -58.38 -16.39
C GLU A 595 27.33 -57.75 -17.32
N ILE A 596 28.46 -57.32 -16.76
CA ILE A 596 29.53 -56.68 -17.52
C ILE A 596 30.79 -57.52 -17.36
N ALA A 597 31.33 -58.00 -18.48
CA ALA A 597 32.59 -58.72 -18.46
C ALA A 597 33.74 -57.75 -18.23
N PRO A 598 34.87 -58.24 -17.69
CA PRO A 598 36.01 -57.33 -17.48
C PRO A 598 36.50 -56.66 -18.75
N ASP A 599 36.49 -57.36 -19.88
CA ASP A 599 36.89 -56.72 -21.14
C ASP A 599 35.91 -55.63 -21.54
N ASP A 600 34.61 -55.86 -21.30
CA ASP A 600 33.63 -54.80 -21.52
C ASP A 600 33.81 -53.66 -20.53
N TYR A 601 34.15 -53.97 -19.28
CA TYR A 601 34.28 -52.93 -18.28
C TYR A 601 35.46 -52.01 -18.58
N GLU A 602 36.57 -52.56 -19.06
CA GLU A 602 37.74 -51.74 -19.35
C GLU A 602 37.45 -50.71 -20.44
N ARG A 603 36.76 -51.14 -21.50
CA ARG A 603 36.41 -50.20 -22.56
C ARG A 603 35.43 -49.14 -22.07
N ILE A 604 34.49 -49.55 -21.21
CA ILE A 604 33.55 -48.61 -20.61
C ILE A 604 34.30 -47.64 -19.71
N ASN A 605 35.21 -48.16 -18.88
CA ASN A 605 35.94 -47.30 -17.94
C ASN A 605 36.77 -46.25 -18.67
N ARG A 606 37.46 -46.66 -19.73
CA ARG A 606 38.20 -45.70 -20.55
C ARG A 606 37.24 -44.71 -21.21
N GLN A 607 36.04 -45.16 -21.56
CA GLN A 607 35.06 -44.27 -22.16
C GLN A 607 34.52 -43.27 -21.13
N LEU A 608 34.30 -43.73 -19.89
CA LEU A 608 33.72 -42.85 -18.88
C LEU A 608 34.70 -41.76 -18.45
N ILE A 609 35.93 -42.12 -18.13
CA ILE A 609 36.88 -41.13 -17.63
C ILE A 609 37.28 -40.16 -18.73
N GLU A 610 37.28 -40.61 -19.98
CA GLU A 610 37.56 -39.70 -21.09
C GLU A 610 36.45 -38.67 -21.23
N ALA A 611 35.20 -39.08 -21.02
CA ALA A 611 34.08 -38.16 -21.16
C ALA A 611 34.06 -37.14 -20.04
N LYS A 612 34.47 -37.53 -18.83
CA LYS A 612 34.49 -36.60 -17.71
C LYS A 612 35.52 -35.50 -17.91
N MET A 613 36.52 -35.75 -18.75
CA MET A 613 37.57 -34.76 -18.97
C MET A 613 37.04 -33.52 -19.66
N ALA A 614 36.12 -33.69 -20.60
CA ALA A 614 35.74 -32.62 -21.49
C ALA A 614 34.80 -31.62 -20.83
N LEU A 615 35.03 -30.34 -21.13
CA LEU A 615 34.15 -29.24 -20.78
C LEU A 615 33.13 -29.03 -21.89
N GLN A 616 32.50 -27.86 -21.94
CA GLN A 616 31.62 -27.50 -23.04
C GLN A 616 30.42 -28.43 -23.15
N ASP A 617 29.51 -28.33 -22.18
CA ASP A 617 28.30 -29.15 -22.12
C ASP A 617 28.66 -30.62 -21.92
N ARG A 618 29.30 -30.89 -20.78
CA ARG A 618 29.62 -32.27 -20.40
C ARG A 618 28.35 -33.08 -20.19
N GLU A 619 27.34 -32.49 -19.55
CA GLU A 619 26.16 -33.26 -19.15
C GLU A 619 25.43 -33.81 -20.36
N GLU A 620 25.32 -33.04 -21.44
CA GLU A 620 24.72 -33.58 -22.65
C GLU A 620 25.56 -34.71 -23.23
N LYS A 621 26.89 -34.57 -23.19
CA LYS A 621 27.75 -35.66 -23.61
C LYS A 621 27.75 -36.79 -22.58
N MET A 622 27.51 -36.48 -21.31
CA MET A 622 27.15 -37.51 -20.35
C MET A 622 25.89 -38.26 -20.80
N GLU A 623 24.86 -37.52 -21.22
CA GLU A 623 23.58 -38.13 -21.56
C GLU A 623 23.73 -39.21 -22.63
N LYS A 624 24.74 -39.10 -23.48
CA LYS A 624 24.95 -40.07 -24.54
C LYS A 624 26.02 -41.09 -24.21
N VAL A 625 27.04 -40.72 -23.44
CA VAL A 625 28.19 -41.60 -23.24
C VAL A 625 27.78 -42.87 -22.48
N PHE A 626 26.75 -42.79 -21.64
CA PHE A 626 26.26 -43.97 -20.96
C PHE A 626 24.82 -44.34 -21.27
N ASP A 627 24.15 -43.61 -22.17
CA ASP A 627 22.87 -44.08 -22.68
C ASP A 627 23.05 -45.37 -23.48
N ASP A 628 24.11 -45.44 -24.28
CA ASP A 628 24.40 -46.65 -25.04
C ASP A 628 24.98 -47.77 -24.20
N ILE A 629 25.47 -47.46 -22.99
CA ILE A 629 25.97 -48.51 -22.11
C ILE A 629 24.83 -49.38 -21.61
N GLU A 630 23.71 -48.75 -21.25
CA GLU A 630 22.55 -49.47 -20.72
C GLU A 630 21.54 -49.69 -21.84
N THR A 631 21.83 -50.69 -22.68
CA THR A 631 20.97 -51.02 -23.81
C THR A 631 20.35 -52.39 -23.57
N ASN A 632 21.14 -53.43 -23.37
CA ASN A 632 20.61 -54.78 -23.18
C ASN A 632 20.67 -55.13 -21.70
N MET A 633 19.54 -55.04 -21.02
CA MET A 633 19.45 -55.31 -19.59
C MET A 633 18.34 -56.29 -19.31
N ASN A 634 18.47 -57.03 -18.21
CA ASN A 634 17.50 -58.03 -17.79
C ASN A 634 16.62 -57.45 -16.70
N LEU A 635 15.30 -57.46 -16.93
CA LEU A 635 14.37 -56.91 -15.96
C LEU A 635 14.19 -57.85 -14.79
N ILE A 636 14.09 -57.29 -13.58
CA ILE A 636 13.77 -58.07 -12.39
C ILE A 636 12.30 -57.85 -12.04
N GLY A 637 11.94 -56.63 -11.70
CA GLY A 637 10.57 -56.31 -11.35
C GLY A 637 10.45 -54.84 -11.03
N ALA A 638 9.20 -54.41 -10.94
CA ALA A 638 8.88 -53.02 -10.65
C ALA A 638 8.62 -52.85 -9.16
N THR A 639 8.15 -51.68 -8.76
CA THR A 639 7.86 -51.39 -7.37
C THR A 639 6.75 -50.34 -7.31
N ALA A 640 6.25 -50.11 -6.10
CA ALA A 640 5.21 -49.12 -5.88
C ALA A 640 5.54 -48.32 -4.63
N VAL A 641 5.37 -47.01 -4.71
CA VAL A 641 5.53 -46.13 -3.56
C VAL A 641 4.33 -45.21 -3.48
N GLU A 642 4.05 -44.74 -2.27
CA GLU A 642 2.88 -43.93 -1.98
C GLU A 642 3.32 -42.49 -1.72
N ASP A 643 2.58 -41.54 -2.29
CA ASP A 643 2.81 -40.12 -2.05
C ASP A 643 1.61 -39.59 -1.28
N LYS A 644 1.74 -39.54 0.04
CA LYS A 644 0.64 -39.10 0.89
C LYS A 644 0.40 -37.61 0.75
N LEU A 645 -0.86 -37.21 0.80
CA LEU A 645 -1.22 -35.80 0.74
C LEU A 645 -0.72 -35.06 1.98
N GLN A 646 -0.86 -33.74 1.94
CA GLN A 646 -0.46 -32.90 3.06
C GLN A 646 -1.50 -33.00 4.17
N ASP A 647 -1.34 -32.14 5.17
CA ASP A 647 -2.16 -32.20 6.38
C ASP A 647 -3.66 -32.07 6.08
N GLN A 648 -4.06 -30.92 5.55
CA GLN A 648 -5.46 -30.63 5.31
C GLN A 648 -5.70 -30.21 3.85
N ALA A 649 -5.00 -30.88 2.93
CA ALA A 649 -5.12 -30.51 1.52
C ALA A 649 -6.53 -30.71 1.00
N ALA A 650 -7.23 -31.73 1.51
CA ALA A 650 -8.62 -31.92 1.13
C ALA A 650 -9.51 -30.83 1.73
N GLU A 651 -9.20 -30.39 2.96
CA GLU A 651 -9.98 -29.34 3.58
C GLU A 651 -9.65 -27.97 2.99
N THR A 652 -8.38 -27.74 2.65
CA THR A 652 -8.00 -26.47 2.06
C THR A 652 -8.68 -26.25 0.71
N ILE A 653 -8.70 -27.29 -0.13
CA ILE A 653 -9.33 -27.17 -1.45
C ILE A 653 -10.84 -27.02 -1.30
N GLU A 654 -11.42 -27.68 -0.30
CA GLU A 654 -12.86 -27.52 -0.07
C GLU A 654 -13.21 -26.09 0.27
N ALA A 655 -12.34 -25.41 1.02
CA ALA A 655 -12.59 -24.00 1.35
C ALA A 655 -12.33 -23.08 0.16
N LEU A 656 -11.32 -23.41 -0.66
CA LEU A 656 -11.03 -22.58 -1.82
C LEU A 656 -12.19 -22.58 -2.80
N HIS A 657 -12.81 -23.74 -3.03
CA HIS A 657 -14.00 -23.80 -3.86
C HIS A 657 -15.15 -23.03 -3.21
N ALA A 658 -15.32 -23.16 -1.90
CA ALA A 658 -16.39 -22.46 -1.21
C ALA A 658 -16.19 -20.95 -1.27
N ALA A 659 -14.94 -20.50 -1.41
CA ALA A 659 -14.66 -19.08 -1.54
C ALA A 659 -14.89 -18.57 -2.96
N GLY A 660 -15.11 -19.45 -3.92
CA GLY A 660 -15.37 -19.04 -5.29
C GLY A 660 -14.15 -19.01 -6.19
N LEU A 661 -13.10 -19.75 -5.85
CA LEU A 661 -11.88 -19.78 -6.64
C LEU A 661 -11.84 -21.06 -7.47
N LYS A 662 -11.41 -20.95 -8.71
CA LYS A 662 -11.22 -22.11 -9.58
C LYS A 662 -9.80 -22.64 -9.38
N VAL A 663 -9.68 -23.90 -9.00
CA VAL A 663 -8.40 -24.52 -8.72
C VAL A 663 -8.02 -25.38 -9.91
N TRP A 664 -6.87 -25.08 -10.51
CA TRP A 664 -6.28 -25.89 -11.57
C TRP A 664 -4.99 -26.51 -11.07
N VAL A 665 -4.73 -27.75 -11.47
CA VAL A 665 -3.52 -28.46 -11.08
C VAL A 665 -2.63 -28.58 -12.30
N LEU A 666 -1.59 -27.77 -12.37
CA LEU A 666 -0.59 -27.87 -13.42
C LEU A 666 0.59 -28.68 -12.90
N THR A 667 0.85 -29.82 -13.53
CA THR A 667 1.82 -30.76 -13.03
C THR A 667 2.61 -31.36 -14.18
N GLY A 668 3.77 -31.93 -13.83
CA GLY A 668 4.64 -32.54 -14.82
C GLY A 668 4.91 -34.00 -14.56
N ASP A 669 3.92 -34.72 -14.03
CA ASP A 669 4.03 -36.14 -13.83
C ASP A 669 2.97 -36.86 -14.67
N LYS A 670 2.90 -38.18 -14.54
CA LYS A 670 2.05 -38.99 -15.40
C LYS A 670 0.58 -38.68 -15.13
N MET A 671 -0.26 -38.93 -16.14
CA MET A 671 -1.66 -38.57 -16.07
C MET A 671 -2.39 -39.41 -15.03
N GLU A 672 -2.21 -40.73 -15.07
CA GLU A 672 -2.98 -41.60 -14.18
C GLU A 672 -2.54 -41.45 -12.73
N THR A 673 -1.28 -41.13 -12.49
CA THR A 673 -0.83 -40.90 -11.11
C THR A 673 -1.39 -39.59 -10.58
N ALA A 674 -1.40 -38.55 -11.41
CA ALA A 674 -1.99 -37.28 -11.00
C ALA A 674 -3.51 -37.37 -10.90
N LYS A 675 -4.13 -38.22 -11.72
CA LYS A 675 -5.57 -38.36 -11.69
C LYS A 675 -6.05 -38.91 -10.34
N SER A 676 -5.33 -39.88 -9.79
CA SER A 676 -5.75 -40.48 -8.52
C SER A 676 -5.69 -39.48 -7.39
N THR A 677 -4.65 -38.65 -7.35
CA THR A 677 -4.53 -37.64 -6.30
C THR A 677 -5.66 -36.62 -6.37
N CYS A 678 -6.06 -36.23 -7.58
CA CYS A 678 -7.15 -35.28 -7.71
C CYS A 678 -8.44 -35.84 -7.11
N TYR A 679 -8.68 -37.15 -7.27
CA TYR A 679 -9.81 -37.76 -6.58
C TYR A 679 -9.62 -37.74 -5.07
N ALA A 680 -8.38 -37.97 -4.62
CA ALA A 680 -8.11 -37.92 -3.19
C ALA A 680 -8.27 -36.52 -2.62
N CYS A 681 -7.81 -35.51 -3.34
CA CYS A 681 -7.89 -34.12 -2.89
C CYS A 681 -9.31 -33.55 -3.00
N ARG A 682 -10.30 -34.37 -3.31
CA ARG A 682 -11.68 -33.95 -3.52
C ARG A 682 -11.81 -32.94 -4.65
N LEU A 683 -10.79 -32.81 -5.51
CA LEU A 683 -10.89 -31.91 -6.66
C LEU A 683 -11.94 -32.40 -7.65
N PHE A 684 -12.01 -33.71 -7.86
CA PHE A 684 -13.04 -34.32 -8.68
C PHE A 684 -13.98 -35.13 -7.80
N GLN A 685 -15.27 -34.86 -7.89
CA GLN A 685 -16.26 -35.72 -7.27
C GLN A 685 -16.52 -36.92 -8.18
N THR A 686 -17.18 -37.94 -7.62
CA THR A 686 -17.36 -39.20 -8.34
C THR A 686 -18.22 -39.01 -9.58
N ASN A 687 -19.28 -38.21 -9.48
CA ASN A 687 -20.19 -38.03 -10.60
C ASN A 687 -19.59 -37.24 -11.76
N THR A 688 -18.42 -36.63 -11.57
CA THR A 688 -17.83 -35.76 -12.57
C THR A 688 -17.51 -36.53 -13.84
N GLU A 689 -17.86 -35.96 -14.99
CA GLU A 689 -17.51 -36.54 -16.28
C GLU A 689 -16.14 -36.02 -16.71
N LEU A 690 -15.24 -36.94 -17.08
CA LEU A 690 -13.86 -36.61 -17.37
C LEU A 690 -13.70 -36.43 -18.87
N LEU A 691 -13.49 -35.19 -19.31
CA LEU A 691 -13.24 -34.89 -20.72
C LEU A 691 -11.73 -34.90 -20.93
N GLU A 692 -11.20 -36.02 -21.40
CA GLU A 692 -9.75 -36.22 -21.45
C GLU A 692 -9.22 -35.75 -22.80
N LEU A 693 -8.50 -34.64 -22.79
CA LEU A 693 -7.72 -34.20 -23.95
C LEU A 693 -6.31 -34.75 -23.88
N THR A 694 -6.22 -36.06 -23.71
CA THR A 694 -4.94 -36.73 -23.57
C THR A 694 -4.37 -37.11 -24.94
N THR A 695 -3.14 -37.64 -24.92
CA THR A 695 -2.50 -38.03 -26.17
C THR A 695 -3.10 -39.32 -26.73
N LYS A 696 -3.62 -40.19 -25.86
CA LYS A 696 -4.21 -41.43 -26.36
C LYS A 696 -5.50 -41.16 -27.12
N THR A 697 -6.31 -40.21 -26.64
CA THR A 697 -7.53 -39.85 -27.35
C THR A 697 -7.23 -39.08 -28.63
N ILE A 698 -6.33 -38.09 -28.54
CA ILE A 698 -5.93 -37.32 -29.70
C ILE A 698 -4.68 -37.96 -30.31
N GLU A 699 -4.88 -38.96 -31.17
CA GLU A 699 -3.75 -39.53 -31.89
C GLU A 699 -3.64 -38.94 -33.30
N GLU A 700 -4.76 -38.52 -33.87
CA GLU A 700 -4.78 -37.94 -35.21
C GLU A 700 -4.84 -36.43 -35.12
N SER A 701 -4.30 -35.76 -36.15
CA SER A 701 -4.29 -34.30 -36.16
C SER A 701 -5.70 -33.75 -36.32
N GLU A 702 -6.47 -34.29 -37.27
CA GLU A 702 -7.81 -33.77 -37.50
C GLU A 702 -8.80 -34.25 -36.45
N ARG A 703 -8.44 -35.27 -35.67
CA ARG A 703 -9.29 -35.66 -34.55
C ARG A 703 -9.41 -34.52 -33.55
N LYS A 704 -8.31 -33.81 -33.33
CA LYS A 704 -8.32 -32.67 -32.40
C LYS A 704 -9.35 -31.63 -32.83
N GLU A 705 -9.45 -31.38 -34.13
CA GLU A 705 -10.42 -30.40 -34.60
C GLU A 705 -11.84 -30.82 -34.23
N ASP A 706 -12.20 -32.07 -34.51
CA ASP A 706 -13.54 -32.53 -34.18
C ASP A 706 -13.71 -32.67 -32.67
N ARG A 707 -12.70 -33.21 -31.98
CA ARG A 707 -12.89 -33.62 -30.60
C ARG A 707 -12.84 -32.41 -29.67
N LEU A 708 -12.25 -31.31 -30.13
CA LEU A 708 -12.32 -30.06 -29.39
C LEU A 708 -13.67 -29.38 -29.51
N HIS A 709 -14.33 -29.58 -30.65
CA HIS A 709 -15.60 -28.90 -30.88
C HIS A 709 -16.76 -29.62 -30.24
N GLU A 710 -16.69 -30.95 -30.08
CA GLU A 710 -17.82 -31.69 -29.54
C GLU A 710 -18.04 -31.39 -28.06
N LEU A 711 -16.96 -31.10 -27.32
CA LEU A 711 -17.14 -30.64 -25.94
C LEU A 711 -17.91 -29.33 -25.88
N LEU A 712 -17.56 -28.38 -26.76
CA LEU A 712 -18.36 -27.17 -26.85
C LEU A 712 -19.79 -27.51 -27.23
N ILE A 713 -19.96 -28.47 -28.15
CA ILE A 713 -21.29 -28.98 -28.44
C ILE A 713 -21.87 -29.67 -27.22
N GLU A 714 -21.08 -30.54 -26.57
CA GLU A 714 -21.59 -31.31 -25.43
C GLU A 714 -21.87 -30.42 -24.23
N TYR A 715 -20.98 -29.52 -23.88
CA TYR A 715 -21.16 -28.72 -22.66
C TYR A 715 -22.25 -27.66 -22.84
N ARG A 716 -22.32 -27.05 -24.01
CA ARG A 716 -23.33 -26.03 -24.23
C ARG A 716 -24.73 -26.60 -24.09
N LYS A 717 -24.87 -27.91 -24.30
CA LYS A 717 -26.17 -28.56 -24.06
C LYS A 717 -26.55 -28.49 -22.58
N LYS A 718 -25.56 -28.62 -21.70
CA LYS A 718 -25.80 -28.39 -20.27
C LYS A 718 -26.08 -26.93 -19.99
N LEU A 719 -25.57 -26.03 -20.83
CA LEU A 719 -25.78 -24.60 -20.69
C LEU A 719 -26.89 -24.08 -21.58
N LEU A 720 -27.62 -24.96 -22.27
CA LEU A 720 -28.70 -24.59 -23.17
C LEU A 720 -28.25 -23.64 -24.27
N HIS A 737 -22.12 -27.36 -14.85
CA HIS A 737 -21.11 -26.58 -14.14
C HIS A 737 -20.13 -27.49 -13.40
N GLN A 738 -20.46 -27.84 -12.16
CA GLN A 738 -19.58 -28.69 -11.37
C GLN A 738 -19.76 -30.18 -11.67
N GLU A 739 -20.29 -30.52 -12.84
CA GLU A 739 -20.46 -31.91 -13.25
C GLU A 739 -19.40 -32.36 -14.26
N TYR A 740 -18.55 -31.45 -14.73
CA TYR A 740 -17.58 -31.77 -15.76
C TYR A 740 -16.18 -31.32 -15.33
N GLY A 741 -15.20 -32.15 -15.61
CA GLY A 741 -13.80 -31.80 -15.34
C GLY A 741 -12.93 -32.17 -16.52
N LEU A 742 -11.88 -31.37 -16.73
CA LEU A 742 -11.07 -31.47 -17.93
C LEU A 742 -9.67 -31.94 -17.57
N ILE A 743 -9.09 -32.78 -18.42
CA ILE A 743 -7.72 -33.27 -18.28
C ILE A 743 -6.96 -32.88 -19.55
N ILE A 744 -5.76 -32.32 -19.37
CA ILE A 744 -4.95 -31.87 -20.48
C ILE A 744 -3.57 -32.51 -20.37
N ASP A 745 -3.06 -32.98 -21.50
CA ASP A 745 -1.68 -33.43 -21.58
C ASP A 745 -0.82 -32.32 -22.18
N GLY A 746 0.47 -32.33 -21.82
CA GLY A 746 1.37 -31.31 -22.31
C GLY A 746 1.53 -31.35 -23.82
N SER A 747 1.58 -32.55 -24.39
CA SER A 747 1.71 -32.68 -25.84
C SER A 747 0.48 -32.13 -26.55
N THR A 748 -0.72 -32.42 -26.04
CA THR A 748 -1.93 -31.88 -26.62
C THR A 748 -1.99 -30.36 -26.46
N LEU A 749 -1.59 -29.84 -25.30
CA LEU A 749 -1.64 -28.41 -25.07
C LEU A 749 -0.73 -27.65 -26.02
N SER A 750 0.47 -28.17 -26.27
CA SER A 750 1.39 -27.50 -27.17
C SER A 750 0.81 -27.38 -28.57
N LEU A 751 0.09 -28.41 -29.02
CA LEU A 751 -0.58 -28.32 -30.31
C LEU A 751 -1.66 -27.23 -30.33
N ILE A 752 -2.42 -27.12 -29.24
CA ILE A 752 -3.48 -26.11 -29.18
C ILE A 752 -2.91 -24.71 -29.26
N LEU A 753 -1.77 -24.47 -28.61
CA LEU A 753 -1.19 -23.14 -28.52
C LEU A 753 -0.26 -22.81 -29.69
N ASN A 754 0.56 -23.77 -30.11
CA ASN A 754 1.42 -23.54 -31.26
C ASN A 754 0.67 -23.74 -32.57
N SER A 755 0.14 -24.94 -32.78
CA SER A 755 -0.56 -25.27 -34.03
C SER A 755 -1.97 -24.68 -34.06
N SER A 756 -2.05 -23.38 -33.80
CA SER A 756 -3.32 -22.66 -33.81
C SER A 756 -3.44 -21.68 -34.98
N GLN A 757 -2.35 -21.43 -35.69
CA GLN A 757 -2.40 -20.54 -36.84
C GLN A 757 -3.16 -21.15 -38.01
N ASP A 758 -3.36 -22.47 -38.01
CA ASP A 758 -4.06 -23.10 -39.11
C ASP A 758 -5.55 -22.75 -39.10
N SER A 759 -6.12 -22.50 -37.93
CA SER A 759 -7.55 -22.21 -37.78
C SER A 759 -7.69 -20.76 -37.34
N SER A 760 -8.14 -19.90 -38.25
CA SER A 760 -8.30 -18.48 -37.94
C SER A 760 -9.72 -18.18 -37.47
N SER A 761 -10.72 -18.53 -38.29
CA SER A 761 -12.11 -18.28 -37.93
C SER A 761 -12.51 -19.05 -36.68
N ASN A 762 -12.21 -20.34 -36.66
CA ASN A 762 -12.46 -21.17 -35.48
C ASN A 762 -11.18 -21.30 -34.67
N ASN A 763 -10.88 -20.23 -33.93
CA ASN A 763 -9.65 -20.16 -33.16
C ASN A 763 -9.60 -21.30 -32.14
N TYR A 764 -8.54 -22.10 -32.20
CA TYR A 764 -8.43 -23.27 -31.34
C TYR A 764 -8.47 -22.88 -29.87
N LYS A 765 -7.60 -21.94 -29.47
CA LYS A 765 -7.47 -21.60 -28.06
C LYS A 765 -8.71 -20.92 -27.52
N SER A 766 -9.38 -20.08 -28.32
CA SER A 766 -10.58 -19.40 -27.86
C SER A 766 -11.67 -20.40 -27.48
N ILE A 767 -11.86 -21.43 -28.32
CA ILE A 767 -12.79 -22.50 -27.99
C ILE A 767 -12.29 -23.27 -26.77
N PHE A 768 -10.98 -23.50 -26.71
CA PHE A 768 -10.41 -24.24 -25.59
C PHE A 768 -10.59 -23.50 -24.27
N LEU A 769 -10.41 -22.17 -24.29
CA LEU A 769 -10.62 -21.39 -23.08
C LEU A 769 -12.08 -21.39 -22.66
N GLN A 770 -13.00 -21.39 -23.63
CA GLN A 770 -14.42 -21.41 -23.30
C GLN A 770 -14.79 -22.66 -22.53
N ILE A 771 -14.17 -23.80 -22.87
CA ILE A 771 -14.42 -25.04 -22.14
C ILE A 771 -13.86 -24.94 -20.73
N CYS A 772 -12.61 -24.49 -20.61
CA CYS A 772 -11.94 -24.45 -19.30
C CYS A 772 -12.64 -23.49 -18.34
N MET A 773 -13.03 -22.33 -18.84
CA MET A 773 -13.55 -21.26 -18.00
C MET A 773 -14.82 -21.64 -17.26
N LYS A 774 -15.52 -22.69 -17.71
CA LYS A 774 -16.79 -23.08 -17.11
C LYS A 774 -16.75 -24.51 -16.58
N CYS A 775 -15.57 -25.06 -16.33
CA CYS A 775 -15.42 -26.41 -15.81
C CYS A 775 -15.14 -26.39 -14.32
N THR A 776 -15.20 -27.57 -13.70
CA THR A 776 -14.93 -27.67 -12.28
C THR A 776 -13.47 -27.39 -11.97
N ALA A 777 -12.58 -28.22 -12.49
CA ALA A 777 -11.15 -28.11 -12.20
C ALA A 777 -10.38 -28.79 -13.33
N VAL A 778 -9.48 -28.04 -13.96
CA VAL A 778 -8.77 -28.50 -15.14
C VAL A 778 -7.44 -29.08 -14.69
N LEU A 779 -7.36 -30.41 -14.64
CA LEU A 779 -6.09 -31.09 -14.41
C LEU A 779 -5.24 -31.00 -15.68
N CYS A 780 -3.96 -30.71 -15.51
CA CYS A 780 -3.03 -30.60 -16.63
C CYS A 780 -1.77 -31.38 -16.28
N CYS A 781 -1.50 -32.43 -17.05
CA CYS A 781 -0.43 -33.37 -16.73
C CYS A 781 0.67 -33.32 -17.78
N ARG A 782 1.84 -33.79 -17.36
CA ARG A 782 3.01 -33.92 -18.24
C ARG A 782 3.32 -32.61 -18.96
N MET A 783 3.44 -31.55 -18.17
CA MET A 783 3.67 -30.21 -18.70
C MET A 783 5.05 -29.71 -18.30
N ALA A 784 5.83 -29.28 -19.27
CA ALA A 784 7.12 -28.68 -19.03
C ALA A 784 6.94 -27.31 -18.36
N PRO A 785 7.98 -26.81 -17.68
CA PRO A 785 7.84 -25.51 -17.00
C PRO A 785 7.41 -24.38 -17.92
N LEU A 786 7.84 -24.38 -19.18
CA LEU A 786 7.40 -23.34 -20.10
C LEU A 786 5.89 -23.38 -20.30
N GLN A 787 5.33 -24.58 -20.44
CA GLN A 787 3.89 -24.69 -20.66
C GLN A 787 3.10 -24.24 -19.44
N LYS A 788 3.68 -24.34 -18.25
CA LYS A 788 3.00 -23.86 -17.05
C LYS A 788 2.79 -22.35 -17.12
N ALA A 789 3.79 -21.62 -17.62
CA ALA A 789 3.66 -20.17 -17.75
C ALA A 789 2.59 -19.81 -18.78
N GLN A 790 2.50 -20.57 -19.87
CA GLN A 790 1.57 -20.23 -20.93
C GLN A 790 0.12 -20.32 -20.45
N ILE A 791 -0.19 -21.32 -19.64
CA ILE A 791 -1.54 -21.46 -19.11
C ILE A 791 -1.88 -20.27 -18.22
N VAL A 792 -0.96 -19.90 -17.33
CA VAL A 792 -1.18 -18.75 -16.46
C VAL A 792 -1.32 -17.48 -17.28
N ARG A 793 -0.40 -17.27 -18.24
CA ARG A 793 -0.45 -16.07 -19.06
C ARG A 793 -1.73 -16.00 -19.88
N MET A 794 -2.26 -17.16 -20.29
CA MET A 794 -3.48 -17.19 -21.08
C MET A 794 -4.69 -16.75 -20.26
N VAL A 795 -4.75 -17.17 -19.00
CA VAL A 795 -5.89 -16.83 -18.16
C VAL A 795 -5.90 -15.34 -17.84
N LYS A 796 -4.71 -14.74 -17.69
CA LYS A 796 -4.62 -13.35 -17.24
C LYS A 796 -5.31 -12.40 -18.22
N ASN A 797 -5.09 -12.60 -19.51
CA ASN A 797 -5.62 -11.66 -20.50
C ASN A 797 -6.91 -12.15 -21.14
N LEU A 798 -8.00 -12.17 -20.37
CA LEU A 798 -9.31 -12.53 -20.92
C LEU A 798 -10.41 -12.03 -20.01
N LYS A 799 -11.46 -11.47 -20.62
CA LYS A 799 -12.66 -11.01 -19.93
C LYS A 799 -12.34 -10.20 -18.68
N GLY A 800 -11.64 -9.08 -18.84
CA GLY A 800 -11.30 -8.25 -17.70
C GLY A 800 -9.97 -8.65 -17.08
N SER A 801 -9.94 -8.71 -15.75
CA SER A 801 -8.72 -9.02 -15.01
C SER A 801 -9.00 -10.13 -14.01
N PRO A 802 -8.93 -11.39 -14.44
CA PRO A 802 -9.00 -12.51 -13.47
C PRO A 802 -7.68 -12.63 -12.73
N ILE A 803 -7.71 -12.34 -11.43
CA ILE A 803 -6.50 -12.37 -10.62
C ILE A 803 -6.08 -13.82 -10.42
N THR A 804 -4.83 -14.13 -10.73
CA THR A 804 -4.32 -15.50 -10.71
C THR A 804 -3.29 -15.64 -9.60
N LEU A 805 -3.32 -16.78 -8.90
CA LEU A 805 -2.33 -17.11 -7.88
C LEU A 805 -1.75 -18.47 -8.21
N SER A 806 -0.42 -18.54 -8.31
CA SER A 806 0.28 -19.78 -8.60
C SER A 806 1.15 -20.16 -7.42
N ILE A 807 1.04 -21.41 -6.97
CA ILE A 807 1.74 -21.90 -5.80
C ILE A 807 2.57 -23.12 -6.22
N GLY A 808 3.84 -23.14 -5.85
CA GLY A 808 4.74 -24.20 -6.23
C GLY A 808 5.86 -24.36 -5.22
N ASP A 809 6.69 -25.37 -5.44
CA ASP A 809 7.78 -25.63 -4.50
C ASP A 809 9.11 -25.99 -5.17
N GLY A 810 9.21 -25.95 -6.50
CA GLY A 810 10.42 -26.38 -7.17
C GLY A 810 10.75 -25.47 -8.35
N ALA A 811 11.89 -25.78 -8.98
CA ALA A 811 12.33 -25.01 -10.13
C ALA A 811 11.42 -25.18 -11.33
N ASN A 812 10.55 -26.20 -11.33
CA ASN A 812 9.56 -26.34 -12.39
C ASN A 812 8.43 -25.34 -12.24
N ASP A 813 8.34 -24.65 -11.10
CA ASP A 813 7.27 -23.72 -10.82
C ASP A 813 7.71 -22.26 -10.83
N VAL A 814 9.01 -22.00 -10.98
CA VAL A 814 9.50 -20.62 -11.00
C VAL A 814 8.91 -19.88 -12.18
N SER A 815 8.74 -20.57 -13.31
CA SER A 815 8.21 -19.93 -14.51
C SER A 815 6.79 -19.40 -14.28
N MET A 816 5.94 -20.19 -13.65
CA MET A 816 4.56 -19.77 -13.46
C MET A 816 4.40 -18.87 -12.24
N ILE A 817 5.29 -18.99 -11.24
CA ILE A 817 5.23 -18.13 -10.08
C ILE A 817 5.50 -16.68 -10.49
N LEU A 818 6.49 -16.48 -11.36
CA LEU A 818 6.83 -15.13 -11.79
C LEU A 818 5.73 -14.51 -12.66
N GLU A 819 5.05 -15.32 -13.47
CA GLU A 819 4.08 -14.77 -14.40
C GLU A 819 2.76 -14.41 -13.71
N SER A 820 2.36 -15.16 -12.69
CA SER A 820 1.05 -14.95 -12.11
C SER A 820 0.99 -13.63 -11.36
N HIS A 821 -0.23 -13.19 -11.05
CA HIS A 821 -0.42 -11.94 -10.32
C HIS A 821 0.20 -12.03 -8.92
N VAL A 822 0.00 -13.15 -8.25
CA VAL A 822 0.58 -13.42 -6.93
C VAL A 822 1.31 -14.74 -7.00
N GLY A 823 2.54 -14.77 -6.51
CA GLY A 823 3.29 -16.00 -6.47
C GLY A 823 3.56 -16.48 -5.07
N ILE A 824 3.12 -17.69 -4.74
CA ILE A 824 3.32 -18.29 -3.43
C ILE A 824 4.32 -19.42 -3.58
N GLY A 825 5.39 -19.38 -2.80
CA GLY A 825 6.40 -20.41 -2.86
C GLY A 825 6.48 -21.24 -1.60
N ILE A 826 6.09 -22.51 -1.69
CA ILE A 826 6.13 -23.38 -0.53
C ILE A 826 7.57 -23.77 -0.24
N LYS A 827 7.95 -23.72 1.04
CA LYS A 827 9.28 -24.15 1.48
C LYS A 827 9.29 -25.67 1.57
N GLY A 828 9.53 -26.30 0.42
CA GLY A 828 9.57 -27.75 0.34
C GLY A 828 10.99 -28.29 0.42
N LYS A 829 11.08 -29.62 0.34
CA LYS A 829 12.37 -30.29 0.35
C LYS A 829 13.10 -30.16 -0.98
N GLU A 830 12.41 -29.76 -2.05
CA GLU A 830 13.05 -29.70 -3.35
C GLU A 830 14.06 -28.58 -3.46
N GLY A 831 13.89 -27.52 -2.71
CA GLY A 831 14.81 -26.41 -2.73
C GLY A 831 14.14 -25.12 -2.31
N ARG A 832 14.89 -24.04 -2.41
CA ARG A 832 14.39 -22.71 -2.09
C ARG A 832 14.26 -21.82 -3.31
N GLN A 833 14.30 -22.39 -4.52
CA GLN A 833 14.15 -21.59 -5.73
C GLN A 833 12.76 -20.98 -5.81
N ALA A 834 11.74 -21.76 -5.45
CA ALA A 834 10.37 -21.25 -5.50
C ALA A 834 10.14 -20.19 -4.44
N ALA A 835 10.70 -20.39 -3.25
CA ALA A 835 10.53 -19.42 -2.17
C ALA A 835 11.24 -18.11 -2.49
N ARG A 836 12.42 -18.17 -3.10
CA ARG A 836 13.20 -16.96 -3.35
C ARG A 836 12.53 -16.07 -4.40
N ASN A 837 11.91 -16.67 -5.40
CA ASN A 837 11.29 -15.93 -6.49
C ASN A 837 9.83 -15.61 -6.24
N SER A 838 9.30 -15.95 -5.07
CA SER A 838 7.89 -15.76 -4.75
C SER A 838 7.67 -14.45 -4.02
N ASP A 839 6.44 -13.94 -4.11
CA ASP A 839 6.07 -12.77 -3.32
C ASP A 839 5.93 -13.14 -1.85
N TYR A 840 5.31 -14.28 -1.56
CA TYR A 840 5.13 -14.77 -0.20
C TYR A 840 5.53 -16.23 -0.15
N SER A 841 5.99 -16.68 1.01
CA SER A 841 6.41 -18.06 1.21
C SER A 841 5.69 -18.62 2.42
N VAL A 842 5.20 -19.85 2.31
CA VAL A 842 4.56 -20.54 3.42
C VAL A 842 5.18 -21.91 3.55
N PRO A 843 5.26 -22.49 4.76
CA PRO A 843 5.88 -23.82 4.90
C PRO A 843 4.96 -24.97 4.50
N LYS A 844 3.65 -24.78 4.50
CA LYS A 844 2.71 -25.84 4.16
C LYS A 844 1.67 -25.29 3.20
N PHE A 845 0.96 -26.21 2.54
CA PHE A 845 -0.10 -25.78 1.62
C PHE A 845 -1.36 -25.37 2.38
N LYS A 846 -1.59 -25.96 3.55
CA LYS A 846 -2.81 -25.64 4.29
C LYS A 846 -2.80 -24.21 4.80
N HIS A 847 -1.67 -23.52 4.73
CA HIS A 847 -1.59 -22.13 5.13
C HIS A 847 -2.14 -21.20 4.06
N LEU A 848 -2.44 -21.71 2.86
CA LEU A 848 -3.08 -20.88 1.84
C LEU A 848 -4.49 -20.49 2.26
N LYS A 849 -5.14 -21.30 3.09
CA LYS A 849 -6.47 -20.97 3.58
C LYS A 849 -6.43 -19.74 4.47
N LYS A 850 -5.47 -19.70 5.40
CA LYS A 850 -5.35 -18.55 6.28
C LYS A 850 -4.86 -17.31 5.54
N LEU A 851 -3.96 -17.51 4.57
CA LEU A 851 -3.37 -16.36 3.88
C LEU A 851 -4.41 -15.62 3.05
N LEU A 852 -5.27 -16.34 2.34
CA LEU A 852 -6.22 -15.70 1.44
C LEU A 852 -7.49 -15.25 2.16
N LEU A 853 -8.07 -16.11 2.99
CA LEU A 853 -9.37 -15.81 3.56
C LEU A 853 -9.26 -14.81 4.70
N ALA A 854 -8.19 -14.84 5.48
CA ALA A 854 -8.07 -13.95 6.63
C ALA A 854 -7.21 -12.73 6.33
N HIS A 855 -5.96 -12.95 5.94
CA HIS A 855 -5.06 -11.84 5.70
C HIS A 855 -5.42 -11.12 4.40
N GLY A 856 -5.69 -11.88 3.34
CA GLY A 856 -6.02 -11.27 2.07
C GLY A 856 -7.29 -10.45 2.14
N HIS A 857 -8.31 -10.98 2.81
CA HIS A 857 -9.57 -10.24 2.95
C HIS A 857 -9.37 -8.96 3.76
N LEU A 858 -8.58 -9.03 4.83
CA LEU A 858 -8.39 -7.87 5.68
C LEU A 858 -7.50 -6.83 5.01
N TYR A 859 -6.47 -7.28 4.29
CA TYR A 859 -5.59 -6.35 3.61
C TYR A 859 -6.33 -5.54 2.56
N TYR A 860 -7.27 -6.18 1.84
CA TYR A 860 -7.99 -5.48 0.80
C TYR A 860 -8.96 -4.46 1.38
N VAL A 861 -9.72 -4.85 2.40
CA VAL A 861 -10.75 -3.97 2.93
C VAL A 861 -10.13 -2.72 3.55
N ARG A 862 -9.01 -2.88 4.25
CA ARG A 862 -8.37 -1.74 4.90
C ARG A 862 -7.89 -0.71 3.89
N ILE A 863 -7.34 -1.17 2.77
CA ILE A 863 -6.78 -0.23 1.80
C ILE A 863 -7.83 0.22 0.80
N ALA A 864 -8.86 -0.58 0.55
CA ALA A 864 -9.93 -0.13 -0.32
C ALA A 864 -10.78 0.91 0.37
N HIS A 865 -10.79 0.91 1.70
CA HIS A 865 -11.47 1.97 2.44
C HIS A 865 -10.58 3.17 2.65
N LEU A 866 -9.27 2.96 2.79
CA LEU A 866 -8.34 4.07 2.92
C LEU A 866 -8.34 4.92 1.65
N VAL A 867 -8.33 4.27 0.49
CA VAL A 867 -8.28 5.00 -0.77
C VAL A 867 -9.55 5.82 -0.96
N GLN A 868 -10.70 5.21 -0.70
CA GLN A 868 -11.97 5.93 -0.87
C GLN A 868 -12.09 7.08 0.12
N TYR A 869 -11.48 6.94 1.30
CA TYR A 869 -11.58 7.98 2.32
C TYR A 869 -10.70 9.18 2.01
N PHE A 870 -9.54 8.97 1.38
CA PHE A 870 -8.69 10.10 1.02
C PHE A 870 -9.36 11.00 -0.01
N PHE A 871 -10.01 10.41 -1.02
CA PHE A 871 -10.66 11.22 -2.03
C PHE A 871 -11.95 11.83 -1.51
N TYR A 872 -12.57 11.19 -0.51
CA TYR A 872 -13.77 11.74 0.11
C TYR A 872 -13.44 12.95 0.96
N LYS A 873 -12.41 12.85 1.81
CA LYS A 873 -12.17 13.90 2.78
C LYS A 873 -11.51 15.12 2.17
N ASN A 874 -10.98 14.99 0.96
CA ASN A 874 -10.40 16.13 0.26
C ASN A 874 -11.41 16.86 -0.60
N LEU A 875 -12.41 16.15 -1.12
CA LEU A 875 -13.48 16.80 -1.84
C LEU A 875 -14.37 17.62 -0.90
N CYS A 876 -14.57 17.11 0.32
CA CYS A 876 -15.30 17.88 1.33
C CYS A 876 -14.53 19.14 1.70
N PHE A 877 -13.21 19.08 1.61
CA PHE A 877 -12.37 20.19 2.05
C PHE A 877 -12.38 21.33 1.05
N ILE A 878 -12.48 21.02 -0.23
CA ILE A 878 -12.33 22.04 -1.27
C ILE A 878 -13.68 22.60 -1.69
N LEU A 879 -14.73 21.79 -1.61
CA LEU A 879 -16.03 22.21 -2.11
C LEU A 879 -16.52 23.52 -1.49
N PRO A 880 -16.38 23.73 -0.17
CA PRO A 880 -16.68 25.07 0.36
C PRO A 880 -15.81 26.16 -0.24
N GLN A 881 -14.56 25.85 -0.56
CA GLN A 881 -13.66 26.85 -1.11
C GLN A 881 -14.01 27.16 -2.55
N PHE A 882 -14.73 26.25 -3.22
CA PHE A 882 -15.19 26.51 -4.58
C PHE A 882 -16.50 27.28 -4.59
N LEU A 883 -17.43 26.91 -3.71
CA LEU A 883 -18.70 27.63 -3.63
C LEU A 883 -18.51 29.06 -3.16
N TYR A 884 -17.45 29.32 -2.39
CA TYR A 884 -17.19 30.67 -1.91
C TYR A 884 -16.85 31.63 -3.04
N GLN A 885 -16.38 31.11 -4.17
CA GLN A 885 -16.00 31.98 -5.28
C GLN A 885 -17.22 32.70 -5.87
N PHE A 886 -18.41 32.12 -5.75
CA PHE A 886 -19.61 32.79 -6.23
C PHE A 886 -19.96 33.99 -5.36
N PHE A 887 -19.77 33.87 -4.06
CA PHE A 887 -20.05 34.95 -3.12
C PHE A 887 -18.86 35.85 -2.90
N CYS A 888 -17.69 35.48 -3.44
CA CYS A 888 -16.58 36.40 -3.63
C CYS A 888 -16.72 37.01 -5.01
N GLY A 889 -15.68 37.67 -5.51
CA GLY A 889 -15.77 38.19 -6.86
C GLY A 889 -15.10 37.27 -7.87
N PHE A 890 -15.15 35.96 -7.62
CA PHE A 890 -14.32 35.01 -8.34
C PHE A 890 -12.87 35.43 -8.30
N SER A 891 -12.43 35.91 -7.14
CA SER A 891 -11.14 36.56 -7.00
C SER A 891 -10.06 35.62 -6.49
N GLN A 892 -10.35 34.33 -6.42
CA GLN A 892 -9.42 33.34 -5.86
C GLN A 892 -9.06 33.68 -4.42
N GLN A 893 -10.08 33.97 -3.62
CA GLN A 893 -9.88 34.26 -2.22
C GLN A 893 -10.09 32.99 -1.41
N PRO A 894 -9.06 32.47 -0.74
CA PRO A 894 -9.24 31.24 0.04
C PRO A 894 -10.21 31.45 1.18
N LEU A 895 -10.99 30.40 1.47
CA LEU A 895 -11.92 30.46 2.59
C LEU A 895 -11.20 30.28 3.92
N TYR A 896 -10.17 29.45 3.94
CA TYR A 896 -9.47 29.09 5.16
C TYR A 896 -8.14 29.84 5.29
N ASP A 897 -7.65 29.93 6.52
CA ASP A 897 -6.32 30.47 6.76
C ASP A 897 -5.26 29.53 6.21
N ALA A 898 -4.10 30.09 5.86
CA ALA A 898 -3.00 29.28 5.35
C ALA A 898 -2.52 28.27 6.39
N ALA A 899 -2.78 28.53 7.67
CA ALA A 899 -2.45 27.56 8.70
C ALA A 899 -3.28 26.30 8.55
N TYR A 900 -4.57 26.45 8.25
CA TYR A 900 -5.44 25.28 8.16
C TYR A 900 -5.24 24.51 6.87
N LEU A 901 -4.87 25.21 5.78
CA LEU A 901 -4.64 24.52 4.52
C LEU A 901 -3.47 23.56 4.62
N THR A 902 -2.40 23.97 5.30
CA THR A 902 -1.22 23.13 5.44
C THR A 902 -1.46 21.98 6.42
N MET A 903 -2.11 22.28 7.54
CA MET A 903 -2.18 21.31 8.62
C MET A 903 -3.27 20.26 8.43
N TYR A 904 -4.19 20.47 7.47
CA TYR A 904 -5.34 19.57 7.34
C TYR A 904 -4.91 18.16 6.94
N ASN A 905 -4.02 18.05 5.95
CA ASN A 905 -3.70 16.75 5.38
C ASN A 905 -2.66 16.00 6.19
N ILE A 906 -1.82 16.70 6.95
CA ILE A 906 -0.70 16.05 7.61
C ILE A 906 -0.86 15.91 9.12
N CYS A 907 -1.71 16.72 9.75
CA CYS A 907 -1.89 16.58 11.19
C CYS A 907 -3.34 16.33 11.59
N PHE A 908 -4.27 17.12 11.06
CA PHE A 908 -5.65 17.06 11.54
C PHE A 908 -6.32 15.74 11.15
N THR A 909 -6.07 15.27 9.93
CA THR A 909 -6.77 14.10 9.45
C THR A 909 -5.82 13.11 8.78
N SER A 910 -4.68 12.84 9.41
CA SER A 910 -3.69 11.96 8.82
C SER A 910 -3.50 10.68 9.63
N LEU A 911 -3.58 10.80 10.95
CA LEU A 911 -3.35 9.68 11.86
C LEU A 911 -4.57 8.77 11.99
N PRO A 912 -5.79 9.28 12.17
CA PRO A 912 -6.93 8.37 12.35
C PRO A 912 -7.12 7.40 11.20
N ILE A 913 -6.80 7.78 9.96
CA ILE A 913 -6.95 6.85 8.85
C ILE A 913 -5.80 5.85 8.82
N LEU A 914 -4.62 6.25 9.26
CA LEU A 914 -3.49 5.33 9.29
C LEU A 914 -3.71 4.21 10.30
N ALA A 915 -4.20 4.56 11.49
CA ALA A 915 -4.46 3.54 12.50
C ALA A 915 -5.64 2.66 12.10
N TYR A 916 -6.59 3.21 11.34
CA TYR A 916 -7.67 2.39 10.82
C TYR A 916 -7.15 1.33 9.86
N SER A 917 -6.26 1.73 8.95
CA SER A 917 -5.81 0.81 7.91
C SER A 917 -4.87 -0.26 8.43
N LEU A 918 -4.47 -0.21 9.70
CA LEU A 918 -3.65 -1.24 10.30
C LEU A 918 -4.35 -2.04 11.38
N LEU A 919 -5.45 -1.54 11.95
CA LEU A 919 -6.06 -2.15 13.11
C LEU A 919 -7.58 -2.18 12.97
N GLU A 920 -8.08 -2.56 11.80
CA GLU A 920 -9.51 -2.60 11.58
C GLU A 920 -9.91 -3.97 11.04
N GLN A 921 -10.67 -4.71 11.83
CA GLN A 921 -11.24 -5.98 11.43
C GLN A 921 -12.75 -5.79 11.40
N HIS A 922 -13.27 -5.44 10.23
CA HIS A 922 -14.72 -5.29 10.09
C HIS A 922 -15.43 -6.61 10.36
N ILE A 923 -14.76 -7.73 10.07
CA ILE A 923 -15.19 -9.05 10.50
C ILE A 923 -14.00 -9.70 11.20
N ASN A 924 -14.26 -10.40 12.30
CA ASN A 924 -13.19 -10.95 13.12
C ASN A 924 -12.35 -11.94 12.33
N ILE A 925 -11.06 -11.98 12.65
CA ILE A 925 -10.14 -12.86 11.93
C ILE A 925 -10.46 -14.32 12.21
N ASP A 926 -11.11 -14.61 13.33
CA ASP A 926 -11.49 -15.99 13.63
C ASP A 926 -12.71 -16.41 12.83
N THR A 927 -13.67 -15.50 12.65
CA THR A 927 -14.86 -15.85 11.89
C THR A 927 -14.60 -15.83 10.40
N LEU A 928 -13.51 -15.21 9.96
CA LEU A 928 -13.21 -15.16 8.53
C LEU A 928 -12.70 -16.50 8.03
N THR A 929 -11.80 -17.14 8.79
CA THR A 929 -11.30 -18.45 8.39
C THR A 929 -12.33 -19.54 8.64
N SER A 930 -13.15 -19.38 9.68
CA SER A 930 -14.11 -20.43 10.01
C SER A 930 -15.26 -20.50 9.02
N ASP A 931 -15.58 -19.39 8.36
CA ASP A 931 -16.70 -19.31 7.42
C ASP A 931 -16.23 -18.73 6.09
N PRO A 932 -15.60 -19.55 5.24
CA PRO A 932 -15.12 -19.05 3.94
C PRO A 932 -16.16 -19.07 2.83
N ARG A 933 -17.36 -19.59 3.09
CA ARG A 933 -18.31 -19.86 2.01
C ARG A 933 -18.73 -18.60 1.28
N LEU A 934 -18.71 -17.47 1.95
CA LEU A 934 -19.32 -16.30 1.34
C LEU A 934 -18.41 -15.09 1.28
N TYR A 935 -17.56 -14.89 2.30
CA TYR A 935 -16.94 -13.59 2.50
C TYR A 935 -15.88 -13.27 1.45
N MET A 936 -15.04 -14.26 1.12
CA MET A 936 -14.16 -14.09 -0.04
C MET A 936 -14.95 -13.74 -1.29
N LYS A 937 -16.17 -14.28 -1.40
CA LYS A 937 -16.96 -14.06 -2.61
C LYS A 937 -17.58 -12.67 -2.65
N ILE A 938 -17.62 -11.98 -1.50
CA ILE A 938 -18.26 -10.67 -1.44
C ILE A 938 -17.44 -9.63 -2.19
N SER A 939 -16.13 -9.62 -1.98
CA SER A 939 -15.28 -8.55 -2.51
C SER A 939 -14.49 -9.04 -3.73
N GLY A 940 -15.14 -8.95 -4.89
CA GLY A 940 -14.47 -9.13 -6.16
C GLY A 940 -14.06 -7.80 -6.75
N ASN A 941 -13.25 -7.04 -6.03
CA ASN A 941 -13.00 -5.61 -6.24
C ASN A 941 -14.27 -4.79 -6.17
N ALA A 942 -15.23 -5.21 -5.33
CA ALA A 942 -16.47 -4.47 -5.23
C ALA A 942 -16.31 -3.17 -4.47
N MET A 943 -15.36 -3.11 -3.54
CA MET A 943 -15.24 -1.95 -2.67
C MET A 943 -14.65 -0.74 -3.38
N LEU A 944 -14.21 -0.89 -4.62
CA LEU A 944 -13.49 0.17 -5.32
C LEU A 944 -13.94 0.30 -6.77
N GLN A 945 -15.19 -0.04 -7.06
CA GLN A 945 -15.72 0.00 -8.42
C GLN A 945 -16.39 1.35 -8.69
N LEU A 946 -17.13 1.41 -9.80
CA LEU A 946 -17.84 2.64 -10.16
C LEU A 946 -19.03 2.88 -9.24
N GLY A 947 -19.60 1.82 -8.69
CA GLY A 947 -20.72 1.93 -7.81
C GLY A 947 -20.39 2.68 -6.53
N PRO A 948 -19.56 2.08 -5.67
CA PRO A 948 -19.23 2.74 -4.40
C PRO A 948 -18.44 4.03 -4.57
N PHE A 949 -17.76 4.22 -5.70
CA PHE A 949 -17.05 5.49 -5.91
C PHE A 949 -18.01 6.65 -6.03
N LEU A 950 -19.16 6.45 -6.68
CA LEU A 950 -20.12 7.53 -6.82
C LEU A 950 -20.80 7.82 -5.49
N TYR A 951 -20.88 6.84 -4.59
CA TYR A 951 -21.48 7.09 -3.29
C TYR A 951 -20.60 8.00 -2.43
N TRP A 952 -19.28 7.79 -2.48
CA TRP A 952 -18.40 8.63 -1.69
C TRP A 952 -18.32 10.04 -2.26
N THR A 953 -18.29 10.17 -3.59
CA THR A 953 -18.23 11.48 -4.21
C THR A 953 -19.52 12.26 -3.98
N PHE A 954 -20.66 11.57 -4.07
CA PHE A 954 -21.94 12.25 -3.85
C PHE A 954 -22.12 12.61 -2.37
N LEU A 955 -21.66 11.74 -1.47
CA LEU A 955 -21.69 12.07 -0.05
C LEU A 955 -20.77 13.25 0.25
N ALA A 956 -19.60 13.29 -0.38
CA ALA A 956 -18.70 14.42 -0.21
C ALA A 956 -19.30 15.70 -0.76
N ALA A 957 -19.96 15.62 -1.92
CA ALA A 957 -20.61 16.81 -2.47
C ALA A 957 -21.76 17.28 -1.61
N PHE A 958 -22.53 16.34 -1.06
CA PHE A 958 -23.64 16.72 -0.18
C PHE A 958 -23.13 17.34 1.12
N GLU A 959 -22.11 16.74 1.72
CA GLU A 959 -21.55 17.30 2.95
C GLU A 959 -20.81 18.61 2.68
N GLY A 960 -20.15 18.71 1.53
CA GLY A 960 -19.49 19.96 1.18
C GLY A 960 -20.46 21.11 1.02
N THR A 961 -21.66 20.82 0.51
CA THR A 961 -22.68 21.86 0.35
C THR A 961 -23.27 22.26 1.69
N VAL A 962 -23.45 21.30 2.60
CA VAL A 962 -24.06 21.59 3.89
C VAL A 962 -23.13 22.45 4.73
N PHE A 963 -21.81 22.22 4.63
CA PHE A 963 -20.86 23.03 5.39
C PHE A 963 -20.98 24.50 5.01
N PHE A 964 -21.04 24.79 3.72
CA PHE A 964 -21.06 26.18 3.28
C PHE A 964 -22.41 26.83 3.53
N PHE A 965 -23.47 26.30 2.91
CA PHE A 965 -24.77 26.94 3.03
C PHE A 965 -25.40 26.76 4.40
N GLY A 966 -24.88 25.84 5.21
CA GLY A 966 -25.26 25.83 6.61
C GLY A 966 -24.75 27.05 7.34
N THR A 967 -23.49 27.43 7.05
CA THR A 967 -22.91 28.63 7.66
C THR A 967 -23.33 29.88 6.92
N TYR A 968 -23.60 29.78 5.62
CA TYR A 968 -24.02 30.95 4.85
C TYR A 968 -25.34 31.51 5.38
N PHE A 969 -26.31 30.62 5.65
CA PHE A 969 -27.57 31.05 6.21
C PHE A 969 -27.44 31.43 7.68
N LEU A 970 -26.33 31.04 8.33
CA LEU A 970 -26.13 31.39 9.72
C LEU A 970 -25.66 32.84 9.85
N PHE A 971 -24.91 33.35 8.87
CA PHE A 971 -24.44 34.73 8.92
C PHE A 971 -25.44 35.73 8.36
N GLN A 972 -26.72 35.41 8.32
CA GLN A 972 -27.76 36.40 8.05
C GLN A 972 -28.27 37.03 9.34
N THR A 973 -27.68 36.67 10.47
CA THR A 973 -28.17 37.03 11.79
C THR A 973 -27.81 38.46 12.19
N ALA A 974 -26.70 38.98 11.65
CA ALA A 974 -26.14 40.30 11.91
C ALA A 974 -25.44 40.40 13.27
N SER A 975 -25.60 39.37 14.12
CA SER A 975 -24.81 39.25 15.34
C SER A 975 -25.09 37.89 15.96
N LEU A 976 -24.04 37.12 16.21
CA LEU A 976 -24.20 35.80 16.81
C LEU A 976 -23.93 35.78 18.30
N GLU A 977 -23.58 36.91 18.90
CA GLU A 977 -23.23 36.98 20.31
C GLU A 977 -24.24 37.81 21.07
N GLU A 978 -24.31 37.59 22.39
CA GLU A 978 -25.14 38.43 23.24
C GLU A 978 -24.62 39.85 23.32
N ASN A 979 -23.34 40.07 23.01
CA ASN A 979 -22.74 41.40 23.06
C ASN A 979 -22.95 42.21 21.79
N GLY A 980 -23.59 41.62 20.77
CA GLY A 980 -23.88 42.36 19.56
C GLY A 980 -22.75 42.47 18.57
N LYS A 981 -21.61 41.86 18.86
CA LYS A 981 -20.45 41.96 17.96
C LYS A 981 -20.71 41.22 16.66
N VAL A 982 -19.98 41.61 15.63
CA VAL A 982 -20.10 41.02 14.30
C VAL A 982 -18.86 40.21 13.99
N TYR A 983 -19.03 39.21 13.14
CA TYR A 983 -17.95 38.30 12.74
C TYR A 983 -17.53 38.57 11.30
N GLY A 984 -16.24 38.39 11.05
CA GLY A 984 -15.65 38.69 9.77
C GLY A 984 -15.65 37.51 8.82
N ASN A 985 -14.72 37.55 7.87
CA ASN A 985 -14.63 36.47 6.89
C ASN A 985 -13.69 35.35 7.35
N TRP A 986 -12.92 35.61 8.41
CA TRP A 986 -12.05 34.55 8.94
C TRP A 986 -12.78 33.71 9.98
N THR A 987 -13.80 34.26 10.63
CA THR A 987 -14.66 33.44 11.47
C THR A 987 -15.58 32.58 10.62
N PHE A 988 -15.94 33.07 9.43
CA PHE A 988 -16.71 32.25 8.49
C PHE A 988 -15.90 31.03 8.07
N GLY A 989 -14.60 31.22 7.81
CA GLY A 989 -13.76 30.11 7.40
C GLY A 989 -13.56 29.07 8.49
N THR A 990 -13.48 29.52 9.74
CA THR A 990 -13.22 28.58 10.83
C THR A 990 -14.48 27.82 11.25
N ILE A 991 -15.65 28.41 11.09
CA ILE A 991 -16.87 27.65 11.33
C ILE A 991 -17.00 26.52 10.32
N VAL A 992 -16.74 26.83 9.05
CA VAL A 992 -16.80 25.80 8.01
C VAL A 992 -15.72 24.75 8.25
N PHE A 993 -14.51 25.17 8.63
CA PHE A 993 -13.43 24.23 8.85
C PHE A 993 -13.68 23.37 10.07
N THR A 994 -14.20 23.94 11.15
CA THR A 994 -14.44 23.18 12.37
C THR A 994 -15.50 22.11 12.13
N VAL A 995 -16.56 22.45 11.41
CA VAL A 995 -17.55 21.43 11.04
C VAL A 995 -16.92 20.39 10.13
N LEU A 996 -16.06 20.82 9.22
CA LEU A 996 -15.43 19.91 8.28
C LEU A 996 -14.56 18.88 8.99
N VAL A 997 -13.73 19.34 9.92
CA VAL A 997 -12.83 18.42 10.63
C VAL A 997 -13.63 17.47 11.50
N PHE A 998 -14.65 17.99 12.18
CA PHE A 998 -15.43 17.14 13.08
C PHE A 998 -16.27 16.13 12.30
N THR A 999 -16.60 16.44 11.05
CA THR A 999 -17.40 15.51 10.26
C THR A 999 -16.56 14.37 9.73
N VAL A 1000 -15.43 14.68 9.10
CA VAL A 1000 -14.63 13.63 8.47
C VAL A 1000 -14.02 12.71 9.52
N THR A 1001 -13.78 13.22 10.73
CA THR A 1001 -13.26 12.36 11.79
C THR A 1001 -14.37 11.47 12.35
N LEU A 1002 -15.57 12.02 12.54
CA LEU A 1002 -16.67 11.21 13.06
C LEU A 1002 -17.26 10.29 11.99
N LYS A 1003 -17.12 10.63 10.71
CA LYS A 1003 -17.51 9.70 9.67
C LYS A 1003 -16.67 8.43 9.72
N LEU A 1004 -15.36 8.60 9.95
CA LEU A 1004 -14.49 7.43 10.12
C LEU A 1004 -14.81 6.69 11.40
N ALA A 1005 -15.32 7.39 12.41
CA ALA A 1005 -15.70 6.71 13.66
C ALA A 1005 -16.90 5.80 13.44
N LEU A 1006 -17.77 6.14 12.50
CA LEU A 1006 -18.92 5.27 12.22
C LEU A 1006 -18.53 4.05 11.41
N ASP A 1007 -17.45 4.15 10.61
CA ASP A 1007 -17.03 3.02 9.79
C ASP A 1007 -16.18 2.02 10.56
N THR A 1008 -15.71 2.37 11.74
CA THR A 1008 -14.91 1.44 12.53
C THR A 1008 -15.81 0.42 13.22
N ARG A 1009 -15.43 -0.85 13.11
CA ARG A 1009 -16.09 -1.93 13.83
C ARG A 1009 -15.19 -2.56 14.88
N PHE A 1010 -13.91 -2.19 14.93
CA PHE A 1010 -12.93 -2.76 15.84
C PHE A 1010 -12.27 -1.60 16.58
N TRP A 1011 -12.72 -1.36 17.82
CA TRP A 1011 -12.29 -0.20 18.58
C TRP A 1011 -11.21 -0.59 19.58
N THR A 1012 -9.97 -0.59 19.14
CA THR A 1012 -8.86 -0.80 20.05
C THR A 1012 -8.59 0.48 20.84
N TRP A 1013 -7.61 0.42 21.74
CA TRP A 1013 -7.25 1.64 22.47
C TRP A 1013 -6.50 2.62 21.57
N ILE A 1014 -5.85 2.12 20.52
CA ILE A 1014 -5.20 3.00 19.57
C ILE A 1014 -6.23 3.75 18.74
N ASN A 1015 -7.34 3.08 18.40
CA ASN A 1015 -8.40 3.74 17.66
C ASN A 1015 -9.00 4.90 18.46
N HIS A 1016 -9.19 4.69 19.76
CA HIS A 1016 -9.65 5.79 20.61
C HIS A 1016 -8.58 6.89 20.69
N PHE A 1017 -7.32 6.49 20.73
CA PHE A 1017 -6.25 7.46 20.96
C PHE A 1017 -6.06 8.38 19.77
N VAL A 1018 -6.25 7.88 18.55
CA VAL A 1018 -5.99 8.71 17.38
C VAL A 1018 -7.26 9.43 16.93
N ILE A 1019 -8.41 8.79 17.03
CA ILE A 1019 -9.66 9.43 16.60
C ILE A 1019 -10.04 10.55 17.56
N TRP A 1020 -9.98 10.28 18.86
CA TRP A 1020 -10.26 11.34 19.83
C TRP A 1020 -9.03 12.19 20.09
N GLY A 1021 -7.84 11.73 19.67
CA GLY A 1021 -6.66 12.55 19.81
C GLY A 1021 -6.49 13.57 18.71
N SER A 1022 -7.02 13.27 17.52
CA SER A 1022 -6.94 14.23 16.42
C SER A 1022 -7.94 15.36 16.59
N LEU A 1023 -9.13 15.05 17.11
CA LEU A 1023 -10.08 16.11 17.43
C LEU A 1023 -9.58 16.98 18.58
N ALA A 1024 -8.94 16.36 19.57
CA ALA A 1024 -8.40 17.13 20.69
C ALA A 1024 -7.18 17.94 20.26
N PHE A 1025 -6.47 17.48 19.22
CA PHE A 1025 -5.33 18.26 18.74
C PHE A 1025 -5.78 19.45 17.91
N TYR A 1026 -6.88 19.30 17.15
CA TYR A 1026 -7.38 20.41 16.37
C TYR A 1026 -7.83 21.56 17.26
N VAL A 1027 -8.53 21.24 18.36
CA VAL A 1027 -9.02 22.28 19.25
C VAL A 1027 -7.86 22.97 19.95
N PHE A 1028 -6.88 22.19 20.42
CA PHE A 1028 -5.73 22.77 21.09
C PHE A 1028 -4.92 23.63 20.12
N PHE A 1029 -4.62 23.11 18.93
CA PHE A 1029 -3.80 23.86 18.00
C PHE A 1029 -4.49 25.13 17.53
N SER A 1030 -5.81 25.08 17.38
CA SER A 1030 -6.56 26.30 17.04
C SER A 1030 -6.44 27.33 18.15
N PHE A 1031 -6.53 26.91 19.42
CA PHE A 1031 -6.33 27.84 20.52
C PHE A 1031 -4.90 28.36 20.56
N PHE A 1032 -3.91 27.49 20.38
CA PHE A 1032 -2.52 27.91 20.44
C PHE A 1032 -2.17 28.85 19.29
N TRP A 1033 -2.62 28.50 18.07
CA TRP A 1033 -2.33 29.34 16.91
C TRP A 1033 -3.12 30.64 16.97
N GLY A 1034 -4.12 30.72 17.84
CA GLY A 1034 -4.92 31.92 17.97
C GLY A 1034 -4.85 32.52 19.36
N GLY A 1035 -3.65 32.60 19.93
CA GLY A 1035 -3.52 33.17 21.25
C GLY A 1035 -2.36 34.14 21.44
N ILE A 1036 -1.44 34.17 20.48
CA ILE A 1036 -0.24 34.99 20.59
C ILE A 1036 0.06 35.60 19.24
N ILE A 1037 0.57 36.83 19.24
CA ILE A 1037 0.99 37.52 18.02
C ILE A 1037 2.45 37.20 17.75
N TRP A 1038 2.71 36.35 16.76
CA TRP A 1038 4.10 36.02 16.48
C TRP A 1038 4.81 37.20 15.83
N PRO A 1039 6.10 37.38 16.10
CA PRO A 1039 6.84 38.45 15.41
C PRO A 1039 7.15 38.11 13.96
N PHE A 1040 7.49 36.86 13.67
CA PHE A 1040 7.84 36.49 12.30
C PHE A 1040 6.62 36.51 11.39
N LEU A 1041 5.47 36.12 11.90
CA LEU A 1041 4.27 36.02 11.08
C LEU A 1041 3.79 37.43 10.71
N LYS A 1042 3.39 37.60 9.45
CA LYS A 1042 3.00 38.89 8.93
C LYS A 1042 1.50 39.05 8.73
N GLN A 1043 0.78 37.95 8.53
CA GLN A 1043 -0.66 38.05 8.26
C GLN A 1043 -1.42 38.49 9.52
N GLN A 1044 -1.17 37.84 10.65
CA GLN A 1044 -1.86 38.09 11.91
C GLN A 1044 -3.38 38.16 11.75
N ARG A 1045 -3.91 37.37 10.81
CA ARG A 1045 -5.33 37.38 10.49
C ARG A 1045 -6.15 36.49 11.40
N MET A 1046 -5.52 35.60 12.16
CA MET A 1046 -6.24 34.64 12.98
C MET A 1046 -5.94 34.84 14.46
N TYR A 1047 -5.79 36.10 14.87
CA TYR A 1047 -5.28 36.36 16.22
C TYR A 1047 -6.16 35.72 17.29
N PHE A 1048 -7.47 35.93 17.24
CA PHE A 1048 -8.30 35.43 18.33
C PHE A 1048 -9.60 34.90 17.76
N VAL A 1049 -9.57 34.42 16.51
CA VAL A 1049 -10.79 34.06 15.80
C VAL A 1049 -11.44 32.83 16.40
N PHE A 1050 -10.65 31.79 16.67
CA PHE A 1050 -11.23 30.54 17.17
C PHE A 1050 -11.82 30.72 18.56
N ALA A 1051 -11.12 31.44 19.43
CA ALA A 1051 -11.61 31.61 20.79
C ALA A 1051 -12.86 32.48 20.85
N GLN A 1052 -12.94 33.48 19.97
CA GLN A 1052 -14.14 34.32 19.93
C GLN A 1052 -15.31 33.57 19.31
N MET A 1053 -15.03 32.61 18.43
CA MET A 1053 -16.09 31.80 17.84
C MET A 1053 -16.81 31.00 18.91
N LEU A 1054 -16.07 30.41 19.85
CA LEU A 1054 -16.64 29.58 20.89
C LEU A 1054 -17.31 30.38 22.00
N SER A 1055 -17.13 31.71 22.01
CA SER A 1055 -17.76 32.51 23.04
C SER A 1055 -19.27 32.56 22.88
N SER A 1056 -19.77 32.38 21.66
CA SER A 1056 -21.19 32.49 21.38
C SER A 1056 -21.86 31.13 21.55
N VAL A 1057 -23.11 31.15 22.03
CA VAL A 1057 -23.86 29.91 22.18
C VAL A 1057 -24.45 29.48 20.85
N SER A 1058 -24.80 30.44 19.99
CA SER A 1058 -25.45 30.11 18.72
C SER A 1058 -24.53 29.29 17.82
N THR A 1059 -23.23 29.61 17.82
CA THR A 1059 -22.30 28.85 16.99
C THR A 1059 -22.09 27.44 17.54
N TRP A 1060 -22.15 27.27 18.85
CA TRP A 1060 -22.07 25.94 19.44
C TRP A 1060 -23.25 25.08 19.00
N LEU A 1061 -24.43 25.69 18.91
CA LEU A 1061 -25.60 24.96 18.44
C LEU A 1061 -25.55 24.77 16.93
N ALA A 1062 -25.04 25.77 16.20
CA ALA A 1062 -24.95 25.68 14.75
C ALA A 1062 -23.99 24.57 14.33
N ILE A 1063 -22.86 24.47 15.02
CA ILE A 1063 -21.86 23.45 14.68
C ILE A 1063 -22.43 22.05 14.91
N ILE A 1064 -23.12 21.86 16.03
CA ILE A 1064 -23.66 20.54 16.36
C ILE A 1064 -24.66 20.10 15.29
N LEU A 1065 -25.51 21.02 14.85
CA LEU A 1065 -26.51 20.68 13.84
C LEU A 1065 -25.88 20.28 12.52
N LEU A 1066 -24.88 21.05 12.07
CA LEU A 1066 -24.31 20.80 10.76
C LEU A 1066 -23.56 19.47 10.73
N ILE A 1067 -22.97 19.08 11.86
CA ILE A 1067 -22.31 17.78 11.92
C ILE A 1067 -23.33 16.65 11.77
N PHE A 1068 -24.50 16.81 12.40
CA PHE A 1068 -25.50 15.76 12.35
C PHE A 1068 -26.15 15.67 10.97
N ILE A 1069 -26.42 16.81 10.35
CA ILE A 1069 -27.00 16.80 8.99
C ILE A 1069 -26.02 16.17 8.02
N SER A 1070 -24.73 16.50 8.14
CA SER A 1070 -23.72 15.93 7.25
C SER A 1070 -23.61 14.42 7.44
N LEU A 1071 -23.71 13.96 8.68
CA LEU A 1071 -23.61 12.54 9.00
C LEU A 1071 -24.94 11.82 8.93
N PHE A 1072 -26.02 12.50 8.55
CA PHE A 1072 -27.31 11.84 8.48
C PHE A 1072 -27.36 10.72 7.45
N PRO A 1073 -26.94 10.91 6.19
CA PRO A 1073 -26.99 9.79 5.25
C PRO A 1073 -26.13 8.61 5.66
N GLU A 1074 -25.04 8.85 6.39
CA GLU A 1074 -24.21 7.75 6.85
C GLU A 1074 -24.91 6.96 7.95
N ILE A 1075 -25.50 7.66 8.91
CA ILE A 1075 -26.26 6.97 9.96
C ILE A 1075 -27.47 6.28 9.37
N LEU A 1076 -28.17 6.96 8.47
CA LEU A 1076 -29.38 6.40 7.87
C LEU A 1076 -29.08 5.16 7.05
N LEU A 1077 -27.89 5.11 6.43
CA LEU A 1077 -27.53 3.99 5.58
C LEU A 1077 -27.43 2.70 6.37
N ILE A 1078 -26.79 2.76 7.55
CA ILE A 1078 -26.59 1.55 8.33
C ILE A 1078 -27.92 1.04 8.90
N VAL A 1079 -28.88 1.95 9.10
CA VAL A 1079 -30.20 1.51 9.58
C VAL A 1079 -30.95 0.78 8.48
N LEU A 1080 -30.85 1.25 7.24
CA LEU A 1080 -31.43 0.51 6.13
C LEU A 1080 -30.72 -0.83 5.92
N LYS A 1081 -29.45 -0.91 6.32
CA LYS A 1081 -28.76 -2.20 6.27
C LYS A 1081 -29.24 -3.11 7.39
N ASN A 1082 -29.77 -2.55 8.47
CA ASN A 1082 -30.39 -3.36 9.51
C ASN A 1082 -31.75 -3.88 9.06
N VAL A 1083 -32.40 -3.18 8.15
CA VAL A 1083 -33.64 -3.67 7.56
C VAL A 1083 -33.30 -4.71 6.49
N ARG A 1084 -33.57 -5.97 6.81
CA ARG A 1084 -33.26 -7.10 5.92
C ARG A 1084 -31.77 -7.14 5.56
N ARG B 27 7.92 -19.61 17.79
CA ARG B 27 9.06 -18.71 17.58
C ARG B 27 8.65 -17.24 17.40
N PRO B 28 7.70 -16.94 16.51
CA PRO B 28 7.24 -15.54 16.40
C PRO B 28 6.60 -15.08 17.71
N ASP B 29 6.81 -13.79 18.03
CA ASP B 29 6.41 -13.26 19.31
C ASP B 29 4.90 -13.32 19.50
N ASN B 30 4.47 -13.90 20.62
CA ASN B 30 3.04 -14.09 20.89
C ASN B 30 2.53 -12.98 21.81
N THR B 31 2.49 -11.77 21.27
CA THR B 31 1.90 -10.63 21.95
C THR B 31 0.54 -10.31 21.33
N ALA B 32 -0.26 -9.54 22.06
CA ALA B 32 -1.61 -9.23 21.60
C ALA B 32 -1.59 -8.44 20.30
N PHE B 33 -0.69 -7.47 20.20
CA PHE B 33 -0.67 -6.61 19.02
C PHE B 33 -0.18 -7.36 17.78
N LYS B 34 0.91 -8.11 17.93
CA LYS B 34 1.53 -8.75 16.77
C LYS B 34 0.63 -9.80 16.14
N GLN B 35 -0.27 -10.40 16.92
CA GLN B 35 -1.15 -11.46 16.43
C GLN B 35 -2.55 -10.96 16.12
N GLN B 36 -2.73 -9.64 16.02
CA GLN B 36 -4.03 -9.04 15.69
C GLN B 36 -5.12 -9.50 16.65
N ARG B 37 -4.84 -9.35 17.95
CA ARG B 37 -5.77 -9.79 18.97
C ARG B 37 -5.88 -8.78 20.11
N LEU B 38 -5.71 -7.50 19.82
CA LEU B 38 -5.88 -6.48 20.83
C LEU B 38 -7.34 -6.44 21.27
N PRO B 39 -7.62 -6.36 22.57
CA PRO B 39 -9.02 -6.33 23.02
C PRO B 39 -9.71 -5.06 22.53
N ALA B 40 -10.81 -5.25 21.82
CA ALA B 40 -11.51 -4.15 21.16
C ALA B 40 -12.96 -4.12 21.57
N TRP B 41 -13.52 -2.91 21.66
CA TRP B 41 -14.91 -2.75 22.07
C TRP B 41 -15.86 -3.44 21.10
N GLN B 42 -15.63 -3.29 19.80
CA GLN B 42 -16.34 -4.02 18.76
C GLN B 42 -17.85 -3.90 18.91
N PRO B 43 -18.44 -2.75 18.60
CA PRO B 43 -19.88 -2.59 18.76
C PRO B 43 -20.65 -3.48 17.79
N ILE B 44 -21.85 -3.86 18.21
CA ILE B 44 -22.79 -4.61 17.37
C ILE B 44 -23.94 -3.67 17.04
N LEU B 45 -24.39 -3.70 15.79
CA LEU B 45 -25.44 -2.81 15.32
C LEU B 45 -26.56 -3.65 14.70
N THR B 46 -27.77 -3.48 15.23
CA THR B 46 -29.01 -3.96 14.63
C THR B 46 -30.02 -2.84 14.67
N ALA B 47 -31.18 -3.08 14.04
CA ALA B 47 -32.24 -2.07 14.06
C ALA B 47 -32.75 -1.83 15.48
N GLY B 48 -32.50 -2.77 16.39
CA GLY B 48 -32.95 -2.63 17.76
C GLY B 48 -32.11 -1.70 18.61
N THR B 49 -30.89 -1.37 18.17
CA THR B 49 -30.00 -0.51 18.93
C THR B 49 -29.78 0.85 18.30
N VAL B 50 -30.26 1.08 17.08
CA VAL B 50 -30.10 2.38 16.45
C VAL B 50 -31.39 3.19 16.44
N LEU B 51 -32.55 2.52 16.41
CA LEU B 51 -33.84 3.19 16.47
C LEU B 51 -34.03 4.00 17.75
N PRO B 52 -33.67 3.50 18.94
CA PRO B 52 -33.80 4.34 20.14
C PRO B 52 -33.00 5.63 20.07
N ILE B 53 -31.89 5.64 19.35
CA ILE B 53 -31.14 6.89 19.18
C ILE B 53 -31.95 7.89 18.38
N PHE B 54 -32.66 7.43 17.36
CA PHE B 54 -33.45 8.33 16.52
C PHE B 54 -34.52 9.06 17.35
N PHE B 55 -35.18 8.34 18.25
CA PHE B 55 -36.17 8.98 19.11
C PHE B 55 -35.51 10.00 20.04
N ILE B 56 -34.35 9.66 20.61
CA ILE B 56 -33.68 10.57 21.53
C ILE B 56 -33.19 11.80 20.78
N ILE B 57 -32.54 11.60 19.64
CA ILE B 57 -32.13 12.73 18.81
C ILE B 57 -33.34 13.49 18.27
N GLY B 58 -34.46 12.80 18.06
CA GLY B 58 -35.68 13.47 17.67
C GLY B 58 -36.46 14.11 18.80
N LEU B 59 -36.05 13.87 20.04
CA LEU B 59 -36.71 14.44 21.20
C LEU B 59 -35.86 15.51 21.89
N ILE B 60 -34.67 15.80 21.37
CA ILE B 60 -33.82 16.85 21.91
C ILE B 60 -33.70 18.01 20.93
N PHE B 61 -33.82 17.74 19.63
CA PHE B 61 -33.76 18.83 18.67
C PHE B 61 -35.11 19.53 18.49
N ILE B 62 -36.19 18.91 18.97
CA ILE B 62 -37.51 19.55 18.87
C ILE B 62 -37.70 20.56 20.00
N PRO B 63 -37.47 20.21 21.27
CA PRO B 63 -37.60 21.25 22.33
C PRO B 63 -36.62 22.40 22.16
N ILE B 64 -35.40 22.13 21.69
CA ILE B 64 -34.44 23.20 21.49
C ILE B 64 -34.87 24.09 20.33
N GLY B 65 -35.35 23.49 19.25
CA GLY B 65 -35.81 24.27 18.12
C GLY B 65 -36.98 25.16 18.46
N ILE B 66 -37.92 24.64 19.26
CA ILE B 66 -39.07 25.45 19.67
C ILE B 66 -38.60 26.64 20.49
N GLY B 67 -37.61 26.42 21.37
CA GLY B 67 -37.07 27.53 22.13
C GLY B 67 -36.36 28.55 21.26
N ILE B 68 -35.56 28.07 20.31
CA ILE B 68 -34.80 28.98 19.45
C ILE B 68 -35.73 29.70 18.49
N PHE B 69 -36.69 29.00 17.90
CA PHE B 69 -37.60 29.63 16.96
C PHE B 69 -38.44 30.70 17.63
N VAL B 70 -38.92 30.43 18.84
CA VAL B 70 -39.73 31.41 19.55
C VAL B 70 -38.90 32.62 19.96
N THR B 71 -37.72 32.37 20.54
CA THR B 71 -36.90 33.48 21.01
C THR B 71 -36.42 34.36 19.86
N SER B 72 -36.45 33.86 18.63
CA SER B 72 -36.13 34.69 17.48
C SER B 72 -37.26 35.66 17.17
N ASN B 73 -38.51 35.19 17.25
CA ASN B 73 -39.65 36.04 16.92
C ASN B 73 -39.87 37.11 17.98
N ASN B 74 -39.39 36.88 19.20
CA ASN B 74 -39.53 37.90 20.24
C ASN B 74 -38.68 39.11 19.93
N ILE B 75 -37.57 38.92 19.22
CA ILE B 75 -36.68 40.03 18.89
C ILE B 75 -37.37 40.99 17.93
N ARG B 76 -37.36 42.27 18.26
CA ARG B 76 -37.97 43.31 17.44
C ARG B 76 -36.86 44.07 16.72
N GLU B 77 -36.88 44.06 15.39
CA GLU B 77 -35.83 44.64 14.57
C GLU B 77 -36.44 45.37 13.39
N ILE B 78 -35.90 46.54 13.07
CA ILE B 78 -36.32 47.31 11.91
C ILE B 78 -35.08 47.73 11.13
N GLU B 79 -35.28 47.99 9.83
CA GLU B 79 -34.22 48.48 8.97
C GLU B 79 -34.73 49.66 8.16
N ILE B 80 -33.84 50.61 7.89
CA ILE B 80 -34.17 51.81 7.13
C ILE B 80 -33.18 51.92 5.98
N ASP B 81 -33.69 51.84 4.76
CA ASP B 81 -32.85 52.06 3.59
C ASP B 81 -32.88 53.52 3.20
N TYR B 82 -31.71 54.14 3.06
CA TYR B 82 -31.63 55.58 2.81
C TYR B 82 -30.64 55.93 1.71
N THR B 83 -30.32 55.00 0.82
CA THR B 83 -29.39 55.30 -0.26
C THR B 83 -29.98 56.22 -1.32
N GLY B 84 -31.28 56.42 -1.33
CA GLY B 84 -31.92 57.33 -2.29
C GLY B 84 -32.27 56.61 -3.60
N THR B 85 -31.76 57.14 -4.71
CA THR B 85 -31.90 56.57 -6.04
C THR B 85 -33.36 56.55 -6.53
N GLU B 86 -34.27 57.15 -5.77
CA GLU B 86 -35.64 57.34 -6.23
C GLU B 86 -36.09 58.76 -5.91
N PRO B 87 -36.90 59.37 -6.78
CA PRO B 87 -37.36 60.74 -6.51
C PRO B 87 -38.09 60.89 -5.19
N SER B 88 -38.86 59.87 -4.78
CA SER B 88 -39.62 59.98 -3.54
C SER B 88 -38.71 59.91 -2.32
N SER B 89 -37.52 59.34 -2.46
CA SER B 89 -36.64 59.15 -1.32
C SER B 89 -36.19 60.50 -0.76
N PRO B 90 -36.34 60.74 0.55
CA PRO B 90 -35.89 62.02 1.11
C PRO B 90 -34.41 62.26 0.95
N CYS B 91 -33.58 61.22 0.87
CA CYS B 91 -32.14 61.37 0.74
C CYS B 91 -31.69 61.45 -0.71
N ASN B 92 -32.62 61.40 -1.68
CA ASN B 92 -32.23 61.53 -3.08
C ASN B 92 -31.74 62.93 -3.42
N LYS B 93 -31.95 63.91 -2.54
CA LYS B 93 -31.54 65.28 -2.84
C LYS B 93 -30.02 65.40 -2.94
N CYS B 94 -29.29 64.46 -2.34
CA CYS B 94 -27.83 64.49 -2.38
C CYS B 94 -27.23 63.18 -2.89
N LEU B 95 -27.92 62.49 -3.78
CA LEU B 95 -27.30 61.38 -4.50
C LEU B 95 -26.14 61.88 -5.35
N SER B 96 -26.45 62.74 -6.33
CA SER B 96 -25.40 63.32 -7.15
C SER B 96 -24.60 64.33 -6.33
N PRO B 97 -23.31 64.50 -6.64
CA PRO B 97 -22.49 65.43 -5.85
C PRO B 97 -22.88 66.88 -6.07
N ASP B 98 -23.50 67.49 -5.05
CA ASP B 98 -23.91 68.89 -5.12
C ASP B 98 -23.14 69.74 -4.11
N VAL B 99 -23.17 69.39 -2.83
CA VAL B 99 -22.39 70.04 -1.80
C VAL B 99 -21.76 68.96 -0.94
N THR B 100 -20.65 69.31 -0.28
CA THR B 100 -19.98 68.35 0.58
C THR B 100 -20.85 67.88 1.74
N PRO B 101 -21.46 68.78 2.56
CA PRO B 101 -22.33 68.27 3.62
C PRO B 101 -23.78 68.09 3.18
N CYS B 102 -24.27 66.86 3.23
CA CYS B 102 -25.69 66.57 3.04
C CYS B 102 -26.33 66.23 4.38
N PHE B 103 -27.57 66.70 4.57
CA PHE B 103 -28.33 66.42 5.78
C PHE B 103 -29.74 66.05 5.38
N CYS B 104 -29.96 64.76 5.14
CA CYS B 104 -31.28 64.24 4.76
C CYS B 104 -31.90 63.51 5.94
N THR B 105 -33.20 63.72 6.12
CA THR B 105 -33.92 63.23 7.28
C THR B 105 -34.91 62.15 6.84
N ILE B 106 -34.96 61.06 7.59
CA ILE B 106 -35.90 59.97 7.34
C ILE B 106 -36.79 59.81 8.56
N ASN B 107 -38.09 59.66 8.31
CA ASN B 107 -39.06 59.44 9.38
C ASN B 107 -39.45 57.97 9.41
N PHE B 108 -39.46 57.40 10.61
CA PHE B 108 -39.95 56.04 10.81
C PHE B 108 -40.60 55.96 12.18
N THR B 109 -41.56 55.05 12.32
CA THR B 109 -42.31 54.88 13.56
C THR B 109 -42.03 53.49 14.11
N LEU B 110 -41.98 53.38 15.43
CA LEU B 110 -41.86 52.10 16.11
C LEU B 110 -43.23 51.69 16.64
N GLU B 111 -43.82 50.67 16.04
CA GLU B 111 -45.13 50.20 16.49
C GLU B 111 -45.04 49.24 17.66
N LYS B 112 -43.86 48.72 17.97
CA LYS B 112 -43.64 47.86 19.13
C LYS B 112 -42.40 48.32 19.87
N SER B 113 -42.50 48.42 21.18
CA SER B 113 -41.43 48.97 22.00
C SER B 113 -40.24 48.01 22.07
N PHE B 114 -39.04 48.57 22.12
CA PHE B 114 -37.82 47.80 22.32
C PHE B 114 -37.51 47.76 23.82
N GLU B 115 -37.52 46.56 24.40
CA GLU B 115 -37.45 46.44 25.85
C GLU B 115 -36.02 46.58 26.37
N GLY B 116 -35.14 45.68 25.96
CA GLY B 116 -33.78 45.67 26.46
C GLY B 116 -32.90 46.70 25.77
N ASN B 117 -31.59 46.53 25.96
CA ASN B 117 -30.64 47.41 25.30
C ASN B 117 -30.62 47.18 23.79
N VAL B 118 -30.57 48.27 23.03
CA VAL B 118 -30.74 48.24 21.59
C VAL B 118 -29.39 48.47 20.93
N PHE B 119 -29.15 47.78 19.82
CA PHE B 119 -27.91 47.90 19.07
C PHE B 119 -28.19 48.57 17.72
N MET B 120 -27.27 49.43 17.30
CA MET B 120 -27.39 50.16 16.05
C MET B 120 -26.36 49.66 15.05
N TYR B 121 -26.82 49.23 13.89
CA TYR B 121 -25.96 48.74 12.83
C TYR B 121 -26.12 49.61 11.59
N TYR B 122 -25.09 49.60 10.75
CA TYR B 122 -25.19 50.11 9.39
C TYR B 122 -24.85 48.97 8.43
N GLY B 123 -25.69 48.80 7.41
CA GLY B 123 -25.54 47.70 6.48
C GLY B 123 -25.21 48.23 5.09
N LEU B 124 -24.46 47.44 4.33
CA LEU B 124 -24.07 47.77 2.97
C LEU B 124 -24.31 46.57 2.07
N SER B 125 -24.77 46.83 0.86
CA SER B 125 -25.02 45.78 -0.12
C SER B 125 -24.10 45.93 -1.31
N ASN B 126 -23.78 44.80 -1.94
CA ASN B 126 -22.87 44.72 -3.09
C ASN B 126 -21.51 45.32 -2.78
N PHE B 127 -21.12 45.33 -1.51
CA PHE B 127 -19.80 45.81 -1.10
C PHE B 127 -18.93 44.58 -0.86
N TYR B 128 -18.08 44.25 -1.83
CA TYR B 128 -17.27 43.04 -1.78
C TYR B 128 -16.04 43.30 -0.91
N GLN B 129 -16.25 43.20 0.39
CA GLN B 129 -15.16 43.31 1.36
C GLN B 129 -14.39 42.01 1.49
N ASN B 130 -14.85 40.93 0.86
CA ASN B 130 -14.14 39.66 0.86
C ASN B 130 -13.35 39.44 -0.42
N HIS B 131 -13.22 40.45 -1.27
CA HIS B 131 -12.43 40.34 -2.47
C HIS B 131 -10.97 40.05 -2.12
N ARG B 132 -10.30 39.24 -2.93
CA ARG B 132 -8.93 38.85 -2.62
C ARG B 132 -8.00 40.05 -2.56
N ARG B 133 -8.11 40.94 -3.55
CA ARG B 133 -7.25 42.11 -3.59
C ARG B 133 -7.57 43.08 -2.46
N TYR B 134 -8.81 43.04 -1.98
CA TYR B 134 -9.23 43.97 -0.93
C TYR B 134 -8.84 43.45 0.45
N VAL B 135 -8.96 42.15 0.67
CA VAL B 135 -8.74 41.59 2.01
C VAL B 135 -7.28 41.76 2.43
N LYS B 136 -6.35 41.46 1.53
CA LYS B 136 -4.93 41.57 1.85
C LYS B 136 -4.44 43.00 1.94
N SER B 137 -5.24 43.98 1.51
CA SER B 137 -4.81 45.36 1.44
C SER B 137 -4.75 45.97 2.84
N ARG B 138 -3.83 45.45 3.64
CA ARG B 138 -3.61 45.95 4.99
C ARG B 138 -2.24 45.52 5.44
N ASP B 139 -1.71 46.23 6.44
CA ASP B 139 -0.40 45.93 7.02
C ASP B 139 -0.59 45.74 8.52
N ASP B 140 -0.85 44.51 8.93
CA ASP B 140 -1.21 44.25 10.32
C ASP B 140 -0.03 44.46 11.26
N SER B 141 1.20 44.52 10.73
CA SER B 141 2.33 44.88 11.57
C SER B 141 2.34 46.37 11.86
N GLN B 142 1.96 47.18 10.87
CA GLN B 142 1.89 48.61 11.06
C GLN B 142 0.82 48.99 12.09
N LEU B 143 -0.35 48.35 12.00
CA LEU B 143 -1.46 48.66 12.89
C LEU B 143 -1.24 48.14 14.31
N ASN B 144 -0.25 47.28 14.52
CA ASN B 144 0.07 46.78 15.86
C ASN B 144 0.97 47.72 16.63
N GLY B 145 1.47 48.78 16.01
CA GLY B 145 2.34 49.72 16.70
C GLY B 145 3.81 49.43 16.53
N ASP B 146 4.25 49.09 15.33
CA ASP B 146 5.65 48.79 15.06
C ASP B 146 6.32 50.02 14.47
N SER B 147 7.39 50.49 15.13
CA SER B 147 8.02 51.74 14.72
C SER B 147 8.64 51.63 13.33
N SER B 148 9.30 50.50 13.05
CA SER B 148 9.93 50.33 11.76
C SER B 148 8.90 50.21 10.65
N ALA B 149 7.85 49.42 10.87
CA ALA B 149 6.81 49.25 9.86
C ALA B 149 6.00 50.52 9.63
N LEU B 150 5.90 51.38 10.64
CA LEU B 150 5.16 52.63 10.48
C LEU B 150 5.79 53.53 9.42
N LEU B 151 7.12 53.62 9.43
CA LEU B 151 7.79 54.49 8.47
C LEU B 151 7.71 53.94 7.05
N ASN B 152 7.87 52.64 6.90
CA ASN B 152 7.73 51.98 5.59
C ASN B 152 6.71 50.86 5.58
N PRO B 153 5.51 51.09 5.05
CA PRO B 153 4.48 50.06 5.04
C PRO B 153 4.81 48.96 4.04
N SER B 154 4.06 47.86 4.13
CA SER B 154 4.34 46.70 3.32
C SER B 154 3.84 46.89 1.89
N LYS B 155 4.18 45.95 1.03
CA LYS B 155 3.80 45.99 -0.38
C LYS B 155 2.41 45.46 -0.63
N GLU B 156 1.78 44.82 0.37
CA GLU B 156 0.42 44.33 0.19
C GLU B 156 -0.58 45.46 0.01
N CYS B 157 -0.30 46.63 0.60
CA CYS B 157 -1.18 47.79 0.50
C CYS B 157 -0.71 48.75 -0.60
N GLU B 158 -0.20 48.20 -1.69
CA GLU B 158 0.55 48.99 -2.68
C GLU B 158 -0.25 50.10 -3.35
N PRO B 159 -1.47 49.89 -3.86
CA PRO B 159 -2.16 51.00 -4.53
C PRO B 159 -2.43 52.18 -3.61
N TYR B 160 -2.43 51.96 -2.30
CA TYR B 160 -2.62 53.01 -1.30
C TYR B 160 -1.47 53.00 -0.31
N ARG B 161 -0.25 52.86 -0.82
CA ARG B 161 0.93 52.73 0.03
C ARG B 161 1.57 54.09 0.32
N ARG B 162 1.94 54.83 -0.73
CA ARG B 162 2.61 56.11 -0.60
C ARG B 162 1.80 57.20 -1.26
N ASN B 163 1.67 58.33 -0.58
CA ASN B 163 1.01 59.52 -1.10
C ASN B 163 1.94 60.72 -0.98
N GLU B 164 2.20 61.37 -2.11
CA GLU B 164 3.06 62.54 -2.18
C GLU B 164 4.43 62.24 -1.57
N ASP B 165 4.96 61.08 -1.91
CA ASP B 165 6.27 60.63 -1.43
C ASP B 165 6.31 60.63 0.10
N LYS B 166 5.23 60.15 0.71
CA LYS B 166 5.14 59.99 2.15
C LYS B 166 4.27 58.77 2.41
N PRO B 167 4.63 57.93 3.37
CA PRO B 167 3.80 56.76 3.69
C PRO B 167 2.47 57.18 4.28
N ILE B 168 1.48 56.31 4.10
CA ILE B 168 0.15 56.51 4.66
C ILE B 168 0.04 55.70 5.95
N ALA B 169 -0.39 56.36 7.03
CA ALA B 169 -0.34 55.72 8.34
C ALA B 169 -1.22 54.48 8.43
N PRO B 170 -2.52 54.52 8.11
CA PRO B 170 -3.24 53.26 7.87
C PRO B 170 -3.26 52.87 6.39
N CYS B 171 -2.19 52.28 5.86
CA CYS B 171 -2.17 51.99 4.43
C CYS B 171 -3.17 50.89 4.10
N GLY B 172 -3.61 50.87 2.85
CA GLY B 172 -4.46 49.80 2.38
C GLY B 172 -5.79 50.26 1.83
N ALA B 173 -6.44 49.39 1.06
CA ALA B 173 -7.75 49.71 0.54
C ALA B 173 -8.82 49.60 1.62
N ILE B 174 -8.57 48.80 2.67
CA ILE B 174 -9.57 48.63 3.72
C ILE B 174 -9.71 49.91 4.53
N ALA B 175 -8.60 50.52 4.90
CA ALA B 175 -8.67 51.76 5.68
C ALA B 175 -9.08 52.92 4.81
N ASN B 176 -8.73 52.88 3.53
CA ASN B 176 -9.01 54.00 2.64
C ASN B 176 -10.50 54.21 2.45
N SER B 177 -11.28 53.14 2.42
CA SER B 177 -12.71 53.21 2.12
C SER B 177 -13.56 53.14 3.38
N MET B 178 -13.11 53.73 4.47
CA MET B 178 -13.84 53.66 5.73
C MET B 178 -15.17 54.37 5.65
N PHE B 179 -16.19 53.81 6.30
CA PHE B 179 -17.52 54.40 6.38
C PHE B 179 -17.48 55.69 7.19
N ASN B 180 -17.97 56.79 6.60
CA ASN B 180 -17.75 58.11 7.19
C ASN B 180 -18.98 59.02 7.12
N ASP B 181 -20.18 58.48 7.24
CA ASP B 181 -21.35 59.32 7.37
C ASP B 181 -21.97 59.15 8.75
N THR B 182 -22.52 60.24 9.27
CA THR B 182 -23.01 60.25 10.64
C THR B 182 -24.52 60.03 10.67
N LEU B 183 -24.95 59.13 11.55
CA LEU B 183 -26.35 58.85 11.77
C LEU B 183 -26.73 59.31 13.18
N GLU B 184 -27.96 59.82 13.32
CA GLU B 184 -28.45 60.31 14.60
C GLU B 184 -29.90 59.91 14.79
N LEU B 185 -30.30 59.70 16.04
CA LEU B 185 -31.66 59.30 16.38
C LEU B 185 -32.36 60.40 17.15
N PHE B 186 -33.61 60.68 16.76
CA PHE B 186 -34.44 61.66 17.43
C PHE B 186 -35.82 61.06 17.67
N LEU B 187 -36.44 61.49 18.77
CA LEU B 187 -37.75 60.99 19.16
C LEU B 187 -38.73 62.15 19.24
N ILE B 188 -39.94 61.95 18.74
CA ILE B 188 -40.98 62.97 18.72
C ILE B 188 -42.05 62.59 19.74
N GLY B 189 -42.31 63.46 20.69
CA GLY B 189 -43.31 63.21 21.71
C GLY B 189 -44.63 63.88 21.41
N ASN B 190 -45.38 64.25 22.44
CA ASN B 190 -46.63 64.99 22.23
C ASN B 190 -46.27 66.27 21.53
N ASP B 191 -45.31 67.02 22.08
CA ASP B 191 -44.83 68.23 21.43
C ASP B 191 -44.09 67.86 20.15
N SER B 192 -44.02 68.81 19.22
CA SER B 192 -43.34 68.59 17.94
C SER B 192 -41.83 68.62 18.06
N TYR B 193 -41.28 68.97 19.22
CA TYR B 193 -39.83 69.06 19.37
C TYR B 193 -39.21 67.67 19.36
N PRO B 194 -38.05 67.51 18.72
CA PRO B 194 -37.37 66.22 18.73
C PRO B 194 -36.50 66.05 19.97
N ILE B 195 -36.51 64.84 20.50
CA ILE B 195 -35.71 64.48 21.67
C ILE B 195 -34.53 63.65 21.18
N PRO B 196 -33.30 64.13 21.31
CA PRO B 196 -32.15 63.33 20.86
C PRO B 196 -31.98 62.08 21.70
N ILE B 197 -31.48 61.02 21.06
CA ILE B 197 -31.21 59.76 21.73
C ILE B 197 -29.70 59.65 21.96
N ALA B 198 -29.32 59.31 23.19
CA ALA B 198 -27.90 59.15 23.52
C ALA B 198 -27.38 57.83 22.95
N LEU B 199 -26.41 57.92 22.05
CA LEU B 199 -25.79 56.75 21.42
C LEU B 199 -24.40 56.56 22.02
N LYS B 200 -24.17 55.39 22.59
CA LYS B 200 -22.87 55.08 23.17
C LYS B 200 -21.94 54.51 22.09
N LYS B 201 -20.64 54.70 22.30
CA LYS B 201 -19.65 54.36 21.29
C LYS B 201 -18.65 53.31 21.73
N LYS B 202 -18.45 53.15 23.03
CA LYS B 202 -17.47 52.20 23.53
C LYS B 202 -17.99 50.77 23.43
N GLY B 203 -17.06 49.83 23.29
CA GLY B 203 -17.40 48.42 23.37
C GLY B 203 -18.12 47.85 22.17
N ILE B 204 -17.95 48.46 20.99
CA ILE B 204 -18.58 47.92 19.80
C ILE B 204 -17.67 46.99 19.00
N ALA B 205 -16.36 47.03 19.25
CA ALA B 205 -15.41 46.14 18.61
C ALA B 205 -15.09 44.99 19.56
N TRP B 206 -14.43 43.97 19.02
CA TRP B 206 -13.97 42.87 19.86
C TRP B 206 -13.05 43.41 20.94
N TRP B 207 -13.11 42.81 22.13
CA TRP B 207 -12.23 43.27 23.20
C TRP B 207 -10.77 43.04 22.86
N THR B 208 -10.44 41.88 22.29
CA THR B 208 -9.04 41.50 22.15
C THR B 208 -8.33 42.32 21.09
N ASP B 209 -8.98 42.55 19.94
CA ASP B 209 -8.26 43.24 18.87
C ASP B 209 -8.07 44.72 19.19
N LYS B 210 -8.97 45.30 19.99
CA LYS B 210 -8.77 46.68 20.41
C LYS B 210 -7.63 46.80 21.43
N ASN B 211 -7.61 45.91 22.42
CA ASN B 211 -6.65 46.02 23.50
C ASN B 211 -5.35 45.26 23.25
N VAL B 212 -5.29 44.39 22.25
CA VAL B 212 -4.06 43.65 21.98
C VAL B 212 -3.60 43.84 20.54
N LYS B 213 -4.50 43.56 19.59
CA LYS B 213 -4.08 43.51 18.19
C LYS B 213 -3.84 44.91 17.62
N PHE B 214 -4.71 45.85 17.95
CA PHE B 214 -4.61 47.22 17.45
C PHE B 214 -4.00 48.10 18.54
N ARG B 215 -2.80 48.61 18.29
CA ARG B 215 -2.11 49.47 19.25
C ARG B 215 -1.52 50.67 18.52
N ASN B 216 -1.37 51.76 19.25
CA ASN B 216 -0.73 52.97 18.73
C ASN B 216 0.77 52.80 18.70
N PRO B 217 1.48 53.59 17.90
CA PRO B 217 2.93 53.52 17.88
C PRO B 217 3.50 53.80 19.26
N PRO B 218 4.64 53.18 19.59
CA PRO B 218 5.07 53.12 21.00
C PRO B 218 5.44 54.46 21.62
N GLY B 219 6.39 55.17 21.04
CA GLY B 219 6.99 56.31 21.72
C GLY B 219 6.18 57.57 21.52
N GLY B 220 6.00 58.34 22.59
CA GLY B 220 5.30 59.61 22.49
C GLY B 220 4.32 59.86 23.62
N ASP B 221 4.00 61.14 23.84
CA ASP B 221 3.00 61.51 24.84
C ASP B 221 1.66 61.85 24.18
N ASN B 222 1.70 62.47 23.00
CA ASN B 222 0.52 62.81 22.25
C ASN B 222 0.64 62.23 20.84
N LEU B 223 -0.50 61.82 20.28
CA LEU B 223 -0.47 60.99 19.08
C LEU B 223 0.12 61.74 17.89
N GLU B 224 -0.19 63.03 17.75
CA GLU B 224 0.22 63.76 16.56
C GLU B 224 1.73 63.75 16.37
N GLU B 225 2.50 63.59 17.45
CA GLU B 225 3.95 63.52 17.35
C GLU B 225 4.45 62.13 16.95
N ARG B 226 3.69 61.08 17.22
CA ARG B 226 4.13 59.74 16.87
C ARG B 226 4.06 59.51 15.36
N PHE B 227 3.14 60.17 14.68
CA PHE B 227 3.00 60.09 13.23
C PHE B 227 3.71 61.29 12.62
N LYS B 228 5.00 61.12 12.34
CA LYS B 228 5.80 62.22 11.81
C LYS B 228 5.87 62.22 10.29
N GLY B 229 6.40 61.15 9.72
CA GLY B 229 6.54 61.06 8.28
C GLY B 229 5.37 60.45 7.55
N THR B 230 4.26 60.19 8.26
CA THR B 230 3.12 59.48 7.71
C THR B 230 1.97 60.45 7.49
N THR B 231 1.31 60.35 6.34
CA THR B 231 0.16 61.18 6.04
C THR B 231 -1.14 60.42 6.29
N LYS B 232 -2.24 61.05 5.95
CA LYS B 232 -3.57 60.45 6.03
C LYS B 232 -3.89 59.72 4.75
N PRO B 233 -4.86 58.81 4.78
CA PRO B 233 -5.28 58.14 3.54
C PRO B 233 -5.86 59.14 2.54
N VAL B 234 -5.77 58.77 1.27
CA VAL B 234 -6.14 59.69 0.20
C VAL B 234 -7.61 60.06 0.28
N ASN B 235 -8.47 59.07 0.51
CA ASN B 235 -9.91 59.34 0.56
C ASN B 235 -10.36 59.94 1.88
N TRP B 236 -9.55 59.88 2.94
CA TRP B 236 -9.95 60.43 4.22
C TRP B 236 -9.93 61.95 4.16
N LEU B 237 -10.50 62.57 5.19
CA LEU B 237 -10.45 64.02 5.36
C LEU B 237 -9.52 64.43 6.47
N LYS B 238 -9.66 63.85 7.65
CA LYS B 238 -8.88 64.07 8.86
C LYS B 238 -7.88 62.95 9.06
N PRO B 239 -6.68 63.26 9.53
CA PRO B 239 -5.68 62.22 9.77
C PRO B 239 -6.13 61.26 10.87
N VAL B 240 -5.38 60.16 10.99
CA VAL B 240 -5.77 59.09 11.91
C VAL B 240 -5.65 59.53 13.36
N TYR B 241 -4.75 60.46 13.67
CA TYR B 241 -4.53 60.87 15.05
C TYR B 241 -5.51 61.94 15.52
N MET B 242 -6.61 62.16 14.81
CA MET B 242 -7.65 63.07 15.27
C MET B 242 -9.06 62.55 14.99
N LEU B 243 -9.25 61.24 14.94
CA LEU B 243 -10.58 60.69 14.71
C LEU B 243 -11.52 61.01 15.87
N ASP B 244 -11.04 60.90 17.11
CA ASP B 244 -11.87 61.09 18.27
C ASP B 244 -11.16 62.00 19.27
N SER B 245 -11.96 62.71 20.06
CA SER B 245 -11.43 63.59 21.10
C SER B 245 -10.84 62.81 22.27
N ASP B 246 -11.45 61.70 22.64
CA ASP B 246 -10.91 60.86 23.69
C ASP B 246 -9.58 60.25 23.24
N PRO B 247 -8.54 60.28 24.07
CA PRO B 247 -7.30 59.59 23.72
C PRO B 247 -7.46 58.07 23.64
N ASP B 248 -8.52 57.52 24.22
CA ASP B 248 -8.69 56.08 24.24
C ASP B 248 -9.22 55.55 22.91
N ASN B 249 -9.74 56.43 22.05
CA ASN B 249 -10.25 56.03 20.75
C ASN B 249 -9.66 56.90 19.64
N ASN B 250 -8.44 57.38 19.82
CA ASN B 250 -7.94 58.43 18.92
C ASN B 250 -7.32 57.86 17.66
N GLY B 251 -6.28 57.03 17.80
CA GLY B 251 -5.53 56.53 16.66
C GLY B 251 -5.33 55.02 16.77
N PHE B 252 -5.71 54.31 15.70
CA PHE B 252 -5.49 52.88 15.55
C PHE B 252 -6.26 52.07 16.58
N ILE B 253 -6.91 52.74 17.53
CA ILE B 253 -7.76 52.09 18.50
C ILE B 253 -9.17 52.69 18.49
N ASN B 254 -9.48 53.51 17.50
CA ASN B 254 -10.83 54.03 17.34
C ASN B 254 -11.78 52.87 17.09
N GLU B 255 -12.89 52.86 17.82
CA GLU B 255 -13.85 51.77 17.69
C GLU B 255 -14.42 51.69 16.30
N ASP B 256 -14.77 52.84 15.72
CA ASP B 256 -15.34 52.85 14.38
C ASP B 256 -14.31 52.40 13.34
N PHE B 257 -13.03 52.66 13.60
CA PHE B 257 -11.98 52.20 12.69
C PHE B 257 -11.74 50.70 12.82
N ILE B 258 -11.69 50.20 14.06
CA ILE B 258 -11.38 48.80 14.29
C ILE B 258 -12.49 47.92 13.74
N VAL B 259 -13.74 48.36 13.88
CA VAL B 259 -14.87 47.59 13.37
C VAL B 259 -14.78 47.45 11.85
N TRP B 260 -14.40 48.53 11.18
CA TRP B 260 -14.33 48.50 9.71
C TRP B 260 -13.23 47.57 9.21
N MET B 261 -12.17 47.39 9.98
CA MET B 261 -11.08 46.50 9.54
C MET B 261 -11.54 45.07 9.42
N ARG B 262 -12.38 44.62 10.35
CA ARG B 262 -12.86 43.24 10.32
C ARG B 262 -13.63 43.01 9.02
N THR B 263 -12.97 42.43 8.02
CA THR B 263 -13.56 42.32 6.70
C THR B 263 -14.77 41.39 6.72
N ALA B 264 -15.83 41.82 6.06
CA ALA B 264 -17.09 41.09 6.09
C ALA B 264 -17.00 39.79 5.31
N ALA B 265 -17.77 38.80 5.74
CA ALA B 265 -17.71 37.47 5.12
C ALA B 265 -18.39 37.46 3.77
N LEU B 266 -19.51 38.16 3.64
CA LEU B 266 -20.34 38.16 2.46
C LEU B 266 -20.45 39.56 1.87
N PRO B 267 -20.87 39.67 0.60
CA PRO B 267 -21.03 41.01 0.03
C PRO B 267 -22.05 41.88 0.75
N THR B 268 -23.11 41.28 1.29
CA THR B 268 -24.11 42.02 2.07
C THR B 268 -23.83 41.81 3.55
N PHE B 269 -23.53 42.88 4.27
CA PHE B 269 -23.09 42.76 5.64
C PHE B 269 -23.63 43.91 6.49
N ARG B 270 -23.55 43.72 7.80
CA ARG B 270 -23.96 44.71 8.79
C ARG B 270 -22.88 44.83 9.84
N LYS B 271 -22.51 46.06 10.17
CA LYS B 271 -21.44 46.33 11.13
C LYS B 271 -21.97 47.22 12.25
N LEU B 272 -21.45 47.00 13.46
CA LEU B 272 -21.95 47.70 14.64
C LEU B 272 -21.51 49.15 14.63
N TYR B 273 -22.48 50.07 14.63
CA TYR B 273 -22.18 51.50 14.58
C TYR B 273 -22.16 52.11 15.98
N ARG B 274 -23.29 52.05 16.68
CA ARG B 274 -23.41 52.56 18.03
C ARG B 274 -24.19 51.57 18.88
N LEU B 275 -24.54 51.96 20.10
CA LEU B 275 -25.42 51.14 20.92
C LEU B 275 -26.11 52.05 21.94
N ILE B 276 -27.42 51.90 22.05
CA ILE B 276 -28.22 52.69 22.97
C ILE B 276 -28.46 51.81 24.20
N GLU B 277 -27.82 52.19 25.31
CA GLU B 277 -27.90 51.36 26.51
C GLU B 277 -29.25 51.51 27.19
N ARG B 278 -29.65 50.46 27.90
CA ARG B 278 -30.92 50.48 28.63
C ARG B 278 -30.84 51.46 29.80
N LYS B 279 -31.96 52.13 30.05
CA LYS B 279 -32.01 53.14 31.10
C LYS B 279 -32.28 52.48 32.46
N SER B 280 -31.92 53.20 33.51
CA SER B 280 -32.14 52.69 34.87
C SER B 280 -33.63 52.60 35.18
N ASP B 281 -34.41 53.58 34.72
CA ASP B 281 -35.83 53.60 35.01
C ASP B 281 -36.58 52.56 34.19
N LEU B 282 -37.86 52.36 34.54
CA LEU B 282 -38.66 51.33 33.89
C LEU B 282 -39.03 51.70 32.46
N HIS B 283 -38.82 52.95 32.05
CA HIS B 283 -39.15 53.36 30.70
C HIS B 283 -38.30 52.61 29.69
N PRO B 284 -38.88 52.10 28.62
CA PRO B 284 -38.09 51.31 27.65
C PRO B 284 -37.06 52.15 26.93
N THR B 285 -36.07 51.48 26.37
CA THR B 285 -34.98 52.16 25.68
C THR B 285 -35.49 52.95 24.47
N LEU B 286 -36.36 52.34 23.67
CA LEU B 286 -37.01 53.00 22.55
C LEU B 286 -38.51 52.84 22.67
N PRO B 287 -39.21 53.78 23.29
CA PRO B 287 -40.67 53.67 23.41
C PRO B 287 -41.34 53.77 22.05
N ALA B 288 -42.48 53.11 21.93
CA ALA B 288 -43.23 53.09 20.68
C ALA B 288 -43.67 54.50 20.30
N GLY B 289 -43.22 54.94 19.14
CA GLY B 289 -43.54 56.29 18.68
C GLY B 289 -42.84 56.58 17.37
N ARG B 290 -42.91 57.86 16.98
CA ARG B 290 -42.29 58.30 15.75
C ARG B 290 -40.85 58.72 16.00
N TYR B 291 -40.00 58.52 15.01
CA TYR B 291 -38.58 58.80 15.12
C TYR B 291 -38.08 59.49 13.86
N SER B 292 -36.93 60.15 14.02
CA SER B 292 -36.30 60.82 12.90
C SER B 292 -34.87 60.32 12.78
N LEU B 293 -34.38 60.15 11.57
CA LEU B 293 -33.02 59.68 11.29
C LEU B 293 -32.26 60.82 10.63
N ASN B 294 -31.31 61.39 11.35
CA ASN B 294 -30.51 62.51 10.86
C ASN B 294 -29.24 61.96 10.24
N VAL B 295 -29.15 62.01 8.92
CA VAL B 295 -28.06 61.37 8.17
C VAL B 295 -27.18 62.46 7.58
N THR B 296 -25.88 62.39 7.87
CA THR B 296 -24.89 63.26 7.25
C THR B 296 -24.28 62.50 6.07
N TYR B 297 -25.07 62.41 5.00
CA TYR B 297 -24.74 61.59 3.84
C TYR B 297 -23.36 61.91 3.27
N ASN B 298 -22.42 60.97 3.39
CA ASN B 298 -21.06 61.16 2.90
C ASN B 298 -20.51 59.99 2.10
N TYR B 299 -21.04 58.79 2.26
CA TYR B 299 -20.45 57.60 1.65
C TYR B 299 -21.12 57.31 0.32
N PRO B 300 -20.44 57.45 -0.80
CA PRO B 300 -21.08 57.22 -2.10
C PRO B 300 -21.08 55.77 -2.53
N VAL B 301 -22.24 55.13 -2.60
CA VAL B 301 -22.34 53.74 -2.99
C VAL B 301 -23.15 53.53 -4.26
N HIS B 302 -23.81 54.56 -4.78
CA HIS B 302 -24.60 54.38 -6.00
C HIS B 302 -23.74 54.12 -7.22
N TYR B 303 -22.42 54.33 -7.11
CA TYR B 303 -21.53 54.07 -8.23
C TYR B 303 -21.49 52.58 -8.58
N PHE B 304 -21.41 51.72 -7.56
CA PHE B 304 -21.39 50.28 -7.78
C PHE B 304 -22.74 49.63 -7.46
N ASP B 305 -23.82 50.42 -7.50
CA ASP B 305 -25.18 49.91 -7.29
C ASP B 305 -25.34 49.29 -5.91
N GLY B 306 -24.63 49.84 -4.93
CA GLY B 306 -24.74 49.39 -3.56
C GLY B 306 -25.90 50.05 -2.84
N ARG B 307 -26.14 49.58 -1.62
CA ARG B 307 -27.25 50.07 -0.80
C ARG B 307 -26.78 50.29 0.63
N LYS B 308 -27.34 51.30 1.27
CA LYS B 308 -27.00 51.65 2.64
C LYS B 308 -28.24 51.51 3.52
N ARG B 309 -28.08 50.89 4.68
CA ARG B 309 -29.19 50.64 5.59
C ARG B 309 -28.79 50.98 7.02
N MET B 310 -29.80 51.31 7.82
CA MET B 310 -29.62 51.52 9.25
C MET B 310 -30.54 50.54 9.97
N ILE B 311 -30.02 49.85 10.97
CA ILE B 311 -30.72 48.76 11.62
C ILE B 311 -30.68 48.97 13.13
N LEU B 312 -31.85 48.90 13.76
CA LEU B 312 -31.97 48.91 15.22
C LEU B 312 -32.47 47.54 15.65
N SER B 313 -31.71 46.86 16.50
CA SER B 313 -32.02 45.49 16.86
C SER B 313 -31.82 45.29 18.36
N THR B 314 -32.56 44.35 18.92
CA THR B 314 -32.37 43.90 20.29
C THR B 314 -31.80 42.50 20.27
N ILE B 315 -30.72 42.29 21.02
CA ILE B 315 -29.98 41.03 21.00
C ILE B 315 -30.43 40.15 22.16
N SER B 316 -30.82 38.92 21.84
CA SER B 316 -31.17 37.92 22.83
C SER B 316 -29.92 37.13 23.22
N TRP B 317 -30.10 36.02 23.93
CA TRP B 317 -28.95 35.24 24.36
C TRP B 317 -28.27 34.56 23.19
N MET B 318 -28.98 34.34 22.09
CA MET B 318 -28.41 33.68 20.92
C MET B 318 -27.86 34.64 19.89
N GLY B 319 -28.20 35.94 19.97
CA GLY B 319 -27.73 36.93 19.03
C GLY B 319 -28.88 37.73 18.45
N GLY B 320 -28.90 37.84 17.13
CA GLY B 320 -29.90 38.63 16.43
C GLY B 320 -31.13 37.84 16.07
N LYS B 321 -31.86 38.34 15.07
CA LYS B 321 -33.10 37.73 14.61
C LYS B 321 -32.78 36.86 13.40
N ASN B 322 -32.73 35.55 13.62
CA ASN B 322 -32.46 34.59 12.55
C ASN B 322 -33.36 33.38 12.74
N PRO B 323 -34.27 33.11 11.80
CA PRO B 323 -35.13 31.93 11.89
C PRO B 323 -34.48 30.64 11.42
N PHE B 324 -33.24 30.69 10.92
CA PHE B 324 -32.60 29.50 10.37
C PHE B 324 -32.43 28.42 11.45
N LEU B 325 -31.85 28.80 12.59
CA LEU B 325 -31.59 27.80 13.62
C LEU B 325 -32.88 27.19 14.16
N GLY B 326 -33.90 28.01 14.37
CA GLY B 326 -35.16 27.47 14.87
C GLY B 326 -35.81 26.52 13.88
N ILE B 327 -35.88 26.92 12.62
CA ILE B 327 -36.54 26.09 11.61
C ILE B 327 -35.75 24.81 11.36
N ALA B 328 -34.42 24.91 11.40
CA ALA B 328 -33.59 23.76 11.05
C ALA B 328 -33.73 22.63 12.07
N TYR B 329 -33.74 22.97 13.37
CA TYR B 329 -33.96 21.95 14.39
C TYR B 329 -35.33 21.29 14.27
N ILE B 330 -36.38 22.07 14.02
CA ILE B 330 -37.69 21.45 13.79
C ILE B 330 -37.66 20.56 12.56
N ALA B 331 -37.01 21.02 11.49
CA ALA B 331 -36.88 20.20 10.29
C ALA B 331 -36.06 18.94 10.56
N VAL B 332 -34.93 19.09 11.24
CA VAL B 332 -34.10 17.94 11.56
C VAL B 332 -34.76 17.10 12.65
N GLY B 333 -35.30 17.75 13.68
CA GLY B 333 -35.91 17.02 14.78
C GLY B 333 -37.10 16.19 14.35
N SER B 334 -37.95 16.76 13.48
CA SER B 334 -39.15 16.04 13.06
C SER B 334 -38.81 14.93 12.08
N ILE B 335 -37.89 15.18 11.15
CA ILE B 335 -37.56 14.16 10.16
C ILE B 335 -36.92 12.96 10.84
N SER B 336 -36.19 13.19 11.93
CA SER B 336 -35.63 12.06 12.68
C SER B 336 -36.71 11.31 13.44
N PHE B 337 -37.67 12.05 14.02
CA PHE B 337 -38.76 11.40 14.72
C PHE B 337 -39.74 10.75 13.75
N LEU B 338 -40.10 11.45 12.67
CA LEU B 338 -41.01 10.89 11.69
C LEU B 338 -40.42 9.64 11.04
N LEU B 339 -39.14 9.71 10.65
CA LEU B 339 -38.50 8.54 10.08
C LEU B 339 -38.33 7.44 11.12
N GLY B 340 -38.00 7.81 12.35
CA GLY B 340 -37.82 6.81 13.40
C GLY B 340 -39.09 6.05 13.69
N VAL B 341 -40.23 6.75 13.68
CA VAL B 341 -41.51 6.09 13.88
C VAL B 341 -41.81 5.13 12.73
N VAL B 342 -41.63 5.61 11.50
CA VAL B 342 -41.99 4.80 10.33
C VAL B 342 -41.14 3.53 10.28
N LEU B 343 -39.84 3.66 10.51
CA LEU B 343 -38.99 2.48 10.56
C LEU B 343 -39.41 1.56 11.70
N LEU B 344 -39.79 2.13 12.84
CA LEU B 344 -40.32 1.31 13.93
C LEU B 344 -41.61 0.63 13.51
N VAL B 345 -42.47 1.34 12.77
CA VAL B 345 -43.69 0.74 12.25
C VAL B 345 -43.36 -0.39 11.28
N ILE B 346 -42.44 -0.16 10.35
CA ILE B 346 -42.04 -1.20 9.41
C ILE B 346 -41.36 -2.34 10.15
N ASN B 347 -40.51 -2.02 11.13
CA ASN B 347 -39.85 -3.06 11.90
C ASN B 347 -40.86 -3.88 12.70
N HIS B 348 -41.88 -3.24 13.27
CA HIS B 348 -42.84 -3.95 14.11
C HIS B 348 -43.65 -4.94 13.28
N LYS B 349 -44.39 -4.44 12.28
CA LYS B 349 -45.25 -5.32 11.49
C LYS B 349 -44.43 -6.25 10.60
N TYR B 350 -43.27 -5.79 10.13
CA TYR B 350 -42.43 -6.59 9.25
C TYR B 350 -41.04 -6.79 9.85
C1 NAG C . -15.86 59.34 2.88
C2 NAG C . -15.41 60.58 2.13
C3 NAG C . -15.71 60.33 0.65
C4 NAG C . -14.95 59.10 0.20
C5 NAG C . -15.25 57.88 1.07
C6 NAG C . -14.25 56.79 0.75
C7 NAG C . -15.72 62.39 3.73
C8 NAG C . -14.24 62.50 3.93
N2 NAG C . -16.10 61.76 2.62
O3 NAG C . -15.45 61.46 -0.21
O4 NAG C . -15.31 58.78 -1.14
O5 NAG C . -15.12 58.20 2.44
O6 NAG C . -13.65 57.05 -0.51
O7 NAG C . -16.51 62.85 4.53
C1 NAG C . -14.12 62.07 -0.44
C2 NAG C . -13.74 62.25 -1.89
C3 NAG C . -12.27 62.62 -2.02
C4 NAG C . -11.71 63.48 -0.88
C5 NAG C . -12.46 63.39 0.45
C6 NAG C . -12.19 64.62 1.30
C7 NAG C . -14.95 60.97 -3.57
C8 NAG C . -14.62 60.11 -4.76
N2 NAG C . -14.01 61.03 -2.64
O3 NAG C . -12.06 63.35 -3.24
O4 NAG C . -10.35 63.08 -0.63
O5 NAG C . -13.87 63.28 0.25
O6 NAG C . -10.84 64.59 1.77
O7 NAG C . -16.02 61.55 -3.47
C1 MAN C . -11.15 62.69 -4.18
C2 MAN C . -10.02 63.64 -4.57
C3 MAN C . -9.57 63.41 -6.02
C4 MAN C . -10.74 63.61 -6.97
C5 MAN C . -12.06 63.26 -6.30
C6 MAN C . -13.09 62.80 -7.31
O2 MAN C . -8.91 63.43 -3.68
O3 MAN C . -9.05 62.08 -6.18
O4 MAN C . -10.77 64.98 -7.40
O5 MAN C . -11.84 62.22 -5.34
O6 MAN C . -13.90 63.92 -7.70
MG MG D . 8.29 -29.91 -7.30
AL ALF E . 6.06 -30.40 -10.18
F1 ALF E . 6.83 -29.97 -8.61
F2 ALF E . 5.29 -30.82 -11.75
F3 ALF E . 6.05 -32.15 -9.73
F4 ALF E . 6.08 -28.67 -10.65
C7 17F F . 2.13 36.41 3.00
C8 17F F . 2.08 36.31 4.52
C9 17F F . 1.31 35.07 4.92
C10 17F F . 1.82 34.54 6.26
C11 17F F . 3.10 33.74 6.08
C12 17F F . 2.79 32.34 5.53
C1X 17F F . 3.70 31.29 6.16
C2X 17F F . 3.11 30.73 7.44
C21 17F F . 1.66 30.36 7.22
C22 17F F . 1.25 29.10 7.33
C23 17F F . 2.22 28.00 7.65
C24 17F F . 1.73 27.26 8.89
C25 17F F . 2.90 26.68 9.68
C26 17F F . 2.64 25.24 10.06
C27 17F F . 1.74 25.17 11.30
C28 17F F . 2.53 25.50 12.56
C1 NAG G . -30.33 67.25 11.93
C2 NAG G . -31.10 67.63 10.65
C3 NAG G . -32.55 68.05 10.88
C4 NAG G . -32.93 67.99 12.35
C5 NAG G . -31.87 68.76 13.11
C6 NAG G . -32.30 69.03 14.54
C7 NAG G . -29.76 69.69 10.47
C8 NAG G . -28.27 69.69 10.36
N2 NAG G . -30.37 68.64 9.90
O3 NAG G . -33.42 67.18 10.13
O4 NAG G . -34.21 68.58 12.55
O5 NAG G . -30.63 68.04 13.09
O6 NAG G . -31.48 70.04 15.13
O7 NAG G . -30.37 70.59 11.02
C1 NAG H . -40.65 63.43 7.09
C2 NAG H . -41.41 64.45 7.94
C3 NAG H . -40.70 65.80 7.95
C4 NAG H . -40.15 66.15 6.58
C5 NAG H . -39.29 65.03 6.01
C6 NAG H . -37.86 65.49 5.77
C7 NAG H . -43.61 63.55 7.56
C8 NAG H . -44.18 62.99 6.30
N2 NAG H . -42.75 64.55 7.41
O3 NAG H . -39.62 65.74 8.90
O5 NAG H . -39.30 63.88 6.86
O6 NAG H . -37.24 64.63 4.81
O7 NAG H . -43.91 63.11 8.66
#